data_9D2A
#
_entry.id   9D2A
#
_cell.length_a   274.483
_cell.length_b   90.769
_cell.length_c   193.942
_cell.angle_alpha   90.000
_cell.angle_beta   134.790
_cell.angle_gamma   90.000
#
_symmetry.space_group_name_H-M   'C 1 2 1'
#
loop_
_entity.id
_entity.type
_entity.pdbx_description
1 polymer 'Sabinene synthase'
2 non-polymer 1,2-ETHANEDIOL
3 non-polymer 'COBALT (II) ION'
4 water water
#
_entity_poly.entity_id   1
_entity_poly.type   'polypeptide(L)'
_entity_poly.pdbx_seq_one_letter_code
;ETPTRRTGNHHPNLWDDGLIGTIQEQPYDDSHCMERAERLIGEIKDMFNESGKFCGENAFERLVMVDKVQRLAIDRHFQN
EIAQALDYVYRYWSDCSRDLNSAALGLRILRLNRYPVSSDVLRHFKGNDGQFLCPSAQSEEEKIGSILNLYRASLIAFPE
ENIMDEAKAFATTYLNQVLQNNNISSHLSKEIKYNLEYGWHTNLPRVEARNYMDIYGENRSWTEMGGNMQILNLAKLDFN
IMQSVHRLELESILKWWKDSNLDKVDFARHRHVEYFALACAYCIDAKYYAYRRDFAKLCALATIVDDIYDTYGTIEEIKL
FNEAVKMWDSSLPNSLPENIKIAYKAFHMAVNESAEAAKKTQGRDILPYARKVWEHYLIGLTKEAEWLANGYIPSLEEYL
ENGAPSSGYRVTMLQPTLTLDALLPDNILLEMDYPSRFNELLCLSLRLKGDTRTFKAEANRGELVSGISCYIKDHPGSSE
EEALDYLKDLLQKRLKELDQEYLKPNNVPAISKDHAYNIARSYQLLYKERDGFTNSNKDIKDLVTQILLEPIPL
;
_entity_poly.pdbx_strand_id   C,D,A,B
#
# COMPACT_ATOMS: atom_id res chain seq x y z
N GLN A 26 63.21 -43.61 -7.62
CA GLN A 26 63.77 -44.79 -8.29
C GLN A 26 62.76 -45.95 -8.46
N PRO A 27 62.14 -46.43 -7.38
CA PRO A 27 61.23 -47.59 -7.53
C PRO A 27 59.88 -47.24 -8.11
N TYR A 28 59.43 -45.99 -7.97
CA TYR A 28 58.19 -45.51 -8.55
C TYR A 28 58.52 -44.49 -9.62
N ASP A 29 57.94 -44.68 -10.81
CA ASP A 29 58.08 -43.75 -11.91
C ASP A 29 57.04 -42.64 -11.82
N ASP A 30 57.34 -41.52 -12.48
CA ASP A 30 56.33 -40.50 -12.69
C ASP A 30 55.20 -41.06 -13.55
N SER A 31 53.97 -40.77 -13.15
CA SER A 31 52.83 -41.19 -13.94
C SER A 31 52.74 -40.38 -15.24
N HIS A 32 51.86 -40.83 -16.13
CA HIS A 32 51.68 -40.13 -17.39
C HIS A 32 51.19 -38.70 -17.17
N CYS A 33 50.28 -38.53 -16.22
CA CYS A 33 49.70 -37.18 -15.99
C CYS A 33 50.77 -36.26 -15.38
N MET A 34 51.63 -36.80 -14.51
CA MET A 34 52.66 -35.96 -13.90
C MET A 34 53.56 -35.38 -14.98
N GLU A 35 54.05 -36.26 -15.86
CA GLU A 35 54.91 -35.84 -16.96
C GLU A 35 54.22 -34.80 -17.83
N ARG A 36 52.94 -35.02 -18.13
CA ARG A 36 52.22 -34.04 -18.91
C ARG A 36 52.13 -32.71 -18.16
N ALA A 37 51.73 -32.76 -16.89
CA ALA A 37 51.66 -31.56 -16.06
C ALA A 37 53.02 -30.84 -16.03
N GLU A 38 54.11 -31.59 -15.77
CA GLU A 38 55.42 -30.94 -15.69
C GLU A 38 55.81 -30.30 -17.00
N ARG A 39 55.42 -30.91 -18.14
CA ARG A 39 55.67 -30.26 -19.42
C ARG A 39 54.87 -28.97 -19.53
N LEU A 40 53.58 -29.02 -19.16
CA LEU A 40 52.76 -27.81 -19.23
C LEU A 40 53.26 -26.73 -18.29
N ILE A 41 53.74 -27.10 -17.10
CA ILE A 41 54.33 -26.10 -16.21
C ILE A 41 55.47 -25.38 -16.93
N GLY A 42 56.32 -26.15 -17.60
CA GLY A 42 57.43 -25.53 -18.31
C GLY A 42 56.99 -24.60 -19.41
N GLU A 43 56.04 -25.03 -20.25
CA GLU A 43 55.56 -24.15 -21.31
C GLU A 43 54.94 -22.87 -20.74
N ILE A 44 54.30 -22.96 -19.58
CA ILE A 44 53.62 -21.77 -19.08
C ILE A 44 54.64 -20.81 -18.46
N LYS A 45 55.69 -21.31 -17.82
CA LYS A 45 56.76 -20.44 -17.37
C LYS A 45 57.33 -19.64 -18.53
N ASP A 46 57.51 -20.29 -19.69
CA ASP A 46 57.96 -19.58 -20.89
C ASP A 46 56.98 -18.50 -21.29
N MET A 47 55.67 -18.80 -21.22
CA MET A 47 54.68 -17.75 -21.48
C MET A 47 54.87 -16.58 -20.56
N PHE A 48 55.21 -16.83 -19.28
CA PHE A 48 55.46 -15.73 -18.35
C PHE A 48 56.73 -14.98 -18.73
N ASN A 49 57.77 -15.70 -19.11
CA ASN A 49 59.06 -15.10 -19.45
C ASN A 49 58.99 -14.39 -20.80
N GLU A 50 58.42 -15.03 -21.82
CA GLU A 50 58.22 -14.34 -23.09
C GLU A 50 57.44 -13.05 -22.89
N SER A 51 56.41 -13.10 -22.05
CA SER A 51 55.61 -11.87 -21.78
C SER A 51 56.51 -10.80 -21.18
N GLY A 52 57.47 -11.20 -20.37
CA GLY A 52 58.37 -10.24 -19.70
C GLY A 52 59.44 -9.77 -20.65
N LYS A 53 59.48 -10.33 -21.86
CA LYS A 53 60.47 -9.88 -22.87
C LYS A 53 59.81 -8.83 -23.75
N PHE A 54 58.49 -8.79 -23.75
CA PHE A 54 57.78 -7.74 -24.53
C PHE A 54 58.39 -6.38 -24.20
N CYS A 55 58.88 -5.71 -25.24
CA CYS A 55 59.37 -4.33 -25.04
C CYS A 55 58.13 -3.45 -25.04
N GLY A 56 57.81 -2.86 -23.90
CA GLY A 56 56.59 -2.06 -23.81
C GLY A 56 55.83 -2.35 -22.56
N GLU A 57 54.85 -1.51 -22.24
CA GLU A 57 54.04 -1.72 -21.02
C GLU A 57 52.97 -2.76 -21.31
N ASN A 58 53.20 -3.99 -20.87
CA ASN A 58 52.13 -5.02 -20.98
C ASN A 58 51.65 -5.39 -19.57
N ALA A 59 51.43 -4.41 -18.70
CA ALA A 59 51.07 -4.75 -17.32
C ALA A 59 49.79 -5.58 -17.28
N PHE A 60 48.81 -5.20 -18.10
CA PHE A 60 47.54 -5.91 -18.05
C PHE A 60 47.69 -7.35 -18.52
N GLU A 61 48.44 -7.57 -19.61
CA GLU A 61 48.64 -8.91 -20.14
C GLU A 61 49.22 -9.83 -19.08
N ARG A 62 50.16 -9.33 -18.31
CA ARG A 62 50.80 -10.19 -17.32
C ARG A 62 49.89 -10.38 -16.10
N LEU A 63 49.12 -9.35 -15.77
CA LEU A 63 48.14 -9.46 -14.70
C LEU A 63 47.15 -10.57 -14.99
N VAL A 64 46.54 -10.53 -16.17
CA VAL A 64 45.54 -11.48 -16.61
C VAL A 64 46.07 -12.91 -16.63
N MET A 65 47.35 -13.09 -16.97
CA MET A 65 47.93 -14.43 -16.89
C MET A 65 48.05 -14.90 -15.45
N VAL A 66 48.49 -14.02 -14.54
CA VAL A 66 48.48 -14.35 -13.12
C VAL A 66 47.08 -14.74 -12.67
N ASP A 67 46.09 -13.90 -13.00
CA ASP A 67 44.70 -14.17 -12.68
C ASP A 67 44.30 -15.62 -12.99
N LYS A 68 44.54 -16.04 -14.23
CA LYS A 68 44.13 -17.37 -14.68
C LYS A 68 44.79 -18.46 -13.85
N VAL A 69 46.11 -18.39 -13.68
CA VAL A 69 46.73 -19.48 -12.93
C VAL A 69 46.36 -19.41 -11.45
N GLN A 70 45.94 -18.24 -10.95
CA GLN A 70 45.55 -18.18 -9.55
C GLN A 70 44.13 -18.70 -9.34
N ARG A 71 43.19 -18.27 -10.17
CA ARG A 71 41.81 -18.75 -10.02
C ARG A 71 41.76 -20.26 -10.13
N LEU A 72 42.59 -20.84 -11.01
CA LEU A 72 42.67 -22.29 -11.19
C LEU A 72 43.55 -22.97 -10.15
N ALA A 73 44.03 -22.24 -9.14
CA ALA A 73 44.81 -22.79 -8.04
C ALA A 73 45.99 -23.64 -8.50
N ILE A 74 46.62 -23.26 -9.62
CA ILE A 74 47.89 -23.85 -9.98
C ILE A 74 49.03 -22.87 -9.79
N ASP A 75 48.79 -21.77 -9.06
CA ASP A 75 49.77 -20.71 -8.93
C ASP A 75 50.98 -21.12 -8.11
N ARG A 76 50.92 -22.23 -7.36
CA ARG A 76 52.06 -22.63 -6.53
C ARG A 76 53.21 -23.15 -7.38
N HIS A 77 52.96 -23.45 -8.65
CA HIS A 77 53.99 -23.86 -9.58
C HIS A 77 54.70 -22.68 -10.23
N PHE A 78 54.25 -21.46 -9.99
CA PHE A 78 54.75 -20.28 -10.69
C PHE A 78 55.05 -19.14 -9.72
N GLN A 79 55.65 -19.42 -8.57
CA GLN A 79 55.83 -18.36 -7.59
C GLN A 79 56.82 -17.31 -8.07
N ASN A 80 57.92 -17.72 -8.71
CA ASN A 80 58.89 -16.76 -9.20
C ASN A 80 58.29 -15.90 -10.30
N GLU A 81 57.60 -16.55 -11.24
CA GLU A 81 57.03 -15.83 -12.38
C GLU A 81 55.91 -14.89 -11.96
N ILE A 82 55.15 -15.23 -10.93
CA ILE A 82 54.09 -14.36 -10.44
C ILE A 82 54.69 -13.17 -9.70
N ALA A 83 55.69 -13.42 -8.85
CA ALA A 83 56.40 -12.35 -8.17
C ALA A 83 56.96 -11.34 -9.16
N GLN A 84 57.61 -11.83 -10.23
CA GLN A 84 58.10 -10.93 -11.27
C GLN A 84 56.97 -10.16 -11.93
N ALA A 85 55.90 -10.88 -12.31
CA ALA A 85 54.80 -10.23 -13.02
C ALA A 85 54.09 -9.20 -12.14
N LEU A 86 53.83 -9.53 -10.87
CA LEU A 86 53.13 -8.56 -10.03
C LEU A 86 54.05 -7.41 -9.61
N ASP A 87 55.35 -7.66 -9.42
CA ASP A 87 56.30 -6.56 -9.23
C ASP A 87 56.20 -5.56 -10.37
N TYR A 88 56.15 -6.06 -11.60
CA TYR A 88 56.03 -5.22 -12.77
C TYR A 88 54.68 -4.52 -12.82
N VAL A 89 53.60 -5.25 -12.55
CA VAL A 89 52.28 -4.63 -12.54
C VAL A 89 52.22 -3.52 -11.49
N TYR A 90 52.84 -3.75 -10.33
CA TYR A 90 52.83 -2.76 -9.25
C TYR A 90 53.58 -1.49 -9.65
N ARG A 91 54.80 -1.65 -10.18
CA ARG A 91 55.56 -0.55 -10.76
C ARG A 91 54.69 0.33 -11.65
N TYR A 92 53.93 -0.30 -12.56
CA TYR A 92 53.13 0.39 -13.55
C TYR A 92 51.67 0.53 -13.13
N TRP A 93 51.40 0.52 -11.84
CA TRP A 93 50.02 0.43 -11.36
C TRP A 93 49.17 1.59 -11.89
N SER A 94 49.75 2.79 -11.99
CA SER A 94 49.00 3.93 -12.53
C SER A 94 48.69 3.77 -14.01
N ASP A 95 49.55 3.07 -14.76
CA ASP A 95 49.28 2.82 -16.17
C ASP A 95 48.39 1.61 -16.36
N CYS A 96 48.47 0.64 -15.45
CA CYS A 96 47.66 -0.56 -15.58
C CYS A 96 46.22 -0.33 -15.16
N SER A 97 45.98 0.56 -14.20
CA SER A 97 44.60 0.77 -13.69
C SER A 97 43.84 1.75 -14.58
N ARG A 98 43.81 1.49 -15.89
CA ARG A 98 43.21 2.45 -16.83
C ARG A 98 41.69 2.34 -16.93
N ASP A 99 41.08 1.21 -16.54
CA ASP A 99 39.63 1.12 -16.57
C ASP A 99 39.14 0.33 -15.37
N LEU A 100 37.81 0.27 -15.24
CA LEU A 100 37.20 -0.40 -14.10
C LEU A 100 37.70 -1.83 -13.97
N ASN A 101 37.75 -2.56 -15.08
CA ASN A 101 38.15 -3.96 -15.06
C ASN A 101 39.55 -4.14 -14.48
N SER A 102 40.54 -3.48 -15.08
CA SER A 102 41.94 -3.69 -14.67
C SER A 102 42.22 -3.08 -13.31
N ALA A 103 41.58 -1.96 -13.00
CA ALA A 103 41.71 -1.40 -11.66
C ALA A 103 41.21 -2.38 -10.62
N ALA A 104 40.00 -2.92 -10.82
CA ALA A 104 39.45 -3.89 -9.87
C ALA A 104 40.26 -5.18 -9.86
N LEU A 105 40.66 -5.65 -11.04
CA LEU A 105 41.44 -6.88 -11.11
C LEU A 105 42.77 -6.73 -10.41
N GLY A 106 43.51 -5.66 -10.71
CA GLY A 106 44.78 -5.44 -10.05
C GLY A 106 44.66 -5.10 -8.58
N LEU A 107 43.60 -4.39 -8.20
CA LEU A 107 43.41 -4.06 -6.80
C LEU A 107 43.31 -5.32 -5.94
N ARG A 108 42.51 -6.29 -6.39
CA ARG A 108 42.34 -7.52 -5.62
C ARG A 108 43.61 -8.34 -5.62
N ILE A 109 44.20 -8.56 -6.79
CA ILE A 109 45.36 -9.45 -6.89
C ILE A 109 46.57 -8.85 -6.19
N LEU A 110 46.80 -7.55 -6.34
CA LEU A 110 47.92 -6.93 -5.63
C LEU A 110 47.68 -6.94 -4.13
N ARG A 111 46.46 -6.59 -3.71
CA ARG A 111 46.14 -6.62 -2.29
C ARG A 111 46.35 -8.02 -1.72
N LEU A 112 45.77 -9.04 -2.38
CA LEU A 112 45.86 -10.38 -1.81
C LEU A 112 47.29 -10.88 -1.76
N ASN A 113 48.18 -10.34 -2.58
CA ASN A 113 49.59 -10.70 -2.57
C ASN A 113 50.43 -9.70 -1.79
N ARG A 114 49.80 -8.86 -0.97
CA ARG A 114 50.47 -8.05 0.04
C ARG A 114 51.28 -6.91 -0.57
N TYR A 115 50.78 -6.32 -1.66
CA TYR A 115 51.29 -5.03 -2.10
C TYR A 115 50.42 -3.93 -1.51
N PRO A 116 51.01 -2.83 -1.09
CA PRO A 116 50.20 -1.79 -0.46
C PRO A 116 49.45 -0.96 -1.49
N VAL A 117 48.31 -1.46 -1.93
CA VAL A 117 47.50 -0.77 -2.91
C VAL A 117 46.26 -0.27 -2.20
N SER A 118 45.66 0.76 -2.77
CA SER A 118 44.59 1.48 -2.10
C SER A 118 43.29 1.30 -2.87
N SER A 119 42.20 1.13 -2.14
CA SER A 119 40.88 1.06 -2.75
C SER A 119 40.52 2.39 -3.40
N ASP A 120 41.39 3.39 -3.25
CA ASP A 120 41.13 4.67 -3.88
C ASP A 120 41.11 4.56 -5.38
N VAL A 121 41.86 3.61 -5.93
CA VAL A 121 41.91 3.44 -7.39
C VAL A 121 40.51 3.35 -7.96
N LEU A 122 39.56 2.86 -7.17
CA LEU A 122 38.19 2.75 -7.66
C LEU A 122 37.46 4.08 -7.70
N ARG A 123 37.98 5.12 -7.02
CA ARG A 123 37.29 6.41 -7.02
C ARG A 123 37.28 7.02 -8.42
N HIS A 124 38.35 6.81 -9.19
CA HIS A 124 38.43 7.26 -10.58
C HIS A 124 37.26 6.81 -11.45
N PHE A 125 36.43 5.87 -11.00
CA PHE A 125 35.32 5.38 -11.81
C PHE A 125 33.98 5.55 -11.13
N LYS A 126 33.95 6.06 -9.90
CA LYS A 126 32.69 6.29 -9.23
C LYS A 126 32.07 7.55 -9.82
N GLY A 127 30.92 7.39 -10.46
CA GLY A 127 30.10 8.51 -10.86
C GLY A 127 29.06 8.85 -9.82
N ASN A 128 28.00 9.53 -10.27
CA ASN A 128 26.92 9.95 -9.39
C ASN A 128 25.85 8.85 -9.31
N ASP A 129 25.01 8.95 -8.28
CA ASP A 129 24.03 7.93 -7.92
C ASP A 129 24.71 6.62 -7.50
N GLY A 130 25.95 6.71 -7.01
CA GLY A 130 26.71 5.55 -6.60
C GLY A 130 27.10 4.60 -7.71
N GLN A 131 27.03 5.07 -8.95
CA GLN A 131 27.30 4.18 -10.10
C GLN A 131 28.79 4.14 -10.43
N PHE A 132 29.24 3.03 -11.01
CA PHE A 132 30.62 2.85 -11.45
C PHE A 132 30.62 2.69 -12.95
N LEU A 133 31.65 3.25 -13.59
CA LEU A 133 31.68 3.45 -15.03
C LEU A 133 32.63 2.46 -15.71
N CYS A 134 32.13 1.79 -16.78
CA CYS A 134 32.83 0.94 -17.71
C CYS A 134 33.12 1.68 -19.01
N PRO A 135 34.18 1.30 -19.73
CA PRO A 135 34.39 1.87 -21.06
C PRO A 135 33.13 1.76 -21.89
N SER A 136 32.75 2.88 -22.52
CA SER A 136 31.49 2.91 -23.25
C SER A 136 31.47 1.93 -24.42
N ALA A 137 32.64 1.63 -24.99
CA ALA A 137 32.71 0.73 -26.14
C ALA A 137 32.59 -0.74 -25.76
N GLN A 138 32.44 -1.08 -24.48
CA GLN A 138 32.47 -2.48 -24.08
C GLN A 138 31.19 -3.18 -24.50
N SER A 139 31.31 -4.43 -24.94
CA SER A 139 30.14 -5.25 -25.18
C SER A 139 29.41 -5.51 -23.86
N GLU A 140 28.17 -6.00 -23.98
CA GLU A 140 27.45 -6.36 -22.76
C GLU A 140 28.22 -7.40 -21.97
N GLU A 141 28.74 -8.42 -22.65
CA GLU A 141 29.58 -9.41 -21.99
C GLU A 141 30.79 -8.77 -21.33
N GLU A 142 31.48 -7.88 -22.05
CA GLU A 142 32.66 -7.21 -21.51
C GLU A 142 32.32 -6.35 -20.30
N LYS A 143 31.22 -5.62 -20.35
CA LYS A 143 30.82 -4.81 -19.20
C LYS A 143 30.55 -5.70 -17.98
N ILE A 144 29.90 -6.85 -18.18
CA ILE A 144 29.60 -7.74 -17.07
C ILE A 144 30.89 -8.27 -16.46
N GLY A 145 31.84 -8.67 -17.32
CA GLY A 145 33.16 -9.04 -16.81
C GLY A 145 33.80 -7.96 -15.97
N SER A 146 33.63 -6.68 -16.35
CA SER A 146 34.21 -5.60 -15.56
C SER A 146 33.55 -5.49 -14.19
N ILE A 147 32.23 -5.61 -14.15
CA ILE A 147 31.51 -5.52 -12.88
C ILE A 147 31.82 -6.73 -12.00
N LEU A 148 32.02 -7.89 -12.62
CA LEU A 148 32.37 -9.09 -11.85
C LEU A 148 33.67 -8.90 -11.12
N ASN A 149 34.69 -8.39 -11.81
CA ASN A 149 35.96 -8.10 -11.16
C ASN A 149 35.80 -6.99 -10.10
N LEU A 150 34.91 -6.04 -10.34
CA LEU A 150 34.62 -5.04 -9.31
C LEU A 150 34.02 -5.70 -8.09
N TYR A 151 32.99 -6.53 -8.29
CA TYR A 151 32.40 -7.33 -7.21
C TYR A 151 33.47 -8.14 -6.50
N ARG A 152 34.28 -8.89 -7.27
CA ARG A 152 35.32 -9.70 -6.67
C ARG A 152 36.29 -8.85 -5.84
N ALA A 153 36.58 -7.62 -6.28
CA ALA A 153 37.52 -6.77 -5.55
C ALA A 153 36.90 -6.20 -4.29
N SER A 154 35.61 -5.83 -4.34
CA SER A 154 34.95 -5.23 -3.18
C SER A 154 34.87 -6.16 -1.97
N LEU A 155 35.10 -7.46 -2.15
CA LEU A 155 34.99 -8.40 -1.03
C LEU A 155 36.21 -8.39 -0.14
N ILE A 156 37.34 -7.86 -0.62
CA ILE A 156 38.55 -7.80 0.19
C ILE A 156 38.69 -6.39 0.73
N ALA A 157 37.86 -6.01 1.68
CA ALA A 157 37.70 -4.64 2.11
C ALA A 157 38.35 -4.44 3.46
N PHE A 158 39.05 -3.33 3.63
CA PHE A 158 39.61 -2.97 4.92
C PHE A 158 38.66 -2.05 5.65
N PRO A 159 38.83 -1.87 6.97
CA PRO A 159 37.92 -0.99 7.71
C PRO A 159 37.99 0.42 7.16
N GLU A 160 36.82 1.02 7.00
CA GLU A 160 36.63 2.40 6.56
C GLU A 160 36.98 2.64 5.10
N GLU A 161 37.12 1.59 4.28
CA GLU A 161 37.11 1.76 2.84
C GLU A 161 35.66 1.71 2.39
N ASN A 162 35.01 2.86 2.43
CA ASN A 162 33.57 2.92 2.07
C ASN A 162 33.41 2.72 0.57
N ILE A 163 34.41 3.09 -0.22
CA ILE A 163 34.31 2.84 -1.64
C ILE A 163 34.05 1.36 -1.92
N MET A 164 34.60 0.48 -1.08
CA MET A 164 34.38 -0.95 -1.24
C MET A 164 32.92 -1.32 -0.97
N ASP A 165 32.36 -0.77 0.10
CA ASP A 165 30.95 -1.04 0.39
C ASP A 165 30.06 -0.58 -0.75
N GLU A 166 30.40 0.55 -1.38
CA GLU A 166 29.58 1.05 -2.48
C GLU A 166 29.75 0.21 -3.73
N ALA A 167 30.99 -0.23 -4.01
CA ALA A 167 31.24 -1.10 -5.16
C ALA A 167 30.47 -2.41 -5.02
N LYS A 168 30.57 -3.05 -3.85
CA LYS A 168 29.79 -4.26 -3.59
C LYS A 168 28.32 -4.02 -3.87
N ALA A 169 27.74 -2.95 -3.31
CA ALA A 169 26.32 -2.69 -3.50
C ALA A 169 25.97 -2.49 -4.97
N PHE A 170 26.76 -1.68 -5.67
CA PHE A 170 26.49 -1.44 -7.08
C PHE A 170 26.58 -2.74 -7.89
N ALA A 171 27.62 -3.54 -7.64
CA ALA A 171 27.85 -4.74 -8.44
C ALA A 171 26.81 -5.81 -8.15
N THR A 172 26.43 -5.96 -6.88
CA THR A 172 25.39 -6.91 -6.52
C THR A 172 24.08 -6.60 -7.25
N THR A 173 23.65 -5.34 -7.18
CA THR A 173 22.46 -4.91 -7.90
C THR A 173 22.59 -5.17 -9.39
N TYR A 174 23.75 -4.81 -9.96
CA TYR A 174 23.93 -4.91 -11.40
C TYR A 174 23.89 -6.36 -11.86
N LEU A 175 24.64 -7.23 -11.18
CA LEU A 175 24.74 -8.61 -11.64
C LEU A 175 23.44 -9.36 -11.45
N ASN A 176 22.70 -9.04 -10.39
CA ASN A 176 21.37 -9.62 -10.22
C ASN A 176 20.43 -9.19 -11.34
N GLN A 177 20.41 -7.89 -11.65
CA GLN A 177 19.60 -7.43 -12.77
C GLN A 177 19.98 -8.17 -14.04
N VAL A 178 21.27 -8.42 -14.24
CA VAL A 178 21.71 -9.19 -15.40
C VAL A 178 21.11 -10.59 -15.37
N LEU A 179 21.16 -11.24 -14.21
CA LEU A 179 20.63 -12.59 -14.08
C LEU A 179 19.11 -12.59 -14.28
N GLN A 180 18.43 -11.61 -13.68
CA GLN A 180 17.02 -11.40 -13.97
C GLN A 180 16.76 -11.27 -15.46
N ASN A 181 17.40 -10.29 -16.08
CA ASN A 181 17.13 -9.99 -17.51
C ASN A 181 17.59 -11.14 -18.40
N ASN A 182 18.30 -12.11 -17.83
CA ASN A 182 18.80 -13.27 -18.62
C ASN A 182 19.41 -12.76 -19.90
N ASN A 183 19.26 -13.52 -20.99
CA ASN A 183 19.78 -13.07 -22.31
C ASN A 183 21.31 -13.03 -22.29
N ILE A 184 21.94 -13.89 -21.50
CA ILE A 184 23.40 -13.95 -21.55
C ILE A 184 23.79 -15.41 -21.70
N SER A 185 25.04 -15.62 -22.07
CA SER A 185 25.51 -16.96 -22.36
C SER A 185 25.51 -17.82 -21.09
N SER A 186 25.62 -19.12 -21.31
CA SER A 186 25.54 -20.08 -20.21
C SER A 186 26.78 -20.02 -19.33
N HIS A 187 27.97 -19.96 -19.92
CA HIS A 187 29.18 -19.93 -19.11
C HIS A 187 29.32 -18.61 -18.33
N LEU A 188 28.83 -17.50 -18.89
CA LEU A 188 28.92 -16.24 -18.15
C LEU A 188 27.89 -16.20 -17.03
N SER A 189 26.69 -16.73 -17.28
CA SER A 189 25.70 -16.88 -16.22
C SER A 189 26.22 -17.77 -15.09
N LYS A 190 26.87 -18.89 -15.44
CA LYS A 190 27.51 -19.71 -14.42
C LYS A 190 28.45 -18.88 -13.57
N GLU A 191 29.29 -18.06 -14.22
CA GLU A 191 30.31 -17.30 -13.49
C GLU A 191 29.67 -16.30 -12.52
N ILE A 192 28.63 -15.59 -12.96
CA ILE A 192 27.96 -14.65 -12.06
C ILE A 192 27.39 -15.39 -10.85
N LYS A 193 26.68 -16.49 -11.11
CA LYS A 193 26.05 -17.23 -10.03
C LYS A 193 27.09 -17.74 -9.03
N TYR A 194 28.17 -18.36 -9.52
CA TYR A 194 29.20 -18.85 -8.60
C TYR A 194 29.75 -17.70 -7.76
N ASN A 195 30.13 -16.60 -8.40
CA ASN A 195 30.71 -15.50 -7.64
C ASN A 195 29.71 -14.92 -6.65
N LEU A 196 28.45 -14.79 -7.07
CA LEU A 196 27.49 -14.22 -6.12
C LEU A 196 27.24 -15.17 -4.95
N GLU A 197 27.30 -16.47 -5.18
CA GLU A 197 27.01 -17.39 -4.09
C GLU A 197 28.20 -17.59 -3.15
N TYR A 198 29.42 -17.67 -3.68
CA TYR A 198 30.53 -18.01 -2.79
C TYR A 198 31.24 -16.80 -2.21
N GLY A 199 31.30 -15.69 -2.94
CA GLY A 199 32.06 -14.60 -2.36
C GLY A 199 33.46 -15.06 -2.05
N TRP A 200 34.06 -14.45 -1.02
CA TRP A 200 35.45 -14.70 -0.68
C TRP A 200 35.62 -15.43 0.65
N HIS A 201 34.96 -14.99 1.72
CA HIS A 201 35.19 -15.58 3.04
C HIS A 201 34.57 -16.97 3.18
N THR A 202 33.46 -17.25 2.54
CA THR A 202 32.95 -18.62 2.50
C THR A 202 33.45 -19.31 1.24
N ASN A 203 34.76 -19.52 1.15
CA ASN A 203 35.33 -20.00 -0.10
C ASN A 203 36.74 -20.49 0.19
N LEU A 204 37.29 -21.24 -0.76
CA LEU A 204 38.62 -21.81 -0.62
C LEU A 204 39.23 -21.93 -2.00
N PRO A 205 40.57 -21.94 -2.12
CA PRO A 205 41.20 -21.91 -3.45
C PRO A 205 40.75 -23.02 -4.39
N ARG A 206 40.79 -24.27 -3.93
CA ARG A 206 40.46 -25.40 -4.83
C ARG A 206 38.96 -25.39 -5.14
N VAL A 207 38.14 -24.83 -4.25
CA VAL A 207 36.73 -24.68 -4.59
C VAL A 207 36.56 -23.71 -5.74
N GLU A 208 37.21 -22.54 -5.66
CA GLU A 208 37.18 -21.62 -6.79
C GLU A 208 37.75 -22.27 -8.04
N ALA A 209 38.89 -22.94 -7.90
CA ALA A 209 39.51 -23.61 -9.04
C ALA A 209 38.56 -24.58 -9.71
N ARG A 210 37.86 -25.41 -8.92
CA ARG A 210 37.00 -26.43 -9.51
C ARG A 210 35.87 -25.80 -10.31
N ASN A 211 35.38 -24.64 -9.87
CA ASN A 211 34.34 -23.95 -10.61
C ASN A 211 34.90 -23.31 -11.87
N TYR A 212 36.08 -22.69 -11.78
CA TYR A 212 36.60 -22.03 -12.96
C TYR A 212 37.03 -23.01 -14.02
N MET A 213 37.36 -24.24 -13.63
CA MET A 213 37.58 -25.29 -14.63
C MET A 213 36.35 -25.44 -15.54
N ASP A 214 35.14 -25.27 -15.00
CA ASP A 214 33.92 -25.31 -15.81
C ASP A 214 33.63 -23.97 -16.47
N ILE A 215 33.82 -22.88 -15.73
CA ILE A 215 33.50 -21.55 -16.27
C ILE A 215 34.39 -21.23 -17.46
N TYR A 216 35.67 -21.54 -17.36
CA TYR A 216 36.59 -21.30 -18.49
C TYR A 216 36.43 -22.39 -19.55
N GLY A 217 36.36 -23.65 -19.12
CA GLY A 217 36.38 -24.74 -20.08
C GLY A 217 35.19 -24.74 -21.03
N GLU A 218 34.05 -24.23 -20.59
CA GLU A 218 32.84 -24.14 -21.40
C GLU A 218 32.78 -22.86 -22.23
N ASN A 219 33.79 -22.02 -22.16
CA ASN A 219 33.82 -20.77 -22.90
C ASN A 219 34.70 -21.00 -24.13
N ARG A 220 34.06 -21.23 -25.28
CA ARG A 220 34.81 -21.56 -26.49
C ARG A 220 35.80 -20.46 -26.85
N SER A 221 35.37 -19.20 -26.73
CA SER A 221 36.25 -18.08 -27.09
C SER A 221 37.46 -18.10 -26.15
N TRP A 222 37.26 -18.51 -24.90
CA TRP A 222 38.35 -18.52 -23.94
C TRP A 222 39.34 -19.63 -24.27
N THR A 223 38.84 -20.83 -24.56
CA THR A 223 39.74 -21.95 -24.81
C THR A 223 40.52 -21.81 -26.10
N GLU A 224 40.02 -21.00 -27.05
CA GLU A 224 40.74 -20.77 -28.30
C GLU A 224 41.77 -19.66 -28.19
N MET A 225 41.66 -18.79 -27.19
CA MET A 225 42.67 -17.77 -26.97
C MET A 225 44.00 -18.45 -26.65
N GLY A 226 45.06 -18.02 -27.32
CA GLY A 226 46.30 -18.76 -27.26
C GLY A 226 46.81 -18.91 -25.85
N GLY A 227 47.33 -20.10 -25.54
CA GLY A 227 47.89 -20.36 -24.22
C GLY A 227 46.90 -20.81 -23.17
N ASN A 228 45.62 -20.41 -23.27
CA ASN A 228 44.66 -20.72 -22.22
C ASN A 228 44.45 -22.22 -22.07
N MET A 229 44.41 -22.96 -23.17
CA MET A 229 44.14 -24.39 -23.10
C MET A 229 45.24 -25.12 -22.35
N GLN A 230 46.49 -24.71 -22.50
CA GLN A 230 47.54 -25.30 -21.68
C GLN A 230 47.33 -24.98 -20.22
N ILE A 231 46.82 -23.78 -19.93
CA ILE A 231 46.61 -23.40 -18.54
C ILE A 231 45.49 -24.24 -17.94
N LEU A 232 44.37 -24.37 -18.65
CA LEU A 232 43.24 -25.14 -18.17
C LEU A 232 43.59 -26.60 -18.01
N ASN A 233 44.34 -27.16 -18.97
CA ASN A 233 44.73 -28.57 -18.90
C ASN A 233 45.65 -28.82 -17.72
N LEU A 234 46.65 -27.96 -17.53
CA LEU A 234 47.46 -28.06 -16.33
C LEU A 234 46.59 -28.03 -15.07
N ALA A 235 45.56 -27.18 -15.05
CA ALA A 235 44.73 -27.07 -13.85
C ALA A 235 43.95 -28.36 -13.61
N LYS A 236 43.36 -28.92 -14.66
CA LYS A 236 42.68 -30.21 -14.53
C LYS A 236 43.65 -31.29 -14.12
N LEU A 237 44.80 -31.38 -14.79
CA LEU A 237 45.81 -32.38 -14.44
C LEU A 237 46.24 -32.25 -12.98
N ASP A 238 46.60 -31.04 -12.54
CA ASP A 238 47.03 -30.87 -11.16
C ASP A 238 45.94 -31.26 -10.19
N PHE A 239 44.69 -30.93 -10.52
CA PHE A 239 43.59 -31.23 -9.64
C PHE A 239 43.42 -32.74 -9.50
N ASN A 240 43.51 -33.47 -10.61
CA ASN A 240 43.33 -34.90 -10.58
C ASN A 240 44.55 -35.59 -9.95
N ILE A 241 45.74 -35.10 -10.27
CA ILE A 241 46.96 -35.68 -9.66
C ILE A 241 46.92 -35.54 -8.14
N MET A 242 46.68 -34.33 -7.63
CA MET A 242 46.72 -34.12 -6.18
C MET A 242 45.52 -34.76 -5.48
N GLN A 243 44.37 -34.79 -6.12
CA GLN A 243 43.22 -35.46 -5.51
C GLN A 243 43.48 -36.93 -5.24
N SER A 244 44.23 -37.59 -6.12
CA SER A 244 44.51 -39.00 -5.86
C SER A 244 45.59 -39.17 -4.80
N VAL A 245 46.50 -38.21 -4.64
CA VAL A 245 47.35 -38.24 -3.46
C VAL A 245 46.52 -38.03 -2.19
N HIS A 246 45.55 -37.11 -2.23
CA HIS A 246 44.76 -36.80 -1.04
C HIS A 246 43.80 -37.94 -0.71
N ARG A 247 43.18 -38.55 -1.72
CA ARG A 247 42.33 -39.71 -1.51
C ARG A 247 43.12 -40.87 -0.91
N LEU A 248 44.41 -40.98 -1.23
CA LEU A 248 45.24 -42.00 -0.60
C LEU A 248 45.51 -41.67 0.86
N GLU A 249 45.92 -40.42 1.13
CA GLU A 249 46.14 -39.98 2.50
C GLU A 249 44.90 -40.21 3.35
N LEU A 250 43.73 -39.94 2.79
CA LEU A 250 42.48 -40.17 3.51
C LEU A 250 42.40 -41.58 4.07
N GLU A 251 42.97 -42.57 3.37
CA GLU A 251 42.96 -43.93 3.88
C GLU A 251 43.57 -44.01 5.27
N SER A 252 44.72 -43.37 5.48
CA SER A 252 45.36 -43.41 6.81
C SER A 252 44.49 -42.75 7.88
N ILE A 253 43.60 -41.84 7.47
CA ILE A 253 42.70 -41.20 8.45
C ILE A 253 41.54 -42.12 8.78
N LEU A 254 41.05 -42.87 7.79
CA LEU A 254 40.00 -43.84 8.05
C LEU A 254 40.52 -44.94 8.97
N LYS A 255 41.74 -45.40 8.72
CA LYS A 255 42.36 -46.37 9.61
C LYS A 255 42.43 -45.83 11.04
N TRP A 256 42.95 -44.60 11.19
CA TRP A 256 43.05 -44.00 12.53
C TRP A 256 41.69 -43.95 13.22
N TRP A 257 40.63 -43.68 12.48
CA TRP A 257 39.31 -43.62 13.09
C TRP A 257 38.87 -44.96 13.65
N LYS A 258 39.41 -46.06 13.13
CA LYS A 258 39.01 -47.38 13.58
C LYS A 258 39.95 -47.91 14.65
N ASP A 259 41.26 -47.75 14.45
CA ASP A 259 42.23 -48.13 15.46
C ASP A 259 42.00 -47.39 16.77
N SER A 260 41.77 -46.08 16.70
CA SER A 260 41.50 -45.29 17.89
C SER A 260 40.13 -45.59 18.51
N ASN A 261 39.35 -46.49 17.90
CA ASN A 261 38.04 -46.90 18.39
C ASN A 261 37.06 -45.74 18.50
N LEU A 262 37.30 -44.63 17.80
CA LEU A 262 36.36 -43.52 17.83
C LEU A 262 35.04 -43.88 17.14
N ASP A 263 35.08 -44.80 16.18
CA ASP A 263 33.84 -45.27 15.53
C ASP A 263 32.83 -45.80 16.55
N LYS A 264 33.31 -46.14 17.73
CA LYS A 264 32.41 -46.69 18.79
C LYS A 264 32.28 -45.68 19.94
N VAL A 265 32.46 -44.39 19.67
CA VAL A 265 32.25 -43.36 20.74
C VAL A 265 30.75 -43.11 20.86
N ASP A 266 29.99 -43.43 19.82
CA ASP A 266 28.51 -43.28 19.85
C ASP A 266 28.13 -41.80 19.71
N PHE A 267 28.67 -40.93 20.56
CA PHE A 267 28.26 -39.51 20.52
C PHE A 267 29.10 -38.73 19.49
N ALA A 268 30.03 -39.42 18.82
CA ALA A 268 30.95 -38.73 17.89
C ALA A 268 30.25 -38.38 16.57
N ARG A 269 30.99 -38.45 15.45
CA ARG A 269 30.40 -38.17 14.12
C ARG A 269 31.45 -38.37 13.03
N HIS A 270 31.01 -38.67 11.80
CA HIS A 270 31.94 -38.89 10.67
C HIS A 270 32.43 -37.55 10.10
N ARG A 271 32.81 -36.60 10.97
CA ARG A 271 33.21 -35.26 10.52
C ARG A 271 34.69 -35.24 10.13
N HIS A 272 35.40 -36.32 10.40
CA HIS A 272 36.85 -36.37 10.11
C HIS A 272 37.07 -36.31 8.59
N VAL A 273 36.12 -36.85 7.83
CA VAL A 273 36.28 -36.81 6.37
C VAL A 273 36.06 -35.40 5.85
N GLU A 274 34.99 -34.74 6.30
CA GLU A 274 34.74 -33.35 5.93
C GLU A 274 35.94 -32.48 6.27
N TYR A 275 36.46 -32.61 7.48
CA TYR A 275 37.56 -31.75 7.91
C TYR A 275 38.79 -32.01 7.07
N PHE A 276 38.99 -33.26 6.66
CA PHE A 276 40.10 -33.57 5.77
C PHE A 276 39.91 -32.89 4.42
N ALA A 277 38.69 -32.98 3.88
CA ALA A 277 38.42 -32.40 2.58
C ALA A 277 38.62 -30.89 2.60
N LEU A 278 38.20 -30.23 3.69
CA LEU A 278 38.41 -28.78 3.82
C LEU A 278 39.89 -28.43 3.70
N ALA A 279 40.74 -29.12 4.46
CA ALA A 279 42.17 -28.81 4.42
C ALA A 279 42.78 -29.10 3.05
N CYS A 280 42.27 -30.12 2.36
CA CYS A 280 42.75 -30.39 1.00
C CYS A 280 42.41 -29.25 0.04
N ALA A 281 41.37 -28.47 0.33
CA ALA A 281 40.98 -27.45 -0.63
C ALA A 281 41.89 -26.23 -0.61
N TYR A 282 42.90 -26.19 0.28
CA TYR A 282 43.91 -25.14 0.20
C TYR A 282 45.33 -25.65 0.43
N CYS A 283 45.53 -26.64 1.28
CA CYS A 283 46.87 -27.19 1.54
C CYS A 283 47.09 -28.40 0.62
N ILE A 284 47.92 -28.23 -0.41
CA ILE A 284 47.88 -29.08 -1.60
C ILE A 284 49.09 -30.01 -1.68
N ASP A 285 50.30 -29.50 -1.51
CA ASP A 285 51.49 -30.26 -1.81
C ASP A 285 51.55 -31.56 -1.03
N ALA A 286 52.14 -32.58 -1.67
CA ALA A 286 52.19 -33.90 -1.08
C ALA A 286 53.07 -33.94 0.16
N LYS A 287 54.07 -33.07 0.25
CA LYS A 287 54.93 -33.04 1.43
C LYS A 287 54.19 -32.58 2.69
N TYR A 288 53.10 -31.83 2.55
CA TYR A 288 52.33 -31.36 3.69
C TYR A 288 51.28 -32.37 4.17
N TYR A 289 51.58 -33.67 4.16
CA TYR A 289 50.55 -34.61 4.58
C TYR A 289 50.29 -34.53 6.07
N ALA A 290 51.27 -34.09 6.86
CA ALA A 290 51.06 -33.91 8.29
C ALA A 290 50.04 -32.80 8.58
N TYR A 291 50.10 -31.69 7.85
CA TYR A 291 49.12 -30.62 8.06
C TYR A 291 47.71 -31.11 7.81
N ARG A 292 47.49 -31.78 6.67
CA ARG A 292 46.15 -32.24 6.36
C ARG A 292 45.70 -33.30 7.35
N ARG A 293 46.60 -34.19 7.75
CA ARG A 293 46.24 -35.25 8.68
C ARG A 293 45.87 -34.66 10.03
N ASP A 294 46.74 -33.81 10.57
CA ASP A 294 46.53 -33.32 11.93
C ASP A 294 45.38 -32.32 11.98
N PHE A 295 45.16 -31.51 10.94
CA PHE A 295 43.96 -30.69 10.99
C PHE A 295 42.72 -31.55 11.11
N ALA A 296 42.63 -32.58 10.27
CA ALA A 296 41.48 -33.49 10.34
C ALA A 296 41.34 -34.13 11.72
N LYS A 297 42.46 -34.58 12.30
CA LYS A 297 42.42 -35.26 13.60
C LYS A 297 42.08 -34.30 14.73
N LEU A 298 42.88 -33.26 14.88
CA LEU A 298 42.73 -32.36 16.01
C LEU A 298 41.42 -31.58 15.96
N CYS A 299 40.85 -31.38 14.75
CA CYS A 299 39.57 -30.70 14.64
C CYS A 299 38.41 -31.65 14.96
N ALA A 300 38.52 -32.91 14.53
CA ALA A 300 37.54 -33.91 14.94
C ALA A 300 37.55 -34.10 16.45
N LEU A 301 38.75 -34.24 17.02
CA LEU A 301 38.91 -34.34 18.47
C LEU A 301 38.36 -33.11 19.19
N ALA A 302 38.79 -31.91 18.78
CA ALA A 302 38.28 -30.68 19.39
C ALA A 302 36.76 -30.64 19.38
N THR A 303 36.15 -31.13 18.30
CA THR A 303 34.70 -31.21 18.22
C THR A 303 34.14 -32.19 19.24
N ILE A 304 34.81 -33.32 19.42
CA ILE A 304 34.35 -34.33 20.35
C ILE A 304 34.49 -33.82 21.78
N VAL A 305 35.66 -33.27 22.11
CA VAL A 305 35.88 -32.70 23.42
C VAL A 305 34.82 -31.66 23.75
N ASP A 306 34.48 -30.81 22.78
CA ASP A 306 33.47 -29.79 23.02
C ASP A 306 32.11 -30.43 23.34
N ASP A 307 31.78 -31.55 22.70
CA ASP A 307 30.54 -32.25 23.02
C ASP A 307 30.59 -32.83 24.43
N ILE A 308 31.73 -33.39 24.81
CA ILE A 308 31.91 -33.91 26.16
C ILE A 308 31.64 -32.82 27.19
N TYR A 309 32.10 -31.60 26.92
CA TYR A 309 32.02 -30.54 27.93
C TYR A 309 30.65 -29.87 27.97
N ASP A 310 30.01 -29.74 26.81
CA ASP A 310 28.72 -29.00 26.72
C ASP A 310 27.52 -29.93 26.61
N THR A 311 27.72 -31.24 26.80
CA THR A 311 26.58 -32.18 26.57
C THR A 311 26.83 -33.50 27.30
N TYR A 312 27.72 -34.36 26.78
CA TYR A 312 27.87 -35.71 27.36
C TYR A 312 29.05 -35.77 28.33
N GLY A 313 28.99 -35.09 29.47
CA GLY A 313 30.11 -35.23 30.42
C GLY A 313 29.71 -34.80 31.82
N THR A 314 29.81 -35.71 32.79
CA THR A 314 29.49 -35.36 34.19
C THR A 314 30.49 -34.32 34.68
N ILE A 315 30.03 -33.38 35.50
CA ILE A 315 30.89 -32.31 35.97
C ILE A 315 32.10 -32.89 36.69
N GLU A 316 31.97 -34.11 37.22
CA GLU A 316 33.13 -34.78 37.82
C GLU A 316 34.15 -35.13 36.75
N GLU A 317 33.70 -35.64 35.60
CA GLU A 317 34.61 -36.08 34.55
C GLU A 317 35.29 -34.91 33.86
N ILE A 318 34.53 -33.84 33.59
CA ILE A 318 35.10 -32.58 33.11
C ILE A 318 36.27 -32.18 34.01
N LYS A 319 36.15 -32.42 35.31
CA LYS A 319 37.27 -32.15 36.24
C LYS A 319 38.41 -33.14 36.02
N LEU A 320 38.09 -34.42 35.92
CA LEU A 320 39.12 -35.44 35.70
C LEU A 320 39.77 -35.32 34.34
N PHE A 321 38.99 -34.90 33.32
CA PHE A 321 39.57 -34.59 32.02
C PHE A 321 40.61 -33.46 32.15
N ASN A 322 40.18 -32.31 32.67
CA ASN A 322 41.10 -31.18 32.85
C ASN A 322 42.31 -31.58 33.65
N GLU A 323 42.11 -32.31 34.75
CA GLU A 323 43.24 -32.77 35.55
C GLU A 323 44.17 -33.64 34.71
N ALA A 324 43.61 -34.62 34.00
CA ALA A 324 44.41 -35.51 33.15
C ALA A 324 45.24 -34.72 32.14
N VAL A 325 44.62 -33.72 31.51
CA VAL A 325 45.34 -32.89 30.56
C VAL A 325 46.47 -32.15 31.27
N LYS A 326 46.15 -31.51 32.41
CA LYS A 326 47.15 -30.76 33.15
C LYS A 326 48.39 -31.62 33.45
N MET A 327 48.17 -32.87 33.82
CA MET A 327 49.26 -33.80 34.08
C MET A 327 49.81 -34.47 32.82
N TRP A 328 49.04 -34.51 31.73
CA TRP A 328 49.37 -35.29 30.55
C TRP A 328 49.47 -36.77 30.88
N ASP A 329 48.44 -37.27 31.55
CA ASP A 329 48.23 -38.70 31.64
C ASP A 329 47.87 -39.26 30.28
N SER A 330 48.43 -40.43 29.96
CA SER A 330 48.03 -41.11 28.75
C SER A 330 46.64 -41.75 28.86
N SER A 331 46.05 -41.76 30.06
CA SER A 331 44.82 -42.51 30.28
C SER A 331 43.95 -41.81 31.30
N LEU A 332 42.65 -42.00 31.18
CA LEU A 332 41.72 -41.58 32.21
C LEU A 332 41.61 -42.67 33.28
N PRO A 333 40.93 -42.42 34.42
CA PRO A 333 40.73 -43.47 35.41
C PRO A 333 39.96 -44.63 34.77
N ASN A 334 40.37 -45.87 35.06
CA ASN A 334 39.75 -47.07 34.41
C ASN A 334 38.32 -47.31 34.91
N SER A 335 37.59 -46.25 35.24
CA SER A 335 36.23 -46.43 35.81
C SER A 335 35.21 -45.56 35.08
N LEU A 336 35.68 -44.59 34.29
CA LEU A 336 34.77 -43.66 33.65
C LEU A 336 33.98 -44.36 32.53
N PRO A 337 33.00 -43.68 31.93
CA PRO A 337 32.36 -44.24 30.73
C PRO A 337 33.39 -44.59 29.66
N GLU A 338 33.02 -45.54 28.79
CA GLU A 338 33.89 -45.89 27.67
C GLU A 338 34.02 -44.74 26.69
N ASN A 339 32.90 -44.08 26.40
CA ASN A 339 32.90 -42.96 25.47
C ASN A 339 33.94 -41.92 25.85
N ILE A 340 33.81 -41.35 27.06
CA ILE A 340 34.78 -40.37 27.53
C ILE A 340 36.18 -40.99 27.57
N LYS A 341 36.29 -42.27 27.92
CA LYS A 341 37.61 -42.87 28.07
C LYS A 341 38.35 -42.97 26.74
N ILE A 342 37.64 -43.37 25.67
CA ILE A 342 38.33 -43.57 24.40
C ILE A 342 38.70 -42.24 23.75
N ALA A 343 37.79 -41.25 23.80
CA ALA A 343 38.09 -39.91 23.30
C ALA A 343 39.38 -39.35 23.92
N TYR A 344 39.52 -39.49 25.24
CA TYR A 344 40.72 -38.95 25.87
C TYR A 344 41.98 -39.64 25.36
N LYS A 345 41.96 -40.97 25.34
CA LYS A 345 43.12 -41.72 24.85
C LYS A 345 43.47 -41.31 23.43
N ALA A 346 42.46 -41.30 22.53
CA ALA A 346 42.67 -40.80 21.17
C ALA A 346 43.22 -39.39 21.17
N PHE A 347 42.58 -38.48 21.94
CA PHE A 347 43.04 -37.10 22.04
C PHE A 347 44.51 -37.05 22.43
N HIS A 348 44.87 -37.80 23.47
CA HIS A 348 46.24 -37.79 23.95
C HIS A 348 47.21 -38.22 22.85
N MET A 349 46.84 -39.25 22.09
CA MET A 349 47.78 -39.80 21.12
C MET A 349 47.97 -38.83 19.96
N ALA A 350 46.87 -38.32 19.41
CA ALA A 350 46.95 -37.44 18.25
C ALA A 350 47.76 -36.18 18.56
N VAL A 351 47.56 -35.59 19.74
CA VAL A 351 48.34 -34.42 20.12
C VAL A 351 49.85 -34.74 20.13
N ASN A 352 50.21 -35.91 20.66
CA ASN A 352 51.62 -36.30 20.71
C ASN A 352 52.19 -36.52 19.31
N GLU A 353 51.49 -37.33 18.49
CA GLU A 353 51.97 -37.57 17.14
C GLU A 353 52.12 -36.25 16.38
N SER A 354 51.14 -35.36 16.52
CA SER A 354 51.24 -34.08 15.80
C SER A 354 52.46 -33.30 16.27
N ALA A 355 52.71 -33.26 17.58
CA ALA A 355 53.87 -32.54 18.09
C ALA A 355 55.17 -33.18 17.62
N GLU A 356 55.20 -34.51 17.50
CA GLU A 356 56.36 -35.18 16.94
C GLU A 356 56.63 -34.71 15.53
N ALA A 357 55.59 -34.58 14.73
CA ALA A 357 55.75 -34.04 13.39
C ALA A 357 56.29 -32.62 13.41
N ALA A 358 55.82 -31.81 14.36
CA ALA A 358 56.28 -30.42 14.40
C ALA A 358 57.72 -30.33 14.90
N LYS A 359 58.19 -31.30 15.68
CA LYS A 359 59.60 -31.32 16.07
C LYS A 359 60.50 -31.43 14.84
N LYS A 360 60.12 -32.30 13.89
CA LYS A 360 60.97 -32.54 12.72
C LYS A 360 61.13 -31.29 11.88
N THR A 361 60.08 -30.47 11.77
CA THR A 361 60.14 -29.27 10.94
C THR A 361 60.45 -28.01 11.71
N GLN A 362 60.06 -27.92 12.98
CA GLN A 362 60.37 -26.74 13.77
C GLN A 362 61.72 -26.84 14.46
N GLY A 363 62.30 -28.04 14.55
CA GLY A 363 63.63 -28.20 15.08
C GLY A 363 63.74 -27.95 16.57
N ARG A 364 62.70 -28.27 17.33
CA ARG A 364 62.72 -28.14 18.77
C ARG A 364 61.54 -28.92 19.33
N ASP A 365 61.44 -28.95 20.65
CA ASP A 365 60.27 -29.53 21.29
C ASP A 365 59.13 -28.53 21.20
N ILE A 366 57.94 -29.01 20.85
CA ILE A 366 56.80 -28.10 20.83
C ILE A 366 55.65 -28.69 21.63
N LEU A 367 55.77 -29.95 22.05
CA LEU A 367 54.73 -30.53 22.90
C LEU A 367 54.45 -29.71 24.15
N PRO A 368 55.46 -29.13 24.86
CA PRO A 368 55.14 -28.22 25.97
C PRO A 368 54.18 -27.12 25.59
N TYR A 369 54.54 -26.34 24.59
CA TYR A 369 53.70 -25.24 24.11
C TYR A 369 52.33 -25.75 23.68
N ALA A 370 52.28 -26.90 23.01
CA ALA A 370 51.01 -27.41 22.50
C ALA A 370 50.05 -27.71 23.65
N ARG A 371 50.57 -28.29 24.73
CA ARG A 371 49.73 -28.59 25.89
C ARG A 371 49.11 -27.30 26.44
N LYS A 372 49.87 -26.21 26.45
CA LYS A 372 49.32 -24.96 26.94
C LYS A 372 48.16 -24.50 26.06
N VAL A 373 48.29 -24.70 24.73
CA VAL A 373 47.25 -24.30 23.79
C VAL A 373 45.94 -25.04 24.09
N TRP A 374 46.05 -26.36 24.30
CA TRP A 374 44.87 -27.16 24.62
C TRP A 374 44.35 -26.86 26.02
N GLU A 375 45.23 -26.47 26.94
CA GLU A 375 44.77 -26.06 28.26
C GLU A 375 43.92 -24.81 28.17
N HIS A 376 44.40 -23.79 27.44
CA HIS A 376 43.59 -22.59 27.25
C HIS A 376 42.26 -22.90 26.60
N TYR A 377 42.21 -23.94 25.76
CA TYR A 377 40.95 -24.34 25.17
C TYR A 377 40.03 -24.95 26.21
N LEU A 378 40.57 -25.82 27.04
CA LEU A 378 39.75 -26.44 28.08
C LEU A 378 39.29 -25.41 29.10
N ILE A 379 40.16 -24.48 29.50
CA ILE A 379 39.74 -23.38 30.37
C ILE A 379 38.48 -22.73 29.81
N GLY A 380 38.51 -22.39 28.52
CA GLY A 380 37.37 -21.72 27.92
C GLY A 380 36.11 -22.57 27.93
N LEU A 381 36.24 -23.87 27.66
CA LEU A 381 35.08 -24.76 27.68
C LEU A 381 34.54 -24.94 29.09
N THR A 382 35.44 -25.02 30.08
CA THR A 382 35.00 -25.21 31.47
C THR A 382 34.24 -24.00 31.97
N LYS A 383 34.70 -22.79 31.64
CA LYS A 383 34.03 -21.59 32.10
C LYS A 383 32.61 -21.51 31.57
N GLU A 384 32.40 -21.93 30.31
CA GLU A 384 31.04 -21.95 29.79
C GLU A 384 30.20 -22.99 30.50
N ALA A 385 30.85 -24.04 31.01
CA ALA A 385 30.11 -25.09 31.72
C ALA A 385 29.67 -24.59 33.09
N GLU A 386 30.61 -24.01 33.85
CA GLU A 386 30.27 -23.34 35.11
C GLU A 386 29.14 -22.34 34.92
N TRP A 387 29.25 -21.48 33.91
CA TRP A 387 28.20 -20.49 33.66
C TRP A 387 26.85 -21.14 33.53
N LEU A 388 26.77 -22.19 32.70
CA LEU A 388 25.50 -22.89 32.57
C LEU A 388 25.10 -23.51 33.89
N ALA A 389 26.08 -24.06 34.61
CA ALA A 389 25.80 -24.75 35.85
C ALA A 389 25.33 -23.79 36.94
N ASN A 390 25.89 -22.58 36.97
CA ASN A 390 25.55 -21.56 37.95
C ASN A 390 24.41 -20.65 37.51
N GLY A 391 23.81 -20.87 36.34
CA GLY A 391 22.74 -19.98 35.94
C GLY A 391 23.19 -18.57 35.63
N TYR A 392 24.46 -18.42 35.25
CA TYR A 392 25.09 -17.13 35.06
C TYR A 392 25.10 -16.80 33.57
N ILE A 393 24.50 -15.67 33.20
CA ILE A 393 24.49 -15.17 31.83
C ILE A 393 25.49 -14.02 31.73
N PRO A 394 26.66 -14.20 31.13
CA PRO A 394 27.66 -13.13 31.14
C PRO A 394 27.29 -12.02 30.17
N SER A 395 27.94 -10.88 30.35
CA SER A 395 27.82 -9.83 29.36
C SER A 395 28.39 -10.30 28.02
N LEU A 396 27.88 -9.71 26.94
CA LEU A 396 28.34 -10.10 25.62
C LEU A 396 29.84 -9.92 25.48
N GLU A 397 30.38 -8.84 26.07
CA GLU A 397 31.82 -8.61 26.02
C GLU A 397 32.59 -9.73 26.69
N GLU A 398 32.09 -10.22 27.84
CA GLU A 398 32.76 -11.32 28.53
C GLU A 398 32.58 -12.63 27.77
N TYR A 399 31.44 -12.78 27.11
CA TYR A 399 31.18 -14.03 26.34
C TYR A 399 32.13 -14.10 25.15
N LEU A 400 32.27 -12.99 24.42
CA LEU A 400 33.14 -12.99 23.24
C LEU A 400 34.60 -13.20 23.63
N GLU A 401 35.04 -12.57 24.72
CA GLU A 401 36.40 -12.74 25.16
C GLU A 401 36.71 -14.20 25.48
N ASN A 402 35.80 -14.86 26.21
CA ASN A 402 36.02 -16.26 26.48
C ASN A 402 35.67 -17.10 25.26
N GLY A 403 34.77 -16.60 24.41
CA GLY A 403 34.34 -17.30 23.21
C GLY A 403 35.42 -17.46 22.18
N ALA A 404 36.53 -16.74 22.32
CA ALA A 404 37.61 -16.87 21.37
C ALA A 404 38.35 -18.18 21.67
N PRO A 405 38.97 -18.35 22.85
CA PRO A 405 39.58 -19.66 23.12
C PRO A 405 38.59 -20.80 23.04
N SER A 406 37.34 -20.59 23.46
CA SER A 406 36.38 -21.69 23.56
C SER A 406 35.81 -22.09 22.20
N SER A 407 35.94 -21.23 21.18
CA SER A 407 35.47 -21.60 19.85
C SER A 407 36.25 -22.78 19.29
N GLY A 408 37.48 -22.99 19.78
CA GLY A 408 38.34 -24.05 19.34
C GLY A 408 39.11 -23.77 18.05
N TYR A 409 39.01 -22.56 17.50
CA TYR A 409 39.79 -22.25 16.32
C TYR A 409 41.27 -22.54 16.55
N ARG A 410 41.82 -22.00 17.63
CA ARG A 410 43.27 -22.02 17.80
C ARG A 410 43.81 -23.43 17.89
N VAL A 411 43.11 -24.34 18.58
CA VAL A 411 43.68 -25.68 18.73
C VAL A 411 43.65 -26.43 17.40
N THR A 412 42.74 -26.08 16.50
CA THR A 412 42.82 -26.69 15.18
C THR A 412 43.84 -26.00 14.29
N MET A 413 44.33 -24.83 14.70
CA MET A 413 45.26 -24.09 13.86
C MET A 413 46.71 -24.31 14.27
N LEU A 414 47.00 -24.11 15.55
CA LEU A 414 48.42 -24.11 15.98
C LEU A 414 49.19 -25.36 15.58
N GLN A 415 48.81 -26.52 16.11
CA GLN A 415 49.67 -27.68 15.92
C GLN A 415 49.80 -28.07 14.44
N PRO A 416 48.72 -28.14 13.65
CA PRO A 416 48.91 -28.44 12.22
C PRO A 416 49.77 -27.42 11.51
N THR A 417 49.64 -26.13 11.82
CA THR A 417 50.45 -25.14 11.13
C THR A 417 51.94 -25.28 11.49
N LEU A 418 52.24 -25.75 12.69
CA LEU A 418 53.64 -25.94 13.06
C LEU A 418 54.30 -27.08 12.29
N THR A 419 53.51 -27.96 11.66
CA THR A 419 54.06 -29.07 10.89
C THR A 419 54.39 -28.70 9.45
N LEU A 420 54.11 -27.47 9.05
CA LEU A 420 54.61 -27.00 7.77
C LEU A 420 56.12 -26.77 7.87
N ASP A 421 56.75 -26.50 6.73
CA ASP A 421 58.19 -26.32 6.69
C ASP A 421 58.59 -24.86 6.82
N ALA A 422 57.68 -23.99 7.25
CA ALA A 422 58.04 -22.64 7.63
C ALA A 422 58.33 -22.62 9.12
N LEU A 423 59.55 -22.22 9.49
CA LEU A 423 59.92 -22.17 10.89
C LEU A 423 59.17 -21.05 11.59
N LEU A 424 58.72 -21.30 12.81
CA LEU A 424 58.04 -20.29 13.63
C LEU A 424 58.64 -20.27 15.03
N PRO A 425 59.73 -19.51 15.24
CA PRO A 425 60.27 -19.36 16.59
C PRO A 425 59.32 -18.58 17.48
N ASP A 426 59.36 -18.88 18.78
CA ASP A 426 58.38 -18.36 19.73
C ASP A 426 58.15 -16.87 19.59
N ASN A 427 59.17 -16.10 19.23
CA ASN A 427 58.95 -14.67 19.09
C ASN A 427 58.17 -14.35 17.83
N ILE A 428 58.34 -15.15 16.77
CA ILE A 428 57.52 -15.01 15.57
C ILE A 428 56.13 -15.57 15.81
N LEU A 429 56.04 -16.70 16.53
CA LEU A 429 54.75 -17.33 16.80
C LEU A 429 53.80 -16.37 17.51
N LEU A 430 54.34 -15.54 18.41
CA LEU A 430 53.52 -14.63 19.20
C LEU A 430 52.88 -13.54 18.33
N GLU A 431 53.32 -13.39 17.08
CA GLU A 431 52.65 -12.47 16.17
C GLU A 431 51.60 -13.15 15.31
N MET A 432 51.56 -14.48 15.30
CA MET A 432 50.53 -15.25 14.61
C MET A 432 49.58 -15.94 15.58
N ASP A 433 50.13 -16.64 16.56
CA ASP A 433 49.30 -17.34 17.54
C ASP A 433 48.72 -16.33 18.53
N TYR A 434 48.00 -16.86 19.50
CA TYR A 434 47.66 -16.10 20.70
C TYR A 434 48.95 -15.52 21.28
N PRO A 435 48.93 -14.26 21.79
CA PRO A 435 47.80 -13.33 21.95
C PRO A 435 47.65 -12.31 20.84
N SER A 436 48.20 -12.56 19.65
CA SER A 436 48.17 -11.59 18.57
C SER A 436 46.75 -11.22 18.17
N ARG A 437 46.64 -10.01 17.62
CA ARG A 437 45.40 -9.56 17.01
C ARG A 437 44.94 -10.51 15.89
N PHE A 438 45.90 -11.06 15.13
CA PHE A 438 45.56 -11.99 14.05
C PHE A 438 44.76 -13.18 14.59
N ASN A 439 45.33 -13.89 15.56
CA ASN A 439 44.64 -15.03 16.13
C ASN A 439 43.29 -14.63 16.72
N GLU A 440 43.23 -13.48 17.38
CA GLU A 440 41.99 -13.06 18.02
C GLU A 440 40.91 -12.84 16.97
N LEU A 441 41.24 -12.16 15.87
CA LEU A 441 40.24 -11.96 14.83
C LEU A 441 39.88 -13.27 14.12
N LEU A 442 40.81 -14.24 14.11
CA LEU A 442 40.49 -15.54 13.52
C LEU A 442 39.51 -16.31 14.40
N CYS A 443 39.74 -16.30 15.71
CA CYS A 443 38.79 -16.91 16.66
C CYS A 443 37.43 -16.24 16.61
N LEU A 444 37.38 -14.91 16.58
CA LEU A 444 36.09 -14.22 16.56
C LEU A 444 35.30 -14.55 15.30
N SER A 445 35.99 -14.75 14.18
CA SER A 445 35.26 -15.08 12.95
C SER A 445 34.49 -16.39 13.12
N LEU A 446 35.11 -17.38 13.76
CA LEU A 446 34.44 -18.65 14.02
C LEU A 446 33.29 -18.46 15.01
N ARG A 447 33.56 -17.80 16.14
CA ARG A 447 32.56 -17.59 17.17
C ARG A 447 31.37 -16.81 16.63
N LEU A 448 31.62 -15.67 16.00
CA LEU A 448 30.50 -14.84 15.57
C LEU A 448 29.73 -15.48 14.43
N LYS A 449 30.43 -16.17 13.53
CA LYS A 449 29.71 -16.85 12.46
C LYS A 449 28.85 -17.95 13.04
N GLY A 450 29.42 -18.76 13.93
CA GLY A 450 28.64 -19.82 14.56
C GLY A 450 27.44 -19.28 15.29
N ASP A 451 27.65 -18.23 16.11
CA ASP A 451 26.59 -17.72 16.94
C ASP A 451 25.54 -16.93 16.17
N THR A 452 25.65 -16.84 14.84
CA THR A 452 24.62 -16.24 14.01
C THR A 452 23.98 -17.24 13.05
N ARG A 453 24.38 -18.50 13.07
CA ARG A 453 23.93 -19.51 12.10
C ARG A 453 22.42 -19.72 12.18
N GLU A 463 19.87 -23.79 25.24
CA GLU A 463 20.95 -22.79 25.13
C GLU A 463 20.74 -21.50 25.91
N LEU A 464 21.31 -21.42 27.11
CA LEU A 464 21.15 -20.26 27.97
C LEU A 464 22.18 -19.17 27.69
N VAL A 465 23.41 -19.57 27.40
CA VAL A 465 24.53 -18.65 27.21
C VAL A 465 24.96 -18.74 25.75
N SER A 466 24.49 -17.81 24.93
CA SER A 466 24.85 -17.72 23.53
C SER A 466 25.25 -16.27 23.24
N GLY A 467 25.61 -16.00 21.99
CA GLY A 467 25.85 -14.61 21.61
C GLY A 467 24.57 -13.81 21.63
N ILE A 468 23.47 -14.41 21.16
CA ILE A 468 22.19 -13.72 21.10
C ILE A 468 21.69 -13.41 22.50
N SER A 469 21.78 -14.39 23.41
CA SER A 469 21.22 -14.22 24.75
C SER A 469 22.03 -13.20 25.55
N CYS A 470 23.36 -13.28 25.48
CA CYS A 470 24.18 -12.29 26.17
C CYS A 470 23.92 -10.88 25.66
N TYR A 471 23.60 -10.73 24.38
CA TYR A 471 23.30 -9.39 23.91
C TYR A 471 21.99 -8.89 24.49
N ILE A 472 20.98 -9.76 24.57
CA ILE A 472 19.70 -9.35 25.12
C ILE A 472 19.83 -9.04 26.61
N LYS A 473 20.61 -9.83 27.34
CA LYS A 473 20.91 -9.49 28.73
C LYS A 473 21.59 -8.14 28.83
N ASP A 474 22.46 -7.80 27.87
CA ASP A 474 23.13 -6.51 27.88
C ASP A 474 22.20 -5.36 27.49
N HIS A 475 21.20 -5.65 26.66
CA HIS A 475 20.29 -4.63 26.13
C HIS A 475 18.87 -5.08 26.46
N PRO A 476 18.34 -4.69 27.61
CA PRO A 476 17.01 -5.17 28.02
C PRO A 476 15.91 -4.75 27.05
N GLY A 477 15.06 -5.71 26.69
CA GLY A 477 14.00 -5.49 25.74
C GLY A 477 14.38 -5.64 24.28
N SER A 478 15.64 -5.90 23.98
CA SER A 478 16.05 -6.10 22.59
C SER A 478 15.41 -7.38 22.06
N SER A 479 14.89 -7.32 20.83
CA SER A 479 14.33 -8.53 20.26
C SER A 479 15.44 -9.48 19.86
N GLU A 480 15.05 -10.68 19.41
CA GLU A 480 16.01 -11.60 18.79
C GLU A 480 16.47 -11.04 17.45
N GLU A 481 15.54 -10.56 16.63
CA GLU A 481 15.90 -9.93 15.37
C GLU A 481 16.94 -8.84 15.58
N GLU A 482 16.75 -8.00 16.60
CA GLU A 482 17.70 -6.93 16.87
C GLU A 482 19.06 -7.49 17.33
N ALA A 483 19.05 -8.54 18.16
CA ALA A 483 20.29 -9.16 18.59
C ALA A 483 21.02 -9.79 17.40
N LEU A 484 20.30 -10.60 16.61
CA LEU A 484 20.93 -11.30 15.51
C LEU A 484 21.45 -10.32 14.46
N ASP A 485 20.70 -9.24 14.20
CA ASP A 485 21.16 -8.22 13.27
C ASP A 485 22.45 -7.56 13.75
N TYR A 486 22.62 -7.40 15.06
CA TYR A 486 23.82 -6.76 15.56
C TYR A 486 25.03 -7.68 15.43
N LEU A 487 24.89 -8.94 15.79
CA LEU A 487 26.02 -9.86 15.73
C LEU A 487 26.49 -10.06 14.29
N LYS A 488 25.57 -9.93 13.32
CA LYS A 488 25.97 -10.05 11.92
C LYS A 488 26.80 -8.86 11.47
N ASP A 489 26.42 -7.64 11.87
CA ASP A 489 27.25 -6.48 11.55
C ASP A 489 28.62 -6.60 12.20
N LEU A 490 28.66 -7.04 13.45
CA LEU A 490 29.93 -7.22 14.14
C LEU A 490 30.83 -8.18 13.38
N LEU A 491 30.26 -9.27 12.84
CA LEU A 491 31.06 -10.22 12.08
C LEU A 491 31.60 -9.58 10.82
N GLN A 492 30.76 -8.82 10.12
CA GLN A 492 31.21 -8.10 8.93
C GLN A 492 32.36 -7.16 9.24
N LYS A 493 32.25 -6.40 10.33
CA LYS A 493 33.34 -5.53 10.71
C LYS A 493 34.57 -6.33 11.13
N ARG A 494 34.38 -7.41 11.88
CA ARG A 494 35.52 -8.20 12.30
C ARG A 494 36.21 -8.87 11.12
N LEU A 495 35.46 -9.24 10.07
CA LEU A 495 36.11 -9.84 8.91
C LEU A 495 37.01 -8.81 8.21
N LYS A 496 36.55 -7.56 8.09
CA LYS A 496 37.39 -6.52 7.48
C LYS A 496 38.66 -6.29 8.30
N GLU A 497 38.53 -6.20 9.62
CA GLU A 497 39.72 -6.13 10.44
C GLU A 497 40.63 -7.32 10.22
N LEU A 498 40.03 -8.52 10.11
CA LEU A 498 40.81 -9.72 9.90
C LEU A 498 41.59 -9.62 8.60
N ASP A 499 40.93 -9.22 7.52
CA ASP A 499 41.60 -9.17 6.23
C ASP A 499 42.73 -8.15 6.24
N GLN A 500 42.51 -6.98 6.84
CA GLN A 500 43.56 -5.99 6.95
C GLN A 500 44.71 -6.50 7.82
N GLU A 501 44.39 -7.13 8.93
CA GLU A 501 45.44 -7.75 9.73
C GLU A 501 46.14 -8.89 8.98
N TYR A 502 45.37 -9.67 8.22
CA TYR A 502 45.96 -10.81 7.51
C TYR A 502 46.99 -10.35 6.48
N LEU A 503 46.69 -9.29 5.72
CA LEU A 503 47.57 -8.83 4.66
C LEU A 503 48.62 -7.82 5.12
N LYS A 504 48.58 -7.37 6.36
CA LYS A 504 49.61 -6.48 6.86
C LYS A 504 50.92 -7.24 6.98
N PRO A 505 52.03 -6.66 6.53
CA PRO A 505 53.29 -7.41 6.49
C PRO A 505 53.94 -7.44 7.86
N ASN A 506 54.73 -8.48 8.08
CA ASN A 506 55.45 -8.70 9.33
C ASN A 506 56.41 -9.85 9.10
N ASN A 507 57.04 -10.32 10.17
CA ASN A 507 58.05 -11.36 10.04
C ASN A 507 57.47 -12.76 10.00
N VAL A 508 56.17 -12.89 9.85
CA VAL A 508 55.57 -14.23 9.89
C VAL A 508 55.60 -14.79 8.47
N PRO A 509 56.11 -16.01 8.27
CA PRO A 509 56.05 -16.62 6.94
C PRO A 509 54.63 -16.63 6.42
N ALA A 510 54.46 -16.10 5.21
CA ALA A 510 53.14 -16.02 4.59
C ALA A 510 52.45 -17.38 4.54
N ILE A 511 53.20 -18.46 4.28
CA ILE A 511 52.53 -19.75 4.17
C ILE A 511 51.85 -20.13 5.47
N SER A 512 52.43 -19.73 6.61
CA SER A 512 51.81 -20.01 7.89
C SER A 512 50.55 -19.19 8.10
N LYS A 513 50.61 -17.89 7.79
CA LYS A 513 49.43 -17.03 7.86
C LYS A 513 48.33 -17.52 6.93
N ASP A 514 48.71 -17.93 5.71
CA ASP A 514 47.72 -18.34 4.71
C ASP A 514 46.95 -19.57 5.15
N HIS A 515 47.64 -20.54 5.76
CA HIS A 515 46.94 -21.72 6.24
C HIS A 515 46.01 -21.38 7.39
N ALA A 516 46.50 -20.62 8.38
CA ALA A 516 45.65 -20.15 9.46
C ALA A 516 44.46 -19.39 8.91
N TYR A 517 44.70 -18.47 7.97
CA TYR A 517 43.59 -17.71 7.42
C TYR A 517 42.60 -18.63 6.72
N ASN A 518 43.08 -19.64 6.00
CA ASN A 518 42.15 -20.50 5.27
C ASN A 518 41.44 -21.48 6.20
N ILE A 519 42.01 -21.80 7.37
CA ILE A 519 41.22 -22.54 8.36
C ILE A 519 39.95 -21.79 8.68
N ALA A 520 40.07 -20.49 8.95
CA ALA A 520 38.91 -19.66 9.28
C ALA A 520 37.92 -19.64 8.14
N ARG A 521 38.41 -19.54 6.91
CA ARG A 521 37.50 -19.56 5.76
C ARG A 521 36.81 -20.89 5.63
N SER A 522 37.51 -21.98 5.94
CA SER A 522 36.88 -23.27 5.75
C SER A 522 35.71 -23.41 6.71
N TYR A 523 35.84 -22.84 7.92
CA TYR A 523 34.74 -22.82 8.90
C TYR A 523 33.59 -21.94 8.42
N GLN A 524 33.89 -20.77 7.86
CA GLN A 524 32.81 -19.98 7.26
C GLN A 524 32.14 -20.77 6.15
N LEU A 525 32.93 -21.39 5.28
CA LEU A 525 32.36 -22.18 4.20
C LEU A 525 31.54 -23.34 4.76
N LEU A 526 32.06 -24.02 5.78
CA LEU A 526 31.32 -25.11 6.41
C LEU A 526 29.95 -24.64 6.90
N TYR A 527 29.89 -23.49 7.57
CA TYR A 527 28.58 -23.01 8.04
C TYR A 527 27.67 -22.65 6.87
N LYS A 528 28.22 -21.99 5.85
CA LYS A 528 27.45 -21.79 4.62
C LYS A 528 26.79 -23.09 4.14
N GLU A 529 27.55 -24.20 4.12
CA GLU A 529 27.06 -25.44 3.49
C GLU A 529 26.09 -26.22 4.39
N ARG A 530 26.26 -26.14 5.71
CA ARG A 530 25.28 -26.70 6.64
C ARG A 530 24.03 -25.81 6.74
N ASP A 539 24.90 -29.34 1.52
CA ASP A 539 25.72 -29.23 0.33
C ASP A 539 27.18 -29.58 0.63
N ILE A 540 27.45 -29.91 1.90
CA ILE A 540 28.82 -30.24 2.33
C ILE A 540 29.26 -31.60 1.77
N LYS A 541 28.33 -32.51 1.51
CA LYS A 541 28.68 -33.77 0.86
C LYS A 541 29.25 -33.53 -0.54
N ASP A 542 28.79 -32.47 -1.22
CA ASP A 542 29.32 -32.15 -2.54
C ASP A 542 30.78 -31.71 -2.46
N LEU A 543 31.10 -30.90 -1.47
CA LEU A 543 32.48 -30.48 -1.24
C LEU A 543 33.40 -31.68 -1.11
N VAL A 544 32.98 -32.68 -0.34
CA VAL A 544 33.83 -33.87 -0.15
C VAL A 544 33.98 -34.64 -1.46
N THR A 545 32.88 -34.80 -2.20
CA THR A 545 32.95 -35.45 -3.50
C THR A 545 33.88 -34.70 -4.45
N GLN A 546 33.70 -33.38 -4.57
CA GLN A 546 34.48 -32.59 -5.51
C GLN A 546 35.96 -32.68 -5.19
N ILE A 547 36.32 -32.48 -3.92
CA ILE A 547 37.72 -32.35 -3.54
C ILE A 547 38.42 -33.71 -3.52
N LEU A 548 37.77 -34.75 -3.00
CA LEU A 548 38.44 -36.02 -2.72
C LEU A 548 38.06 -37.16 -3.62
N LEU A 549 36.86 -37.19 -4.19
CA LEU A 549 36.36 -38.43 -4.77
C LEU A 549 36.19 -38.39 -6.28
N GLU A 550 35.72 -37.27 -6.83
CA GLU A 550 35.32 -37.22 -8.23
C GLU A 550 36.39 -36.47 -9.00
N PRO A 551 37.10 -37.11 -9.92
CA PRO A 551 38.03 -36.38 -10.79
C PRO A 551 37.28 -35.54 -11.80
N ILE A 552 38.00 -34.64 -12.45
CA ILE A 552 37.42 -33.77 -13.48
C ILE A 552 37.84 -34.30 -14.83
N PRO A 553 36.90 -34.49 -15.77
CA PRO A 553 37.27 -34.99 -17.10
C PRO A 553 38.06 -33.95 -17.86
N LEU A 554 39.06 -34.41 -18.59
CA LEU A 554 39.97 -33.51 -19.31
C LEU A 554 39.63 -33.39 -20.79
N GLN B 26 19.98 -52.89 6.54
CA GLN B 26 20.62 -54.09 5.98
C GLN B 26 19.72 -55.33 6.08
N PRO B 27 19.06 -55.58 7.24
CA PRO B 27 18.11 -56.71 7.31
C PRO B 27 16.72 -56.33 6.84
N TYR B 28 16.36 -55.06 6.97
CA TYR B 28 15.07 -54.55 6.52
C TYR B 28 15.32 -53.46 5.49
N ASP B 29 14.88 -53.70 4.26
CA ASP B 29 15.00 -52.73 3.19
C ASP B 29 13.92 -51.66 3.33
N ASP B 30 14.12 -50.55 2.62
CA ASP B 30 13.07 -49.56 2.50
C ASP B 30 11.90 -50.14 1.72
N SER B 31 10.68 -49.89 2.18
CA SER B 31 9.54 -50.31 1.41
C SER B 31 9.42 -49.47 0.14
N HIS B 32 8.58 -49.94 -0.79
CA HIS B 32 8.40 -49.22 -2.04
C HIS B 32 7.78 -47.84 -1.82
N CYS B 33 6.84 -47.74 -0.88
CA CYS B 33 6.21 -46.44 -0.60
C CYS B 33 7.25 -45.47 -0.01
N MET B 34 8.19 -45.98 0.77
CA MET B 34 9.25 -45.12 1.31
C MET B 34 10.13 -44.61 0.19
N GLU B 35 10.56 -45.52 -0.69
CA GLU B 35 11.38 -45.11 -1.83
C GLU B 35 10.69 -44.03 -2.64
N ARG B 36 9.39 -44.15 -2.84
CA ARG B 36 8.68 -43.19 -3.66
C ARG B 36 8.58 -41.85 -2.94
N ALA B 37 8.31 -41.86 -1.64
CA ALA B 37 8.24 -40.62 -0.88
C ALA B 37 9.59 -39.90 -0.88
N GLU B 38 10.69 -40.62 -0.62
CA GLU B 38 12.01 -40.00 -0.61
C GLU B 38 12.35 -39.36 -1.96
N ARG B 39 11.97 -40.02 -3.06
CA ARG B 39 12.09 -39.40 -4.36
C ARG B 39 11.28 -38.11 -4.42
N LEU B 40 9.97 -38.20 -4.12
CA LEU B 40 9.11 -37.03 -4.15
C LEU B 40 9.65 -35.90 -3.27
N ILE B 41 10.30 -36.24 -2.16
CA ILE B 41 10.87 -35.20 -1.30
C ILE B 41 11.95 -34.44 -2.06
N GLY B 42 12.85 -35.17 -2.73
CA GLY B 42 13.91 -34.52 -3.48
C GLY B 42 13.37 -33.65 -4.61
N GLU B 43 12.36 -34.14 -5.32
CA GLU B 43 11.73 -33.31 -6.35
C GLU B 43 11.14 -32.05 -5.75
N ILE B 44 10.41 -32.18 -4.63
CA ILE B 44 9.76 -31.02 -4.02
C ILE B 44 10.79 -30.06 -3.43
N LYS B 45 11.90 -30.59 -2.90
CA LYS B 45 12.99 -29.72 -2.48
C LYS B 45 13.54 -28.91 -3.65
N ASP B 46 13.70 -29.56 -4.82
CA ASP B 46 14.12 -28.87 -6.04
C ASP B 46 13.15 -27.75 -6.39
N MET B 47 11.84 -28.01 -6.24
CA MET B 47 10.84 -26.97 -6.49
C MET B 47 11.10 -25.75 -5.60
N PHE B 48 11.49 -25.98 -4.34
CA PHE B 48 11.81 -24.87 -3.46
C PHE B 48 13.08 -24.13 -3.92
N ASN B 49 14.07 -24.87 -4.43
CA ASN B 49 15.32 -24.26 -4.85
C ASN B 49 15.18 -23.53 -6.17
N GLU B 50 14.45 -24.12 -7.13
CA GLU B 50 14.09 -23.36 -8.33
C GLU B 50 13.36 -22.07 -7.97
N SER B 51 12.65 -22.08 -6.84
CA SER B 51 11.96 -20.87 -6.41
C SER B 51 12.93 -19.85 -5.85
N GLY B 52 13.82 -20.28 -4.95
CA GLY B 52 14.83 -19.41 -4.37
C GLY B 52 15.85 -18.91 -5.39
N LYS B 53 15.94 -19.61 -6.52
CA LYS B 53 16.85 -19.18 -7.60
C LYS B 53 16.17 -18.10 -8.44
N PHE B 54 14.85 -18.20 -8.63
CA PHE B 54 14.12 -17.12 -9.35
C PHE B 54 14.69 -15.78 -8.89
N CYS B 55 15.41 -15.09 -9.78
CA CYS B 55 16.07 -13.82 -9.41
C CYS B 55 15.03 -12.74 -9.08
N GLY B 56 13.82 -12.87 -9.62
CA GLY B 56 12.79 -11.85 -9.39
C GLY B 56 12.18 -11.91 -8.00
N GLU B 57 11.22 -11.03 -7.73
CA GLU B 57 10.50 -11.00 -6.42
C GLU B 57 9.33 -11.97 -6.50
N ASN B 58 9.47 -13.15 -5.91
CA ASN B 58 8.43 -14.20 -5.99
C ASN B 58 7.98 -14.56 -4.57
N ALA B 59 7.88 -13.56 -3.69
CA ALA B 59 7.57 -13.87 -2.29
C ALA B 59 6.30 -14.70 -2.18
N PHE B 60 5.23 -14.27 -2.86
CA PHE B 60 3.96 -14.97 -2.76
C PHE B 60 4.07 -16.41 -3.24
N GLU B 61 4.70 -16.63 -4.40
CA GLU B 61 4.86 -17.99 -4.91
C GLU B 61 5.56 -18.89 -3.90
N ARG B 62 6.53 -18.35 -3.19
CA ARG B 62 7.23 -19.15 -2.20
C ARG B 62 6.36 -19.36 -0.97
N LEU B 63 5.51 -18.38 -0.66
CA LEU B 63 4.60 -18.52 0.47
C LEU B 63 3.53 -19.56 0.17
N VAL B 64 3.02 -19.58 -1.06
CA VAL B 64 2.00 -20.54 -1.42
C VAL B 64 2.53 -21.97 -1.32
N MET B 65 3.78 -22.19 -1.72
CA MET B 65 4.36 -23.54 -1.64
C MET B 65 4.54 -23.98 -0.20
N VAL B 66 5.02 -23.08 0.66
CA VAL B 66 5.06 -23.34 2.11
C VAL B 66 3.67 -23.75 2.61
N ASP B 67 2.66 -22.94 2.27
CA ASP B 67 1.30 -23.21 2.71
C ASP B 67 0.89 -24.66 2.45
N LYS B 68 1.01 -25.10 1.19
CA LYS B 68 0.58 -26.44 0.78
C LYS B 68 1.27 -27.52 1.60
N VAL B 69 2.61 -27.52 1.63
CA VAL B 69 3.26 -28.57 2.40
C VAL B 69 3.01 -28.42 3.88
N GLN B 70 2.59 -27.24 4.35
CA GLN B 70 2.24 -27.15 5.76
C GLN B 70 0.83 -27.68 6.05
N ARG B 71 -0.18 -27.29 5.29
CA ARG B 71 -1.51 -27.81 5.57
C ARG B 71 -1.54 -29.31 5.46
N LEU B 72 -0.69 -29.88 4.61
CA LEU B 72 -0.61 -31.32 4.42
C LEU B 72 0.37 -31.99 5.38
N ALA B 73 0.90 -31.26 6.36
CA ALA B 73 1.74 -31.79 7.42
C ALA B 73 2.91 -32.61 6.90
N ILE B 74 3.43 -32.28 5.73
CA ILE B 74 4.71 -32.85 5.31
C ILE B 74 5.84 -31.84 5.46
N ASP B 75 5.59 -30.74 6.17
CA ASP B 75 6.58 -29.69 6.34
C ASP B 75 7.81 -30.16 7.10
N ARG B 76 7.72 -31.28 7.85
CA ARG B 76 8.90 -31.70 8.61
C ARG B 76 10.04 -32.17 7.72
N HIS B 77 9.77 -32.46 6.45
CA HIS B 77 10.79 -32.88 5.50
C HIS B 77 11.46 -31.73 4.78
N PHE B 78 10.96 -30.50 4.94
CA PHE B 78 11.41 -29.34 4.18
C PHE B 78 11.73 -28.18 5.09
N GLN B 79 12.41 -28.44 6.21
CA GLN B 79 12.57 -27.38 7.19
C GLN B 79 13.62 -26.33 6.80
N ASN B 80 14.63 -26.70 6.03
CA ASN B 80 15.54 -25.67 5.53
C ASN B 80 14.89 -24.86 4.42
N GLU B 81 14.23 -25.55 3.48
CA GLU B 81 13.58 -24.86 2.38
C GLU B 81 12.55 -23.88 2.88
N ILE B 82 11.79 -24.27 3.91
CA ILE B 82 10.76 -23.40 4.45
C ILE B 82 11.39 -22.24 5.22
N ALA B 83 12.48 -22.50 5.94
CA ALA B 83 13.18 -21.41 6.61
C ALA B 83 13.67 -20.38 5.59
N GLN B 84 14.31 -20.85 4.51
CA GLN B 84 14.75 -19.93 3.46
C GLN B 84 13.59 -19.19 2.83
N ALA B 85 12.50 -19.89 2.53
CA ALA B 85 11.38 -19.25 1.84
C ALA B 85 10.72 -18.20 2.73
N LEU B 86 10.54 -18.49 4.02
CA LEU B 86 9.85 -17.55 4.89
C LEU B 86 10.75 -16.38 5.29
N ASP B 87 12.06 -16.59 5.39
CA ASP B 87 13.01 -15.48 5.50
C ASP B 87 12.86 -14.54 4.31
N TYR B 88 12.76 -15.10 3.12
CA TYR B 88 12.52 -14.28 1.94
C TYR B 88 11.19 -13.55 2.06
N VAL B 89 10.13 -14.28 2.41
CA VAL B 89 8.81 -13.65 2.50
C VAL B 89 8.81 -12.58 3.57
N TYR B 90 9.55 -12.80 4.66
CA TYR B 90 9.60 -11.80 5.72
C TYR B 90 10.35 -10.55 5.27
N ARG B 91 11.43 -10.70 4.49
CA ARG B 91 12.15 -9.54 3.98
C ARG B 91 11.27 -8.67 3.10
N TYR B 92 10.47 -9.30 2.23
CA TYR B 92 9.59 -8.58 1.31
C TYR B 92 8.15 -8.57 1.81
N TRP B 93 7.98 -8.48 3.13
CA TRP B 93 6.65 -8.59 3.69
C TRP B 93 5.73 -7.50 3.14
N SER B 94 6.28 -6.29 2.93
CA SER B 94 5.53 -5.21 2.31
C SER B 94 5.07 -5.57 0.89
N ASP B 95 5.95 -6.20 0.11
CA ASP B 95 5.57 -6.60 -1.24
C ASP B 95 4.53 -7.71 -1.24
N CYS B 96 4.44 -8.46 -0.14
CA CYS B 96 3.69 -9.69 -0.12
C CYS B 96 2.34 -9.55 0.57
N SER B 97 2.00 -8.33 0.98
CA SER B 97 0.70 -8.06 1.64
C SER B 97 -0.11 -7.15 0.74
N ARG B 98 -0.04 -7.37 -0.56
CA ARG B 98 -0.70 -6.47 -1.51
C ARG B 98 -2.21 -6.59 -1.48
N ASP B 99 -2.77 -7.77 -1.20
CA ASP B 99 -4.22 -7.88 -1.11
C ASP B 99 -4.61 -8.70 0.12
N LEU B 100 -5.91 -8.76 0.38
CA LEU B 100 -6.42 -9.44 1.57
C LEU B 100 -5.88 -10.85 1.69
N ASN B 101 -5.85 -11.59 0.59
CA ASN B 101 -5.49 -13.01 0.62
C ASN B 101 -4.05 -13.20 1.07
N SER B 102 -3.12 -12.49 0.42
CA SER B 102 -1.72 -12.68 0.76
C SER B 102 -1.39 -12.07 2.11
N ALA B 103 -2.05 -10.96 2.48
CA ALA B 103 -1.86 -10.42 3.82
C ALA B 103 -2.25 -11.44 4.87
N ALA B 104 -3.44 -12.02 4.71
CA ALA B 104 -3.94 -12.98 5.70
C ALA B 104 -3.12 -14.26 5.68
N LEU B 105 -2.81 -14.76 4.48
CA LEU B 105 -1.99 -15.96 4.37
C LEU B 105 -0.64 -15.80 5.06
N GLY B 106 0.09 -14.74 4.70
CA GLY B 106 1.40 -14.54 5.28
C GLY B 106 1.36 -14.12 6.74
N LEU B 107 0.31 -13.44 7.17
CA LEU B 107 0.21 -13.11 8.59
C LEU B 107 0.20 -14.38 9.44
N ARG B 108 -0.69 -15.33 9.11
CA ARG B 108 -0.77 -16.59 9.86
C ARG B 108 0.51 -17.39 9.75
N ILE B 109 1.00 -17.60 8.53
CA ILE B 109 2.16 -18.48 8.39
C ILE B 109 3.40 -17.88 9.03
N LEU B 110 3.63 -16.57 8.87
CA LEU B 110 4.80 -15.98 9.51
C LEU B 110 4.63 -15.97 11.02
N ARG B 111 3.44 -15.63 11.50
CA ARG B 111 3.22 -15.63 12.94
C ARG B 111 3.40 -17.02 13.54
N LEU B 112 2.86 -18.05 12.87
CA LEU B 112 2.99 -19.39 13.43
C LEU B 112 4.44 -19.84 13.46
N ASN B 113 5.29 -19.33 12.57
CA ASN B 113 6.70 -19.68 12.59
C ASN B 113 7.54 -18.65 13.35
N ARG B 114 6.91 -17.87 14.21
CA ARG B 114 7.55 -17.03 15.22
C ARG B 114 8.28 -15.81 14.64
N TYR B 115 7.98 -15.42 13.40
CA TYR B 115 8.35 -14.09 12.95
C TYR B 115 7.46 -13.05 13.65
N PRO B 116 8.01 -11.86 13.96
CA PRO B 116 7.20 -10.85 14.64
C PRO B 116 6.41 -9.97 13.68
N VAL B 117 5.24 -10.41 13.27
CA VAL B 117 4.43 -9.70 12.30
C VAL B 117 3.22 -9.16 13.03
N SER B 118 2.72 -8.02 12.57
CA SER B 118 1.60 -7.33 13.20
C SER B 118 0.31 -7.70 12.49
N SER B 119 -0.75 -7.87 13.27
CA SER B 119 -2.07 -8.00 12.67
C SER B 119 -2.54 -6.70 12.02
N ASP B 120 -1.76 -5.62 12.15
CA ASP B 120 -2.11 -4.36 11.53
C ASP B 120 -2.16 -4.45 10.02
N VAL B 121 -1.45 -5.38 9.39
CA VAL B 121 -1.54 -5.47 7.94
C VAL B 121 -2.99 -5.61 7.50
N LEU B 122 -3.82 -6.27 8.32
CA LEU B 122 -5.22 -6.41 7.97
C LEU B 122 -5.99 -5.09 8.03
N ARG B 123 -5.47 -4.08 8.70
CA ARG B 123 -6.23 -2.81 8.83
C ARG B 123 -6.42 -2.17 7.46
N HIS B 124 -5.42 -2.29 6.59
CA HIS B 124 -5.49 -1.71 5.25
C HIS B 124 -6.64 -2.23 4.41
N PHE B 125 -7.34 -3.28 4.81
CA PHE B 125 -8.42 -3.85 3.99
C PHE B 125 -9.78 -3.73 4.64
N LYS B 126 -9.88 -3.08 5.79
CA LYS B 126 -11.16 -2.86 6.44
C LYS B 126 -11.75 -1.56 5.90
N GLY B 127 -12.81 -1.67 5.11
CA GLY B 127 -13.51 -0.51 4.62
C GLY B 127 -14.55 -0.03 5.61
N ASN B 128 -15.46 0.81 5.11
CA ASN B 128 -16.62 1.22 5.88
C ASN B 128 -17.62 0.08 5.99
N ASP B 129 -18.49 0.16 7.00
CA ASP B 129 -19.43 -0.89 7.36
C ASP B 129 -18.72 -2.14 7.89
N GLY B 130 -17.53 -1.95 8.47
CA GLY B 130 -16.79 -3.05 9.08
C GLY B 130 -16.51 -4.23 8.17
N GLN B 131 -16.49 -4.02 6.86
CA GLN B 131 -16.24 -5.08 5.90
C GLN B 131 -14.75 -5.20 5.61
N PHE B 132 -14.37 -6.32 5.02
CA PHE B 132 -13.01 -6.52 4.52
C PHE B 132 -13.07 -6.72 3.02
N LEU B 133 -12.14 -6.10 2.30
CA LEU B 133 -12.23 -5.92 0.86
C LEU B 133 -11.30 -6.85 0.12
N CYS B 134 -11.82 -7.48 -0.93
CA CYS B 134 -10.99 -8.27 -1.85
C CYS B 134 -10.78 -7.52 -3.15
N PRO B 135 -9.77 -7.87 -3.93
CA PRO B 135 -9.64 -7.26 -5.26
C PRO B 135 -10.94 -7.43 -6.05
N SER B 136 -11.42 -6.33 -6.63
CA SER B 136 -12.69 -6.38 -7.35
C SER B 136 -12.64 -7.36 -8.54
N ALA B 137 -11.46 -7.53 -9.13
CA ALA B 137 -11.29 -8.44 -10.26
C ALA B 137 -11.35 -9.91 -9.87
N GLN B 138 -11.64 -10.25 -8.63
CA GLN B 138 -11.57 -11.64 -8.21
C GLN B 138 -12.89 -12.33 -8.49
N SER B 139 -12.80 -13.57 -8.96
CA SER B 139 -14.00 -14.40 -9.10
C SER B 139 -14.59 -14.66 -7.74
N GLU B 140 -15.88 -15.00 -7.71
CA GLU B 140 -16.53 -15.34 -6.45
C GLU B 140 -15.76 -16.45 -5.73
N GLU B 141 -15.19 -17.38 -6.50
CA GLU B 141 -14.40 -18.45 -5.89
C GLU B 141 -13.10 -17.90 -5.30
N GLU B 142 -12.48 -16.93 -5.99
CA GLU B 142 -11.25 -16.35 -5.48
C GLU B 142 -11.51 -15.44 -4.28
N LYS B 143 -12.64 -14.73 -4.27
CA LYS B 143 -12.96 -13.92 -3.10
C LYS B 143 -13.25 -14.81 -1.89
N ILE B 144 -13.83 -16.00 -2.11
CA ILE B 144 -14.05 -16.94 -1.02
C ILE B 144 -12.73 -17.46 -0.48
N GLY B 145 -11.79 -17.77 -1.37
CA GLY B 145 -10.46 -18.15 -0.93
C GLY B 145 -9.80 -17.07 -0.08
N SER B 146 -9.95 -15.80 -0.47
CA SER B 146 -9.41 -14.70 0.32
C SER B 146 -10.03 -14.65 1.71
N ILE B 147 -11.35 -14.78 1.79
CA ILE B 147 -12.04 -14.71 3.07
C ILE B 147 -11.72 -15.93 3.93
N LEU B 148 -11.47 -17.07 3.31
CA LEU B 148 -11.05 -18.24 4.08
C LEU B 148 -9.71 -17.99 4.75
N ASN B 149 -8.75 -17.48 4.00
CA ASN B 149 -7.44 -17.17 4.57
C ASN B 149 -7.53 -16.06 5.61
N LEU B 150 -8.43 -15.09 5.41
CA LEU B 150 -8.70 -14.11 6.47
C LEU B 150 -9.19 -14.81 7.71
N TYR B 151 -10.19 -15.69 7.56
CA TYR B 151 -10.69 -16.45 8.70
C TYR B 151 -9.58 -17.25 9.37
N ARG B 152 -8.79 -17.97 8.58
CA ARG B 152 -7.74 -18.80 9.18
C ARG B 152 -6.73 -17.94 9.93
N ALA B 153 -6.45 -16.73 9.44
CA ALA B 153 -5.52 -15.83 10.12
C ALA B 153 -6.10 -15.30 11.42
N SER B 154 -7.38 -14.94 11.43
CA SER B 154 -7.97 -14.30 12.61
C SER B 154 -7.95 -15.21 13.83
N LEU B 155 -7.79 -16.51 13.63
CA LEU B 155 -7.83 -17.47 14.76
C LEU B 155 -6.53 -17.46 15.57
N ILE B 156 -5.42 -16.97 14.99
CA ILE B 156 -4.13 -16.87 15.73
C ILE B 156 -4.03 -15.45 16.28
N ALA B 157 -4.89 -15.12 17.23
CA ALA B 157 -4.98 -13.74 17.72
C ALA B 157 -4.28 -13.54 19.07
N PHE B 158 -3.57 -12.42 19.18
CA PHE B 158 -2.96 -12.05 20.45
C PHE B 158 -3.86 -11.09 21.19
N PRO B 159 -3.68 -10.90 22.50
CA PRO B 159 -4.55 -9.97 23.23
C PRO B 159 -4.43 -8.55 22.69
N GLU B 160 -5.56 -7.86 22.66
CA GLU B 160 -5.67 -6.47 22.23
C GLU B 160 -5.45 -6.30 20.73
N GLU B 161 -5.57 -7.37 19.96
CA GLU B 161 -5.62 -7.27 18.50
C GLU B 161 -7.07 -7.30 18.08
N ASN B 162 -7.73 -6.14 18.13
CA ASN B 162 -9.16 -6.09 17.85
C ASN B 162 -9.46 -6.30 16.37
N ILE B 163 -8.52 -5.97 15.49
CA ILE B 163 -8.74 -6.27 14.07
C ILE B 163 -8.96 -7.76 13.88
N MET B 164 -8.40 -8.58 14.77
CA MET B 164 -8.56 -10.03 14.64
C MET B 164 -9.97 -10.43 15.03
N ASP B 165 -10.50 -9.85 16.11
CA ASP B 165 -11.92 -10.05 16.43
C ASP B 165 -12.81 -9.60 15.28
N GLU B 166 -12.49 -8.46 14.66
CA GLU B 166 -13.31 -7.97 13.56
C GLU B 166 -13.23 -8.88 12.36
N ALA B 167 -12.00 -9.30 12.00
CA ALA B 167 -11.82 -10.19 10.86
C ALA B 167 -12.61 -11.48 11.05
N LYS B 168 -12.57 -12.04 12.26
CA LYS B 168 -13.24 -13.31 12.48
C LYS B 168 -14.74 -13.16 12.29
N ALA B 169 -15.36 -12.22 13.00
CA ALA B 169 -16.78 -11.97 12.86
C ALA B 169 -17.16 -11.78 11.39
N PHE B 170 -16.47 -10.87 10.69
CA PHE B 170 -16.83 -10.62 9.30
C PHE B 170 -16.70 -11.88 8.45
N ALA B 171 -15.58 -12.58 8.57
CA ALA B 171 -15.38 -13.76 7.72
C ALA B 171 -16.31 -14.91 8.10
N THR B 172 -16.68 -15.01 9.37
CA THR B 172 -17.60 -16.05 9.79
C THR B 172 -18.97 -15.84 9.17
N THR B 173 -19.50 -14.63 9.32
CA THR B 173 -20.74 -14.23 8.66
C THR B 173 -20.67 -14.45 7.16
N TYR B 174 -19.65 -13.87 6.51
CA TYR B 174 -19.52 -14.01 5.07
C TYR B 174 -19.50 -15.48 4.64
N LEU B 175 -18.67 -16.28 5.29
CA LEU B 175 -18.52 -17.67 4.86
C LEU B 175 -19.79 -18.47 5.07
N ASN B 176 -20.59 -18.13 6.10
CA ASN B 176 -21.84 -18.84 6.32
C ASN B 176 -22.87 -18.48 5.24
N GLN B 177 -23.05 -17.17 4.99
CA GLN B 177 -23.93 -16.75 3.91
C GLN B 177 -23.52 -17.36 2.57
N VAL B 178 -22.23 -17.64 2.38
CA VAL B 178 -21.81 -18.36 1.19
C VAL B 178 -22.46 -19.74 1.16
N LEU B 179 -22.38 -20.44 2.28
CA LEU B 179 -22.86 -21.84 2.32
C LEU B 179 -24.37 -21.84 2.11
N GLN B 180 -25.06 -20.93 2.78
CA GLN B 180 -26.54 -20.87 2.68
C GLN B 180 -26.90 -20.46 1.25
N ASN B 181 -26.69 -19.20 0.89
CA ASN B 181 -27.15 -18.71 -0.43
C ASN B 181 -26.00 -18.61 -1.42
N ASN B 182 -25.60 -19.73 -2.03
CA ASN B 182 -24.57 -19.64 -3.10
C ASN B 182 -24.33 -20.99 -3.77
N ASN B 183 -24.37 -21.03 -5.11
CA ASN B 183 -24.01 -22.23 -5.86
C ASN B 183 -22.49 -22.31 -5.82
N ILE B 184 -21.96 -23.18 -4.98
CA ILE B 184 -20.52 -23.30 -4.79
C ILE B 184 -20.10 -24.72 -5.14
N SER B 185 -18.87 -24.85 -5.64
CA SER B 185 -18.36 -26.16 -6.02
C SER B 185 -18.22 -27.05 -4.80
N SER B 186 -18.02 -28.34 -5.07
CA SER B 186 -18.02 -29.33 -3.99
C SER B 186 -16.80 -29.18 -3.09
N HIS B 187 -15.60 -29.05 -3.68
CA HIS B 187 -14.39 -28.97 -2.88
C HIS B 187 -14.36 -27.69 -2.05
N LEU B 188 -14.79 -26.57 -2.62
CA LEU B 188 -14.77 -25.32 -1.87
C LEU B 188 -15.74 -25.38 -0.70
N SER B 189 -16.93 -25.94 -0.92
CA SER B 189 -17.86 -26.11 0.19
C SER B 189 -17.29 -27.03 1.26
N LYS B 190 -16.57 -28.06 0.84
CA LYS B 190 -15.87 -28.92 1.79
C LYS B 190 -14.91 -28.11 2.63
N GLU B 191 -14.16 -27.20 1.98
CA GLU B 191 -13.13 -26.43 2.67
C GLU B 191 -13.74 -25.43 3.64
N ILE B 192 -14.83 -24.77 3.26
CA ILE B 192 -15.50 -23.84 4.16
C ILE B 192 -15.97 -24.58 5.40
N LYS B 193 -16.64 -25.72 5.20
CA LYS B 193 -17.24 -26.43 6.34
C LYS B 193 -16.17 -26.95 7.28
N TYR B 194 -15.10 -27.53 6.73
CA TYR B 194 -13.99 -27.98 7.56
C TYR B 194 -13.39 -26.84 8.39
N ASN B 195 -13.12 -25.70 7.76
CA ASN B 195 -12.52 -24.59 8.48
C ASN B 195 -13.47 -24.00 9.51
N LEU B 196 -14.75 -23.88 9.16
CA LEU B 196 -15.69 -23.33 10.14
C LEU B 196 -15.83 -24.27 11.32
N GLU B 197 -15.74 -25.59 11.08
CA GLU B 197 -15.99 -26.54 12.17
C GLU B 197 -14.80 -26.66 13.11
N TYR B 198 -13.61 -26.88 12.57
CA TYR B 198 -12.45 -27.18 13.40
C TYR B 198 -11.73 -25.95 13.92
N GLY B 199 -11.57 -24.91 13.10
CA GLY B 199 -10.85 -23.79 13.68
C GLY B 199 -9.40 -24.15 13.91
N TRP B 200 -8.76 -23.42 14.82
CA TRP B 200 -7.35 -23.68 15.05
C TRP B 200 -7.12 -24.42 16.36
N HIS B 201 -7.78 -23.98 17.43
CA HIS B 201 -7.46 -24.48 18.76
C HIS B 201 -8.01 -25.89 18.98
N THR B 202 -9.12 -26.22 18.35
CA THR B 202 -9.68 -27.58 18.39
C THR B 202 -9.27 -28.36 17.15
N ASN B 203 -7.96 -28.56 16.99
CA ASN B 203 -7.46 -29.05 15.72
C ASN B 203 -6.04 -29.54 15.92
N LEU B 204 -5.56 -30.34 14.98
CA LEU B 204 -4.21 -30.88 15.06
C LEU B 204 -3.66 -30.99 13.66
N PRO B 205 -2.33 -30.96 13.50
CA PRO B 205 -1.76 -30.92 12.15
C PRO B 205 -2.24 -32.04 11.24
N ARG B 206 -2.13 -33.31 11.67
CA ARG B 206 -2.52 -34.42 10.78
C ARG B 206 -4.02 -34.46 10.53
N VAL B 207 -4.82 -33.89 11.43
CA VAL B 207 -6.25 -33.77 11.16
C VAL B 207 -6.46 -32.82 9.99
N GLU B 208 -5.84 -31.63 10.05
CA GLU B 208 -5.91 -30.72 8.91
C GLU B 208 -5.36 -31.40 7.66
N ALA B 209 -4.23 -32.08 7.78
CA ALA B 209 -3.65 -32.76 6.62
C ALA B 209 -4.64 -33.76 6.00
N ARG B 210 -5.33 -34.54 6.84
CA ARG B 210 -6.23 -35.57 6.31
C ARG B 210 -7.41 -34.94 5.57
N ASN B 211 -7.89 -33.80 6.04
CA ASN B 211 -8.94 -33.08 5.32
C ASN B 211 -8.42 -32.46 4.03
N TYR B 212 -7.24 -31.85 4.05
CA TYR B 212 -6.79 -31.17 2.86
C TYR B 212 -6.32 -32.13 1.80
N MET B 213 -6.00 -33.38 2.17
CA MET B 213 -5.82 -34.41 1.15
C MET B 213 -7.06 -34.54 0.26
N ASP B 214 -8.25 -34.37 0.85
CA ASP B 214 -9.48 -34.44 0.08
C ASP B 214 -9.86 -33.10 -0.52
N ILE B 215 -9.65 -32.00 0.21
CA ILE B 215 -10.04 -30.69 -0.30
C ILE B 215 -9.21 -30.31 -1.52
N TYR B 216 -7.94 -30.71 -1.54
CA TYR B 216 -7.07 -30.48 -2.68
C TYR B 216 -7.26 -31.56 -3.76
N GLY B 217 -7.32 -32.83 -3.35
CA GLY B 217 -7.35 -33.93 -4.31
C GLY B 217 -8.58 -33.92 -5.19
N GLU B 218 -9.72 -33.51 -4.66
CA GLU B 218 -10.98 -33.40 -5.38
C GLU B 218 -11.14 -32.07 -6.10
N ASN B 219 -10.05 -31.36 -6.34
CA ASN B 219 -10.08 -30.09 -7.06
C ASN B 219 -9.28 -30.31 -8.33
N ARG B 220 -9.97 -30.41 -9.48
CA ARG B 220 -9.25 -30.71 -10.72
C ARG B 220 -8.27 -29.60 -11.04
N SER B 221 -8.68 -28.35 -10.88
CA SER B 221 -7.77 -27.25 -11.21
C SER B 221 -6.53 -27.30 -10.33
N TRP B 222 -6.69 -27.68 -9.06
CA TRP B 222 -5.54 -27.72 -8.17
C TRP B 222 -4.58 -28.84 -8.57
N THR B 223 -5.12 -30.03 -8.80
CA THR B 223 -4.25 -31.16 -9.12
C THR B 223 -3.51 -30.97 -10.43
N GLU B 224 -4.03 -30.14 -11.33
CA GLU B 224 -3.40 -29.95 -12.63
C GLU B 224 -2.25 -28.95 -12.57
N MET B 225 -2.25 -28.02 -11.62
CA MET B 225 -1.17 -27.06 -11.46
C MET B 225 0.15 -27.76 -11.17
N GLY B 226 1.24 -27.21 -11.70
CA GLY B 226 2.50 -27.94 -11.73
C GLY B 226 3.08 -28.17 -10.35
N GLY B 227 3.43 -29.42 -10.06
CA GLY B 227 3.99 -29.78 -8.77
C GLY B 227 2.98 -30.11 -7.70
N ASN B 228 1.75 -29.58 -7.81
CA ASN B 228 0.75 -29.81 -6.77
C ASN B 228 0.50 -31.30 -6.55
N MET B 229 0.55 -32.08 -7.64
CA MET B 229 0.26 -33.50 -7.54
C MET B 229 1.40 -34.26 -6.88
N GLN B 230 2.65 -33.83 -7.09
CA GLN B 230 3.73 -34.43 -6.34
C GLN B 230 3.61 -34.11 -4.86
N ILE B 231 3.18 -32.89 -4.54
CA ILE B 231 3.02 -32.52 -3.14
C ILE B 231 1.95 -33.38 -2.48
N LEU B 232 0.79 -33.51 -3.14
CA LEU B 232 -0.32 -34.26 -2.57
C LEU B 232 0.03 -35.73 -2.40
N ASN B 233 0.72 -36.30 -3.39
CA ASN B 233 1.07 -37.71 -3.33
C ASN B 233 2.09 -37.97 -2.25
N LEU B 234 3.08 -37.09 -2.10
CA LEU B 234 3.97 -37.20 -0.94
C LEU B 234 3.17 -37.18 0.35
N ALA B 235 2.16 -36.32 0.45
CA ALA B 235 1.42 -36.21 1.69
C ALA B 235 0.68 -37.51 2.00
N LYS B 236 -0.06 -38.02 0.99
CA LYS B 236 -0.72 -39.32 1.13
C LYS B 236 0.29 -40.39 1.48
N LEU B 237 1.38 -40.47 0.71
CA LEU B 237 2.40 -41.47 0.99
C LEU B 237 2.91 -41.34 2.42
N ASP B 238 3.27 -40.13 2.84
CA ASP B 238 3.80 -39.94 4.18
C ASP B 238 2.76 -40.29 5.23
N PHE B 239 1.51 -39.94 4.99
CA PHE B 239 0.44 -40.29 5.93
C PHE B 239 0.32 -41.80 6.09
N ASN B 240 0.37 -42.55 5.00
CA ASN B 240 0.23 -43.99 5.08
C ASN B 240 1.46 -44.66 5.66
N ILE B 241 2.65 -44.18 5.32
CA ILE B 241 3.88 -44.76 5.84
C ILE B 241 3.94 -44.62 7.36
N MET B 242 3.56 -43.44 7.88
CA MET B 242 3.69 -43.21 9.32
C MET B 242 2.51 -43.79 10.09
N GLN B 243 1.31 -43.79 9.49
CA GLN B 243 0.19 -44.47 10.10
C GLN B 243 0.50 -45.94 10.36
N SER B 244 1.27 -46.56 9.47
CA SER B 244 1.54 -47.98 9.69
C SER B 244 2.64 -48.17 10.73
N VAL B 245 3.58 -47.23 10.84
CA VAL B 245 4.47 -47.21 12.00
C VAL B 245 3.67 -47.01 13.29
N HIS B 246 2.74 -46.05 13.31
CA HIS B 246 1.94 -45.80 14.51
C HIS B 246 1.03 -46.99 14.81
N ARG B 247 0.52 -47.65 13.80
CA ARG B 247 -0.36 -48.84 14.05
C ARG B 247 0.47 -49.91 14.73
N LEU B 248 1.67 -50.16 14.24
CA LEU B 248 2.53 -51.11 14.94
C LEU B 248 2.73 -50.70 16.38
N GLU B 249 3.14 -49.44 16.61
CA GLU B 249 3.43 -48.99 17.96
C GLU B 249 2.24 -49.20 18.88
N LEU B 250 1.04 -48.98 18.36
CA LEU B 250 -0.17 -49.20 19.14
C LEU B 250 -0.21 -50.59 19.77
N GLU B 251 0.44 -51.59 19.12
CA GLU B 251 0.40 -52.95 19.68
C GLU B 251 1.07 -53.01 21.04
N SER B 252 2.17 -52.29 21.22
CA SER B 252 2.79 -52.23 22.55
C SER B 252 1.87 -51.55 23.57
N ILE B 253 1.08 -50.57 23.15
CA ILE B 253 0.13 -49.98 24.07
C ILE B 253 -0.93 -51.00 24.45
N LEU B 254 -1.43 -51.76 23.47
CA LEU B 254 -2.43 -52.78 23.76
C LEU B 254 -1.85 -53.88 24.64
N LYS B 255 -0.61 -54.28 24.36
CA LYS B 255 0.07 -55.25 25.21
C LYS B 255 0.18 -54.73 26.65
N TRP B 256 0.66 -53.49 26.80
CA TRP B 256 0.84 -52.88 28.12
C TRP B 256 -0.47 -52.88 28.90
N TRP B 257 -1.60 -52.61 28.23
CA TRP B 257 -2.88 -52.57 28.92
C TRP B 257 -3.33 -53.95 29.39
N LYS B 258 -2.85 -55.02 28.74
CA LYS B 258 -3.14 -56.38 29.19
C LYS B 258 -2.25 -56.75 30.37
N ASP B 259 -0.94 -56.68 30.18
CA ASP B 259 0.01 -57.07 31.23
C ASP B 259 -0.20 -56.29 32.52
N SER B 260 -0.43 -54.98 32.43
CA SER B 260 -0.62 -54.17 33.62
C SER B 260 -1.93 -54.47 34.35
N ASN B 261 -2.80 -55.28 33.77
CA ASN B 261 -4.07 -55.70 34.36
C ASN B 261 -5.09 -54.58 34.41
N LEU B 262 -4.83 -53.47 33.73
CA LEU B 262 -5.77 -52.36 33.71
C LEU B 262 -7.08 -52.72 33.02
N ASP B 263 -7.07 -53.71 32.13
CA ASP B 263 -8.32 -54.18 31.54
C ASP B 263 -9.27 -54.75 32.59
N LYS B 264 -8.74 -55.17 33.74
CA LYS B 264 -9.54 -55.73 34.82
C LYS B 264 -10.14 -54.66 35.72
N VAL B 265 -9.61 -53.44 35.70
CA VAL B 265 -10.19 -52.37 36.51
C VAL B 265 -11.58 -52.07 35.97
N ASP B 266 -12.60 -52.30 36.79
CA ASP B 266 -13.96 -51.99 36.36
C ASP B 266 -14.11 -50.49 36.12
N PHE B 267 -13.59 -49.67 37.03
CA PHE B 267 -13.73 -48.22 36.93
C PHE B 267 -13.22 -47.70 35.59
N ALA B 268 -12.05 -48.18 35.16
CA ALA B 268 -11.37 -47.62 34.00
C ALA B 268 -12.21 -47.74 32.73
N ARG B 269 -12.17 -46.68 31.92
CA ARG B 269 -12.62 -46.73 30.53
C ARG B 269 -11.43 -47.08 29.65
N HIS B 270 -11.73 -47.60 28.46
CA HIS B 270 -10.68 -47.95 27.50
C HIS B 270 -10.42 -46.76 26.58
N ARG B 271 -9.74 -45.75 27.15
CA ARG B 271 -9.47 -44.48 26.50
C ARG B 271 -8.01 -44.28 26.10
N HIS B 272 -7.13 -45.24 26.41
CA HIS B 272 -5.72 -45.14 26.05
C HIS B 272 -5.48 -45.16 24.54
N VAL B 273 -6.41 -45.67 23.75
CA VAL B 273 -6.18 -45.69 22.31
C VAL B 273 -6.48 -44.33 21.74
N GLU B 274 -7.52 -43.66 22.25
CA GLU B 274 -7.77 -42.28 21.88
C GLU B 274 -6.57 -41.40 22.16
N TYR B 275 -6.01 -41.51 23.37
CA TYR B 275 -4.89 -40.64 23.72
C TYR B 275 -3.69 -40.91 22.83
N PHE B 276 -3.48 -42.18 22.45
CA PHE B 276 -2.36 -42.49 21.57
C PHE B 276 -2.60 -41.91 20.20
N ALA B 277 -3.83 -41.99 19.70
CA ALA B 277 -4.19 -41.40 18.42
C ALA B 277 -3.98 -39.89 18.40
N LEU B 278 -4.34 -39.19 19.49
CA LEU B 278 -4.13 -37.76 19.55
C LEU B 278 -2.66 -37.41 19.42
N ALA B 279 -1.79 -38.14 20.13
CA ALA B 279 -0.35 -37.86 20.04
C ALA B 279 0.17 -38.10 18.63
N CYS B 280 -0.35 -39.13 17.95
CA CYS B 280 0.08 -39.43 16.58
C CYS B 280 -0.29 -38.32 15.59
N ALA B 281 -1.39 -37.61 15.82
CA ALA B 281 -1.82 -36.54 14.93
C ALA B 281 -0.92 -35.29 14.97
N TYR B 282 0.16 -35.26 15.76
CA TYR B 282 1.19 -34.23 15.64
C TYR B 282 2.61 -34.73 15.89
N CYS B 283 2.83 -35.73 16.73
CA CYS B 283 4.17 -36.26 16.98
C CYS B 283 4.38 -37.44 16.03
N ILE B 284 5.05 -37.18 14.92
CA ILE B 284 4.98 -38.06 13.76
C ILE B 284 6.16 -39.00 13.68
N ASP B 285 7.38 -38.47 13.78
CA ASP B 285 8.58 -39.22 13.45
C ASP B 285 8.66 -40.50 14.24
N ALA B 286 9.26 -41.50 13.61
CA ALA B 286 9.39 -42.82 14.18
C ALA B 286 10.32 -42.84 15.37
N LYS B 287 11.32 -41.96 15.38
CA LYS B 287 12.24 -41.93 16.52
C LYS B 287 11.56 -41.49 17.81
N TYR B 288 10.40 -40.83 17.75
CA TYR B 288 9.68 -40.35 18.93
C TYR B 288 8.64 -41.33 19.42
N TYR B 289 8.97 -42.62 19.51
CA TYR B 289 7.98 -43.59 19.99
C TYR B 289 7.76 -43.49 21.50
N ALA B 290 8.80 -43.13 22.25
CA ALA B 290 8.62 -42.89 23.68
C ALA B 290 7.56 -41.81 23.93
N TYR B 291 7.67 -40.68 23.22
CA TYR B 291 6.71 -39.60 23.42
C TYR B 291 5.27 -40.08 23.24
N ARG B 292 4.96 -40.69 22.08
CA ARG B 292 3.61 -41.21 21.85
C ARG B 292 3.22 -42.27 22.88
N ARG B 293 4.14 -43.17 23.24
CA ARG B 293 3.82 -44.19 24.22
C ARG B 293 3.53 -43.56 25.58
N ASP B 294 4.48 -42.78 26.10
CA ASP B 294 4.35 -42.24 27.44
C ASP B 294 3.21 -41.22 27.54
N PHE B 295 2.90 -40.51 26.47
CA PHE B 295 1.71 -39.67 26.53
C PHE B 295 0.47 -40.52 26.74
N ALA B 296 0.32 -41.58 25.93
CA ALA B 296 -0.85 -42.43 26.04
C ALA B 296 -0.94 -43.09 27.42
N LYS B 297 0.19 -43.57 27.94
CA LYS B 297 0.19 -44.26 29.23
C LYS B 297 -0.10 -43.28 30.38
N LEU B 298 0.72 -42.23 30.50
CA LEU B 298 0.58 -41.28 31.59
C LEU B 298 -0.73 -40.53 31.52
N CYS B 299 -1.26 -40.27 30.31
CA CYS B 299 -2.56 -39.61 30.23
C CYS B 299 -3.67 -40.54 30.68
N ALA B 300 -3.62 -41.81 30.27
CA ALA B 300 -4.63 -42.76 30.73
C ALA B 300 -4.54 -42.98 32.25
N LEU B 301 -3.33 -43.19 32.75
CA LEU B 301 -3.15 -43.31 34.20
C LEU B 301 -3.64 -42.07 34.93
N ALA B 302 -3.25 -40.87 34.48
CA ALA B 302 -3.69 -39.66 35.14
C ALA B 302 -5.21 -39.58 35.19
N THR B 303 -5.87 -40.04 34.13
CA THR B 303 -7.33 -40.10 34.10
C THR B 303 -7.86 -41.07 35.15
N ILE B 304 -7.18 -42.20 35.31
CA ILE B 304 -7.57 -43.18 36.31
C ILE B 304 -7.34 -42.64 37.72
N VAL B 305 -6.18 -42.03 37.96
CA VAL B 305 -5.92 -41.42 39.26
C VAL B 305 -6.94 -40.34 39.58
N ASP B 306 -7.29 -39.52 38.59
CA ASP B 306 -8.38 -38.56 38.79
C ASP B 306 -9.65 -39.27 39.28
N ASP B 307 -10.08 -40.31 38.55
CA ASP B 307 -11.29 -41.05 38.91
C ASP B 307 -11.19 -41.65 40.31
N ILE B 308 -10.00 -42.06 40.71
CA ILE B 308 -9.85 -42.62 42.06
C ILE B 308 -10.00 -41.52 43.11
N TYR B 309 -9.26 -40.42 42.95
CA TYR B 309 -9.35 -39.33 43.93
C TYR B 309 -10.71 -38.66 43.91
N ASP B 310 -11.48 -38.82 42.85
CA ASP B 310 -12.76 -38.15 42.72
C ASP B 310 -13.88 -39.11 43.12
N THR B 311 -14.19 -40.06 42.23
CA THR B 311 -15.39 -40.88 42.37
C THR B 311 -15.14 -42.07 43.29
N TYR B 312 -14.26 -42.98 42.89
CA TYR B 312 -14.04 -44.22 43.62
C TYR B 312 -13.08 -43.93 44.77
N GLY B 313 -12.53 -44.97 45.38
CA GLY B 313 -11.52 -44.77 46.41
C GLY B 313 -11.97 -44.07 47.69
N THR B 314 -11.63 -44.65 48.84
CA THR B 314 -12.01 -44.07 50.12
C THR B 314 -11.03 -43.00 50.55
N ILE B 315 -11.50 -42.12 51.44
CA ILE B 315 -10.62 -41.13 52.08
C ILE B 315 -9.39 -41.80 52.63
N GLU B 316 -9.52 -43.05 53.11
CA GLU B 316 -8.38 -43.77 53.63
C GLU B 316 -7.46 -44.24 52.51
N GLU B 317 -8.04 -44.67 51.39
CA GLU B 317 -7.21 -45.12 50.26
C GLU B 317 -6.47 -43.96 49.63
N ILE B 318 -7.12 -42.79 49.54
CA ILE B 318 -6.46 -41.60 49.00
C ILE B 318 -5.25 -41.23 49.85
N LYS B 319 -5.40 -41.22 51.17
CA LYS B 319 -4.26 -40.91 52.03
C LYS B 319 -3.14 -41.92 51.82
N LEU B 320 -3.50 -43.19 51.69
CA LEU B 320 -2.50 -44.22 51.42
C LEU B 320 -1.85 -44.05 50.05
N PHE B 321 -2.64 -43.68 49.04
CA PHE B 321 -2.07 -43.42 47.72
C PHE B 321 -1.09 -42.26 47.77
N ASN B 322 -1.51 -41.13 48.34
CA ASN B 322 -0.61 -40.00 48.52
C ASN B 322 0.66 -40.40 49.27
N GLU B 323 0.53 -41.25 50.29
CA GLU B 323 1.69 -41.63 51.08
C GLU B 323 2.65 -42.47 50.27
N ALA B 324 2.13 -43.45 49.53
CA ALA B 324 2.97 -44.29 48.68
C ALA B 324 3.72 -43.46 47.65
N VAL B 325 3.02 -42.49 47.03
CA VAL B 325 3.68 -41.63 46.05
C VAL B 325 4.82 -40.85 46.72
N LYS B 326 4.55 -40.29 47.91
CA LYS B 326 5.57 -39.54 48.61
C LYS B 326 6.79 -40.40 48.92
N MET B 327 6.56 -41.65 49.33
CA MET B 327 7.65 -42.57 49.60
C MET B 327 8.13 -43.29 48.35
N TRP B 328 7.37 -43.22 47.26
CA TRP B 328 7.66 -43.95 46.02
C TRP B 328 7.76 -45.45 46.29
N ASP B 329 6.80 -45.96 47.06
CA ASP B 329 6.60 -47.39 47.19
C ASP B 329 6.25 -47.99 45.84
N SER B 330 6.52 -49.29 45.68
CA SER B 330 6.19 -50.00 44.46
C SER B 330 4.81 -50.65 44.50
N SER B 331 4.20 -50.76 45.67
CA SER B 331 2.87 -51.34 45.79
C SER B 331 2.10 -50.58 46.84
N LEU B 332 0.79 -50.76 46.83
CA LEU B 332 -0.04 -50.38 47.96
C LEU B 332 -0.07 -51.56 48.93
N PRO B 333 -0.65 -51.43 50.13
CA PRO B 333 -0.69 -52.59 51.04
C PRO B 333 -1.65 -53.65 50.53
N ASN B 334 -1.24 -54.92 50.70
CA ASN B 334 -1.97 -56.05 50.11
C ASN B 334 -3.45 -56.07 50.50
N SER B 335 -3.81 -55.27 51.50
CA SER B 335 -5.20 -55.28 52.02
C SER B 335 -6.11 -54.39 51.17
N LEU B 336 -5.55 -53.36 50.54
CA LEU B 336 -6.44 -52.40 49.82
C LEU B 336 -7.09 -53.12 48.64
N PRO B 337 -8.15 -52.56 48.03
CA PRO B 337 -8.85 -53.23 46.95
C PRO B 337 -7.95 -53.57 45.75
N GLU B 338 -8.51 -54.29 44.77
CA GLU B 338 -7.73 -54.67 43.57
C GLU B 338 -7.76 -53.52 42.56
N ASN B 339 -8.94 -52.99 42.26
CA ASN B 339 -8.96 -51.83 41.34
C ASN B 339 -7.84 -50.85 41.69
N ILE B 340 -7.74 -50.45 42.96
CA ILE B 340 -6.79 -49.39 43.32
C ILE B 340 -5.36 -49.92 43.31
N LYS B 341 -5.16 -51.17 43.74
CA LYS B 341 -3.80 -51.69 43.87
C LYS B 341 -3.14 -51.86 42.51
N ILE B 342 -3.90 -52.22 41.46
CA ILE B 342 -3.27 -52.42 40.15
C ILE B 342 -3.08 -51.08 39.44
N ALA B 343 -4.04 -50.16 39.58
CA ALA B 343 -3.81 -48.79 39.13
C ALA B 343 -2.49 -48.26 39.70
N TYR B 344 -2.30 -48.38 41.02
CA TYR B 344 -1.08 -47.86 41.63
C TYR B 344 0.16 -48.52 41.02
N LYS B 345 0.13 -49.85 40.90
CA LYS B 345 1.31 -50.56 40.40
C LYS B 345 1.65 -50.09 39.00
N ALA B 346 0.66 -50.06 38.11
CA ALA B 346 0.90 -49.63 36.74
C ALA B 346 1.39 -48.19 36.70
N PHE B 347 0.73 -47.31 37.47
CA PHE B 347 1.18 -45.93 37.62
C PHE B 347 2.65 -45.86 37.96
N HIS B 348 3.06 -46.55 39.02
CA HIS B 348 4.44 -46.54 39.45
C HIS B 348 5.37 -47.08 38.37
N MET B 349 4.91 -48.07 37.60
CA MET B 349 5.74 -48.64 36.56
C MET B 349 5.88 -47.69 35.39
N ALA B 350 4.76 -47.12 34.95
CA ALA B 350 4.80 -46.24 33.78
C ALA B 350 5.66 -45.01 34.04
N VAL B 351 5.53 -44.40 35.23
CA VAL B 351 6.35 -43.23 35.54
C VAL B 351 7.84 -43.57 35.49
N ASN B 352 8.23 -44.72 36.05
CA ASN B 352 9.64 -45.10 36.11
C ASN B 352 10.22 -45.34 34.71
N GLU B 353 9.47 -46.06 33.87
CA GLU B 353 9.96 -46.37 32.53
C GLU B 353 10.10 -45.09 31.70
N SER B 354 9.18 -44.14 31.87
CA SER B 354 9.30 -42.88 31.14
C SER B 354 10.52 -42.09 31.62
N ALA B 355 10.77 -42.08 32.93
CA ALA B 355 11.95 -41.40 33.45
C ALA B 355 13.22 -42.00 32.86
N GLU B 356 13.28 -43.33 32.78
CA GLU B 356 14.45 -43.97 32.18
C GLU B 356 14.61 -43.54 30.73
N ALA B 357 13.52 -43.47 29.98
CA ALA B 357 13.62 -43.04 28.59
C ALA B 357 14.10 -41.58 28.50
N ALA B 358 13.65 -40.73 29.42
CA ALA B 358 14.12 -39.34 29.43
C ALA B 358 15.57 -39.26 29.91
N LYS B 359 15.98 -40.15 30.82
CA LYS B 359 17.39 -40.21 31.20
C LYS B 359 18.26 -40.37 29.97
N LYS B 360 17.87 -41.25 29.05
CA LYS B 360 18.66 -41.48 27.85
C LYS B 360 18.92 -40.19 27.10
N THR B 361 17.86 -39.43 26.82
CA THR B 361 17.97 -38.27 25.94
C THR B 361 18.27 -36.97 26.68
N GLN B 362 17.97 -36.88 27.98
CA GLN B 362 18.26 -35.66 28.72
C GLN B 362 19.65 -35.63 29.33
N GLY B 363 20.27 -36.80 29.52
CA GLY B 363 21.60 -36.86 30.11
C GLY B 363 21.66 -36.69 31.60
N ARG B 364 20.55 -36.92 32.31
CA ARG B 364 20.54 -36.81 33.76
C ARG B 364 19.37 -37.61 34.30
N ASP B 365 19.39 -37.82 35.61
CA ASP B 365 18.25 -38.46 36.24
C ASP B 365 17.13 -37.45 36.28
N ILE B 366 15.96 -37.85 35.80
CA ILE B 366 14.80 -36.98 35.88
C ILE B 366 13.68 -37.54 36.75
N LEU B 367 13.80 -38.77 37.25
CA LEU B 367 12.77 -39.31 38.12
C LEU B 367 12.53 -38.46 39.37
N PRO B 368 13.55 -37.91 40.04
CA PRO B 368 13.24 -37.01 41.16
C PRO B 368 12.39 -35.82 40.73
N TYR B 369 12.73 -35.18 39.61
CA TYR B 369 11.91 -34.09 39.10
C TYR B 369 10.48 -34.57 38.80
N ALA B 370 10.36 -35.69 38.09
CA ALA B 370 9.05 -36.19 37.69
C ALA B 370 8.18 -36.51 38.91
N ARG B 371 8.78 -37.02 39.97
CA ARG B 371 7.99 -37.33 41.16
C ARG B 371 7.36 -36.07 41.74
N LYS B 372 8.12 -34.96 41.76
CA LYS B 372 7.55 -33.72 42.26
C LYS B 372 6.41 -33.25 41.37
N VAL B 373 6.58 -33.42 40.05
CA VAL B 373 5.52 -33.09 39.12
C VAL B 373 4.23 -33.84 39.47
N TRP B 374 4.34 -35.15 39.70
CA TRP B 374 3.18 -35.98 40.04
C TRP B 374 2.65 -35.64 41.43
N GLU B 375 3.54 -35.36 42.38
CA GLU B 375 3.10 -34.97 43.74
C GLU B 375 2.21 -33.71 43.64
N HIS B 376 2.57 -32.76 42.79
CA HIS B 376 1.80 -31.50 42.67
C HIS B 376 0.41 -31.80 42.10
N TYR B 377 0.32 -32.78 41.20
CA TYR B 377 -0.99 -33.18 40.64
C TYR B 377 -1.84 -33.73 41.78
N LEU B 378 -1.26 -34.61 42.59
CA LEU B 378 -2.07 -35.21 43.65
C LEU B 378 -2.49 -34.16 44.67
N ILE B 379 -1.57 -33.25 45.03
CA ILE B 379 -1.93 -32.15 45.93
C ILE B 379 -3.17 -31.42 45.42
N GLY B 380 -3.24 -31.20 44.11
CA GLY B 380 -4.38 -30.50 43.55
C GLY B 380 -5.65 -31.33 43.56
N LEU B 381 -5.55 -32.62 43.24
CA LEU B 381 -6.72 -33.50 43.33
C LEU B 381 -7.19 -33.65 44.76
N THR B 382 -6.24 -33.82 45.70
CA THR B 382 -6.54 -33.90 47.13
C THR B 382 -7.26 -32.66 47.62
N LYS B 383 -6.71 -31.48 47.33
CA LYS B 383 -7.34 -30.24 47.75
C LYS B 383 -8.77 -30.15 47.24
N GLU B 384 -9.05 -30.70 46.06
CA GLU B 384 -10.41 -30.64 45.52
C GLU B 384 -11.33 -31.63 46.23
N ALA B 385 -10.78 -32.77 46.65
CA ALA B 385 -11.58 -33.72 47.40
C ALA B 385 -11.85 -33.22 48.80
N GLU B 386 -10.84 -32.61 49.43
CA GLU B 386 -11.00 -31.94 50.71
C GLU B 386 -12.13 -30.91 50.67
N TRP B 387 -12.04 -29.97 49.72
CA TRP B 387 -13.11 -28.98 49.56
C TRP B 387 -14.47 -29.65 49.48
N LEU B 388 -14.58 -30.67 48.64
CA LEU B 388 -15.87 -31.35 48.47
C LEU B 388 -16.33 -31.95 49.78
N ALA B 389 -15.41 -32.61 50.49
CA ALA B 389 -15.73 -33.21 51.78
C ALA B 389 -16.32 -32.18 52.73
N ASN B 390 -15.75 -30.98 52.75
CA ASN B 390 -16.12 -29.96 53.73
C ASN B 390 -17.29 -29.08 53.28
N GLY B 391 -17.83 -29.28 52.07
CA GLY B 391 -18.84 -28.34 51.62
C GLY B 391 -18.30 -26.96 51.33
N TYR B 392 -17.00 -26.84 51.08
CA TYR B 392 -16.32 -25.57 50.85
C TYR B 392 -16.27 -25.25 49.35
N ILE B 393 -16.92 -24.15 48.96
CA ILE B 393 -16.88 -23.65 47.58
C ILE B 393 -15.88 -22.52 47.52
N PRO B 394 -14.71 -22.70 46.90
CA PRO B 394 -13.69 -21.65 46.88
C PRO B 394 -14.04 -20.52 45.92
N SER B 395 -13.39 -19.38 46.13
CA SER B 395 -13.47 -18.30 45.16
C SER B 395 -12.87 -18.75 43.83
N LEU B 396 -13.43 -18.23 42.74
CA LEU B 396 -12.95 -18.62 41.41
C LEU B 396 -11.45 -18.50 41.30
N GLU B 397 -10.88 -17.42 41.84
CA GLU B 397 -9.44 -17.23 41.77
C GLU B 397 -8.69 -18.38 42.44
N GLU B 398 -9.17 -18.80 43.61
CA GLU B 398 -8.55 -19.88 44.34
C GLU B 398 -8.73 -21.21 43.61
N TYR B 399 -9.89 -21.39 42.99
CA TYR B 399 -10.20 -22.60 42.25
C TYR B 399 -9.24 -22.79 41.07
N LEU B 400 -9.19 -21.79 40.18
CA LEU B 400 -8.30 -21.85 39.03
C LEU B 400 -6.85 -21.98 39.43
N GLU B 401 -6.47 -21.40 40.57
CA GLU B 401 -5.08 -21.55 41.02
C GLU B 401 -4.79 -23.01 41.40
N ASN B 402 -5.72 -23.67 42.07
CA ASN B 402 -5.54 -25.10 42.29
C ASN B 402 -5.86 -25.90 41.03
N GLY B 403 -6.75 -25.38 40.19
CA GLY B 403 -7.22 -26.10 39.02
C GLY B 403 -6.18 -26.24 37.94
N ALA B 404 -5.16 -25.40 37.94
CA ALA B 404 -4.05 -25.61 37.02
C ALA B 404 -3.36 -26.94 37.27
N PRO B 405 -2.72 -27.19 38.43
CA PRO B 405 -2.16 -28.53 38.64
C PRO B 405 -3.21 -29.63 38.71
N SER B 406 -4.43 -29.33 39.17
CA SER B 406 -5.40 -30.41 39.34
C SER B 406 -5.99 -30.88 38.01
N SER B 407 -5.89 -30.07 36.95
CA SER B 407 -6.36 -30.51 35.65
C SER B 407 -5.55 -31.66 35.11
N GLY B 408 -4.34 -31.87 35.62
CA GLY B 408 -3.49 -32.92 35.12
C GLY B 408 -2.86 -32.67 33.77
N TYR B 409 -3.03 -31.47 33.19
CA TYR B 409 -2.29 -31.15 31.98
C TYR B 409 -0.81 -31.46 32.17
N ARG B 410 -0.21 -30.87 33.20
CA ARG B 410 1.23 -30.91 33.33
C ARG B 410 1.78 -32.32 33.44
N VAL B 411 1.10 -33.21 34.19
CA VAL B 411 1.67 -34.55 34.30
C VAL B 411 1.64 -35.30 32.97
N THR B 412 0.72 -34.96 32.07
CA THR B 412 0.76 -35.57 30.74
C THR B 412 1.78 -34.92 29.82
N MET B 413 2.30 -33.74 30.16
CA MET B 413 3.21 -33.00 29.28
C MET B 413 4.69 -33.22 29.61
N LEU B 414 5.05 -32.99 30.87
CA LEU B 414 6.50 -32.99 31.21
C LEU B 414 7.23 -34.27 30.79
N GLN B 415 6.86 -35.41 31.38
CA GLN B 415 7.67 -36.60 31.16
C GLN B 415 7.72 -37.00 29.70
N PRO B 416 6.60 -37.02 28.95
CA PRO B 416 6.72 -37.28 27.51
C PRO B 416 7.62 -36.30 26.79
N THR B 417 7.49 -34.99 27.05
CA THR B 417 8.29 -34.02 26.31
C THR B 417 9.77 -34.20 26.59
N LEU B 418 10.12 -34.70 27.76
CA LEU B 418 11.53 -34.93 28.04
C LEU B 418 12.07 -36.14 27.28
N THR B 419 11.21 -37.02 26.76
CA THR B 419 11.73 -38.13 25.96
C THR B 419 12.14 -37.70 24.55
N LEU B 420 11.76 -36.51 24.12
CA LEU B 420 12.20 -35.98 22.84
C LEU B 420 13.68 -35.65 22.89
N ASP B 421 14.28 -35.53 21.71
CA ASP B 421 15.72 -35.32 21.62
C ASP B 421 16.08 -33.84 21.60
N ALA B 422 15.33 -33.02 22.31
CA ALA B 422 15.73 -31.65 22.57
C ALA B 422 16.11 -31.58 24.05
N LEU B 423 17.37 -31.24 24.32
CA LEU B 423 17.84 -31.14 25.69
C LEU B 423 17.24 -29.91 26.36
N LEU B 424 16.65 -30.12 27.54
CA LEU B 424 16.06 -29.04 28.33
C LEU B 424 16.79 -29.00 29.67
N PRO B 425 17.93 -28.29 29.75
CA PRO B 425 18.57 -28.10 31.06
C PRO B 425 17.59 -27.50 32.05
N ASP B 426 17.82 -27.70 33.34
CA ASP B 426 16.88 -27.20 34.35
C ASP B 426 16.63 -25.71 34.16
N ASN B 427 17.68 -24.93 33.88
CA ASN B 427 17.48 -23.50 33.79
C ASN B 427 16.88 -23.06 32.46
N ILE B 428 16.77 -23.98 31.48
CA ILE B 428 15.89 -23.80 30.34
C ILE B 428 14.50 -24.32 30.64
N LEU B 429 14.43 -25.51 31.24
CA LEU B 429 13.16 -26.20 31.41
C LEU B 429 12.13 -25.35 32.13
N LEU B 430 12.58 -24.43 32.98
CA LEU B 430 11.68 -23.67 33.82
C LEU B 430 10.99 -22.52 33.11
N GLU B 431 11.30 -22.24 31.83
CA GLU B 431 10.52 -21.28 31.08
C GLU B 431 9.55 -21.95 30.13
N MET B 432 9.43 -23.27 30.19
CA MET B 432 8.38 -24.03 29.51
C MET B 432 7.50 -24.80 30.48
N ASP B 433 8.10 -25.61 31.35
CA ASP B 433 7.41 -26.27 32.45
C ASP B 433 6.95 -25.23 33.48
N TYR B 434 6.21 -25.71 34.46
CA TYR B 434 5.95 -24.94 35.67
C TYR B 434 7.27 -24.45 36.26
N PRO B 435 7.32 -23.24 36.82
CA PRO B 435 6.21 -22.28 37.04
C PRO B 435 6.04 -21.25 35.95
N SER B 436 6.47 -21.49 34.71
CA SER B 436 6.37 -20.47 33.68
C SER B 436 4.93 -20.12 33.38
N ARG B 437 4.73 -18.95 32.77
CA ARG B 437 3.40 -18.54 32.33
C ARG B 437 2.89 -19.48 31.24
N PHE B 438 3.80 -19.96 30.39
CA PHE B 438 3.42 -20.88 29.33
C PHE B 438 2.66 -22.06 29.92
N ASN B 439 3.30 -22.79 30.84
CA ASN B 439 2.65 -23.92 31.49
C ASN B 439 1.31 -23.51 32.12
N GLU B 440 1.27 -22.39 32.83
CA GLU B 440 0.02 -22.00 33.49
C GLU B 440 -1.09 -21.79 32.49
N LEU B 441 -0.78 -21.15 31.37
CA LEU B 441 -1.81 -20.93 30.36
C LEU B 441 -2.22 -22.25 29.69
N LEU B 442 -1.28 -23.19 29.51
CA LEU B 442 -1.67 -24.48 28.97
C LEU B 442 -2.60 -25.22 29.94
N CYS B 443 -2.27 -25.24 31.23
CA CYS B 443 -3.14 -25.84 32.24
C CYS B 443 -4.52 -25.19 32.24
N LEU B 444 -4.56 -23.86 32.24
CA LEU B 444 -5.82 -23.13 32.28
C LEU B 444 -6.68 -23.46 31.07
N SER B 445 -6.06 -23.69 29.91
CA SER B 445 -6.85 -23.96 28.72
C SER B 445 -7.58 -25.29 28.84
N LEU B 446 -6.92 -26.30 29.42
CA LEU B 446 -7.59 -27.57 29.74
C LEU B 446 -8.68 -27.37 30.80
N ARG B 447 -8.32 -26.74 31.93
CA ARG B 447 -9.25 -26.51 33.03
C ARG B 447 -10.51 -25.77 32.55
N LEU B 448 -10.32 -24.65 31.85
CA LEU B 448 -11.46 -23.83 31.47
C LEU B 448 -12.30 -24.48 30.39
N LYS B 449 -11.67 -25.23 29.48
CA LYS B 449 -12.46 -25.90 28.45
C LYS B 449 -13.30 -27.00 29.05
N GLY B 450 -12.69 -27.85 29.88
CA GLY B 450 -13.45 -28.87 30.58
C GLY B 450 -14.59 -28.28 31.38
N ASP B 451 -14.31 -27.24 32.18
CA ASP B 451 -15.32 -26.65 33.04
C ASP B 451 -16.44 -25.95 32.29
N THR B 452 -16.31 -25.79 30.98
CA THR B 452 -17.40 -25.29 30.14
C THR B 452 -17.93 -26.36 29.20
N ARG B 453 -17.57 -27.63 29.41
CA ARG B 453 -17.97 -28.73 28.52
C ARG B 453 -19.46 -28.98 28.60
N GLU B 463 -20.94 -31.66 40.24
CA GLU B 463 -20.03 -31.48 41.35
C GLU B 463 -20.34 -30.18 42.10
N LEU B 464 -19.72 -30.01 43.28
CA LEU B 464 -19.89 -28.82 44.09
C LEU B 464 -18.80 -27.79 43.84
N VAL B 465 -17.56 -28.25 43.71
CA VAL B 465 -16.42 -27.40 43.36
C VAL B 465 -16.26 -27.51 41.85
N SER B 466 -16.71 -26.48 41.15
CA SER B 466 -16.58 -26.42 39.71
C SER B 466 -16.32 -24.98 39.33
N GLY B 467 -16.00 -24.76 38.06
CA GLY B 467 -15.81 -23.39 37.60
C GLY B 467 -17.08 -22.58 37.70
N ILE B 468 -18.21 -23.19 37.37
CA ILE B 468 -19.48 -22.49 37.40
C ILE B 468 -19.82 -22.08 38.83
N SER B 469 -19.88 -23.05 39.75
CA SER B 469 -20.33 -22.72 41.09
C SER B 469 -19.39 -21.74 41.78
N CYS B 470 -18.08 -21.91 41.61
CA CYS B 470 -17.12 -20.97 42.20
C CYS B 470 -17.33 -19.55 41.70
N TYR B 471 -17.76 -19.38 40.44
CA TYR B 471 -18.07 -18.05 39.96
C TYR B 471 -19.30 -17.52 40.65
N ILE B 472 -20.31 -18.38 40.82
CA ILE B 472 -21.58 -17.96 41.41
C ILE B 472 -21.40 -17.62 42.89
N LYS B 473 -20.58 -18.38 43.61
CA LYS B 473 -20.19 -17.96 44.96
C LYS B 473 -19.53 -16.60 44.93
N ASP B 474 -18.79 -16.29 43.87
CA ASP B 474 -18.03 -15.05 43.78
C ASP B 474 -18.94 -13.87 43.42
N HIS B 475 -19.94 -14.11 42.57
CA HIS B 475 -20.89 -13.11 42.10
C HIS B 475 -22.28 -13.58 42.49
N PRO B 476 -22.72 -13.30 43.73
CA PRO B 476 -23.99 -13.86 44.21
C PRO B 476 -25.17 -13.33 43.41
N GLY B 477 -26.17 -14.18 43.22
CA GLY B 477 -27.28 -13.85 42.36
C GLY B 477 -26.89 -13.86 40.90
N SER B 478 -26.20 -14.92 40.47
CA SER B 478 -25.73 -15.08 39.10
C SER B 478 -26.48 -16.22 38.43
N SER B 479 -26.88 -16.01 37.18
CA SER B 479 -27.44 -17.11 36.41
C SER B 479 -26.40 -18.19 36.23
N GLU B 480 -26.86 -19.42 35.96
CA GLU B 480 -25.93 -20.49 35.62
C GLU B 480 -25.38 -20.29 34.21
N GLU B 481 -26.25 -19.91 33.28
CA GLU B 481 -25.77 -19.48 31.97
C GLU B 481 -24.79 -18.32 32.09
N GLU B 482 -25.13 -17.32 32.91
CA GLU B 482 -24.26 -16.16 33.08
C GLU B 482 -22.87 -16.54 33.58
N ALA B 483 -22.72 -17.71 34.20
CA ALA B 483 -21.39 -18.15 34.63
C ALA B 483 -20.66 -18.86 33.50
N LEU B 484 -21.36 -19.76 32.80
CA LEU B 484 -20.76 -20.42 31.65
C LEU B 484 -20.24 -19.40 30.65
N ASP B 485 -20.97 -18.30 30.46
CA ASP B 485 -20.55 -17.28 29.51
C ASP B 485 -19.28 -16.58 29.97
N TYR B 486 -19.21 -16.21 31.26
CA TYR B 486 -17.97 -15.63 31.76
C TYR B 486 -16.80 -16.59 31.61
N LEU B 487 -17.03 -17.88 31.85
CA LEU B 487 -15.95 -18.84 31.75
C LEU B 487 -15.57 -19.13 30.31
N LYS B 488 -16.53 -19.04 29.38
CA LYS B 488 -16.20 -19.17 27.97
C LYS B 488 -15.40 -17.97 27.48
N ASP B 489 -15.72 -16.77 27.95
CA ASP B 489 -14.94 -15.61 27.57
C ASP B 489 -13.57 -15.63 28.23
N LEU B 490 -13.49 -16.13 29.45
CA LEU B 490 -12.20 -16.23 30.10
C LEU B 490 -11.28 -17.18 29.32
N LEU B 491 -11.82 -18.28 28.80
CA LEU B 491 -11.01 -19.21 28.01
C LEU B 491 -10.49 -18.52 26.74
N GLN B 492 -11.37 -17.84 26.01
CA GLN B 492 -10.97 -17.16 24.78
C GLN B 492 -9.85 -16.16 25.06
N LYS B 493 -9.95 -15.42 26.16
CA LYS B 493 -8.88 -14.48 26.52
C LYS B 493 -7.61 -15.23 26.88
N ARG B 494 -7.75 -16.36 27.56
CA ARG B 494 -6.53 -17.08 27.99
C ARG B 494 -5.91 -17.78 26.79
N LEU B 495 -6.72 -18.16 25.78
CA LEU B 495 -6.16 -18.76 24.58
C LEU B 495 -5.33 -17.76 23.79
N LYS B 496 -5.77 -16.49 23.74
CA LYS B 496 -4.97 -15.47 23.08
C LYS B 496 -3.64 -15.24 23.79
N GLU B 497 -3.68 -15.17 25.13
CA GLU B 497 -2.42 -15.05 25.87
C GLU B 497 -1.57 -16.28 25.67
N LEU B 498 -2.19 -17.45 25.60
CA LEU B 498 -1.43 -18.67 25.33
C LEU B 498 -0.72 -18.57 24.00
N ASP B 499 -1.45 -18.19 22.95
CA ASP B 499 -0.84 -18.09 21.63
C ASP B 499 0.28 -17.06 21.61
N GLN B 500 0.06 -15.90 22.24
CA GLN B 500 1.12 -14.90 22.31
C GLN B 500 2.35 -15.46 23.02
N GLU B 501 2.13 -16.15 24.14
CA GLU B 501 3.21 -16.74 24.91
C GLU B 501 3.91 -17.85 24.14
N TYR B 502 3.11 -18.78 23.58
CA TYR B 502 3.63 -19.87 22.75
C TYR B 502 4.55 -19.35 21.65
N LEU B 503 4.18 -18.24 21.00
CA LEU B 503 4.94 -17.80 19.84
C LEU B 503 6.02 -16.76 20.17
N LYS B 504 6.08 -16.31 21.42
CA LYS B 504 7.14 -15.38 21.83
C LYS B 504 8.48 -16.12 21.82
N PRO B 505 9.50 -15.58 21.17
CA PRO B 505 10.78 -16.28 21.14
C PRO B 505 11.37 -16.37 22.53
N ASN B 506 12.15 -17.44 22.75
CA ASN B 506 12.94 -17.63 23.94
C ASN B 506 13.96 -18.70 23.59
N ASN B 507 14.57 -19.33 24.59
CA ASN B 507 15.59 -20.32 24.28
C ASN B 507 15.15 -21.74 24.60
N VAL B 508 13.84 -21.94 24.75
CA VAL B 508 13.29 -23.30 24.74
C VAL B 508 13.23 -23.79 23.30
N PRO B 509 13.83 -24.94 22.98
CA PRO B 509 13.70 -25.51 21.64
C PRO B 509 12.25 -25.55 21.19
N ALA B 510 12.04 -25.22 19.92
CA ALA B 510 10.68 -25.14 19.39
C ALA B 510 9.94 -26.48 19.47
N ILE B 511 10.66 -27.60 19.31
CA ILE B 511 9.96 -28.88 19.23
C ILE B 511 9.30 -29.21 20.57
N SER B 512 9.97 -28.91 21.68
CA SER B 512 9.37 -29.11 22.99
C SER B 512 8.14 -28.23 23.18
N LYS B 513 8.24 -26.95 22.83
CA LYS B 513 7.08 -26.06 22.98
C LYS B 513 5.92 -26.53 22.10
N ASP B 514 6.22 -26.98 20.88
CA ASP B 514 5.19 -27.38 19.94
C ASP B 514 4.42 -28.61 20.43
N HIS B 515 5.12 -29.57 21.03
CA HIS B 515 4.44 -30.73 21.60
C HIS B 515 3.58 -30.33 22.80
N ALA B 516 4.15 -29.56 23.72
CA ALA B 516 3.35 -29.06 24.84
C ALA B 516 2.12 -28.31 24.32
N TYR B 517 2.30 -27.46 23.32
CA TYR B 517 1.16 -26.72 22.78
C TYR B 517 0.14 -27.66 22.16
N ASN B 518 0.60 -28.70 21.45
CA ASN B 518 -0.34 -29.56 20.74
C ASN B 518 -1.02 -30.54 21.69
N ILE B 519 -0.42 -30.87 22.82
CA ILE B 519 -1.17 -31.54 23.89
C ILE B 519 -2.42 -30.74 24.23
N ALA B 520 -2.25 -29.44 24.50
CA ALA B 520 -3.39 -28.62 24.90
C ALA B 520 -4.46 -28.55 23.82
N ARG B 521 -4.03 -28.43 22.56
CA ARG B 521 -5.03 -28.47 21.47
C ARG B 521 -5.72 -29.81 21.40
N SER B 522 -5.00 -30.91 21.63
CA SER B 522 -5.63 -32.22 21.49
C SER B 522 -6.74 -32.38 22.52
N TYR B 523 -6.53 -31.89 23.74
CA TYR B 523 -7.60 -31.84 24.73
C TYR B 523 -8.76 -30.98 24.27
N GLN B 524 -8.47 -29.83 23.64
CA GLN B 524 -9.54 -29.00 23.10
C GLN B 524 -10.28 -29.72 21.99
N LEU B 525 -9.55 -30.42 21.11
CA LEU B 525 -10.18 -31.23 20.09
C LEU B 525 -10.96 -32.36 20.72
N LEU B 526 -10.39 -33.01 21.73
CA LEU B 526 -11.09 -34.12 22.36
C LEU B 526 -12.41 -33.66 22.97
N TYR B 527 -12.41 -32.52 23.67
CA TYR B 527 -13.66 -32.01 24.20
C TYR B 527 -14.62 -31.63 23.09
N LYS B 528 -14.12 -31.05 22.00
CA LYS B 528 -15.01 -30.75 20.87
C LYS B 528 -15.68 -32.02 20.34
N GLU B 529 -14.91 -33.09 20.13
CA GLU B 529 -15.41 -34.30 19.48
C GLU B 529 -16.31 -35.16 20.39
N ARG B 530 -16.32 -34.93 21.69
CA ARG B 530 -17.22 -35.66 22.60
C ARG B 530 -18.64 -35.08 22.66
N ASP B 539 -17.77 -39.31 16.99
CA ASP B 539 -16.83 -38.37 16.40
C ASP B 539 -15.40 -38.66 16.87
N ILE B 540 -15.25 -39.20 18.08
CA ILE B 540 -13.91 -39.50 18.57
C ILE B 540 -13.40 -40.84 18.03
N LYS B 541 -14.31 -41.76 17.71
CA LYS B 541 -13.89 -43.01 17.05
C LYS B 541 -13.46 -42.72 15.62
N ASP B 542 -14.12 -41.76 14.96
CA ASP B 542 -13.66 -41.24 13.67
C ASP B 542 -12.20 -40.82 13.73
N LEU B 543 -11.82 -40.11 14.79
CA LEU B 543 -10.44 -39.65 14.93
C LEU B 543 -9.47 -40.83 14.94
N VAL B 544 -9.74 -41.83 15.78
CA VAL B 544 -8.86 -43.00 15.86
C VAL B 544 -8.85 -43.73 14.51
N THR B 545 -9.99 -43.78 13.84
CA THR B 545 -10.07 -44.45 12.54
C THR B 545 -9.17 -43.75 11.53
N GLN B 546 -9.36 -42.42 11.40
CA GLN B 546 -8.61 -41.67 10.41
C GLN B 546 -7.12 -41.69 10.69
N ILE B 547 -6.73 -41.50 11.95
CA ILE B 547 -5.31 -41.34 12.26
C ILE B 547 -4.58 -42.67 12.26
N LEU B 548 -5.18 -43.73 12.83
CA LEU B 548 -4.48 -44.99 13.04
C LEU B 548 -4.94 -46.14 12.15
N LEU B 549 -6.20 -46.18 11.76
CA LEU B 549 -6.75 -47.42 11.24
C LEU B 549 -6.92 -47.46 9.73
N GLU B 550 -7.17 -46.32 9.10
CA GLU B 550 -7.56 -46.29 7.69
C GLU B 550 -6.53 -45.58 6.84
N PRO B 551 -5.86 -46.25 5.91
CA PRO B 551 -4.97 -45.53 4.99
C PRO B 551 -5.78 -44.67 4.04
N ILE B 552 -5.08 -43.76 3.38
CA ILE B 552 -5.78 -42.93 2.40
C ILE B 552 -5.46 -43.45 1.01
N PRO B 553 -6.43 -43.59 0.12
CA PRO B 553 -6.13 -44.10 -1.23
C PRO B 553 -5.39 -43.07 -2.05
N LEU B 554 -4.26 -43.49 -2.63
CA LEU B 554 -3.40 -42.62 -3.45
C LEU B 554 -3.84 -42.62 -4.92
N GLN C 26 -28.68 32.64 -45.22
CA GLN C 26 -28.96 33.23 -46.52
C GLN C 26 -30.37 32.88 -47.07
N PRO C 27 -30.75 31.59 -47.11
CA PRO C 27 -32.05 31.26 -47.71
C PRO C 27 -33.22 31.73 -46.88
N TYR C 28 -33.06 31.77 -45.56
CA TYR C 28 -34.13 32.14 -44.63
C TYR C 28 -33.63 33.27 -43.75
N ASP C 29 -34.24 34.44 -43.89
CA ASP C 29 -33.94 35.58 -43.04
C ASP C 29 -34.54 35.39 -41.66
N ASP C 30 -33.99 36.13 -40.71
CA ASP C 30 -34.65 36.29 -39.42
C ASP C 30 -35.96 37.03 -39.59
N SER C 31 -36.97 36.58 -38.85
CA SER C 31 -38.28 37.20 -38.89
C SER C 31 -38.27 38.52 -38.14
N HIS C 32 -39.35 39.26 -38.25
CA HIS C 32 -39.45 40.54 -37.51
C HIS C 32 -39.47 40.25 -36.01
N CYS C 33 -40.17 39.20 -35.62
CA CYS C 33 -40.29 38.94 -34.16
C CYS C 33 -38.92 38.53 -33.58
N MET C 34 -38.15 37.74 -34.33
CA MET C 34 -36.80 37.39 -33.87
C MET C 34 -35.95 38.64 -33.72
N GLU C 35 -36.01 39.55 -34.70
CA GLU C 35 -35.21 40.77 -34.65
C GLU C 35 -35.57 41.62 -33.44
N ARG C 36 -36.87 41.81 -33.20
CA ARG C 36 -37.32 42.54 -32.03
C ARG C 36 -36.82 41.87 -30.74
N ALA C 37 -36.86 40.53 -30.70
CA ALA C 37 -36.45 39.81 -29.50
C ALA C 37 -34.95 39.92 -29.26
N GLU C 38 -34.15 39.72 -30.31
CA GLU C 38 -32.71 39.88 -30.14
C GLU C 38 -32.37 41.29 -29.65
N ARG C 39 -33.00 42.32 -30.22
CA ARG C 39 -32.76 43.67 -29.71
C ARG C 39 -33.12 43.77 -28.24
N LEU C 40 -34.27 43.24 -27.84
CA LEU C 40 -34.65 43.31 -26.43
C LEU C 40 -33.67 42.54 -25.55
N ILE C 41 -33.14 41.42 -26.04
CA ILE C 41 -32.14 40.68 -25.28
C ILE C 41 -30.95 41.58 -24.97
N GLY C 42 -30.45 42.31 -25.98
CA GLY C 42 -29.40 43.27 -25.74
C GLY C 42 -29.78 44.30 -24.69
N GLU C 43 -30.93 44.94 -24.85
CA GLU C 43 -31.30 46.00 -23.92
C GLU C 43 -31.45 45.48 -22.50
N ILE C 44 -31.82 44.22 -22.32
CA ILE C 44 -31.98 43.69 -20.97
C ILE C 44 -30.62 43.27 -20.40
N LYS C 45 -29.74 42.75 -21.26
CA LYS C 45 -28.35 42.56 -20.87
C LYS C 45 -27.76 43.86 -20.34
N ASP C 46 -27.94 44.97 -21.07
CA ASP C 46 -27.45 46.26 -20.59
C ASP C 46 -28.08 46.61 -19.25
N MET C 47 -29.34 46.26 -19.03
CA MET C 47 -29.96 46.48 -17.73
C MET C 47 -29.22 45.71 -16.64
N PHE C 48 -28.76 44.49 -16.97
CA PHE C 48 -28.06 43.69 -15.97
C PHE C 48 -26.68 44.27 -15.68
N ASN C 49 -26.02 44.78 -16.71
CA ASN C 49 -24.68 45.33 -16.61
C ASN C 49 -24.67 46.69 -15.91
N GLU C 50 -25.66 47.53 -16.17
CA GLU C 50 -25.80 48.75 -15.38
C GLU C 50 -25.95 48.42 -13.90
N SER C 51 -26.57 47.29 -13.59
CA SER C 51 -26.72 46.89 -12.18
C SER C 51 -25.36 46.47 -11.62
N GLY C 52 -24.61 45.65 -12.35
CA GLY C 52 -23.31 45.22 -11.85
C GLY C 52 -22.38 46.39 -11.55
N LYS C 53 -22.52 47.49 -12.31
CA LYS C 53 -21.69 48.68 -12.16
C LYS C 53 -22.31 49.71 -11.21
N PHE C 54 -23.18 49.29 -10.29
CA PHE C 54 -23.67 50.19 -9.25
C PHE C 54 -22.62 50.34 -8.15
N CYS C 55 -22.28 51.57 -7.81
CA CYS C 55 -21.27 51.81 -6.75
C CYS C 55 -21.76 51.17 -5.45
N GLY C 56 -22.98 51.49 -5.03
CA GLY C 56 -23.50 50.92 -3.81
C GLY C 56 -23.76 49.41 -3.90
N GLU C 57 -24.49 48.94 -2.89
CA GLU C 57 -24.84 47.54 -2.75
C GLU C 57 -26.30 47.37 -3.15
N ASN C 58 -26.53 46.77 -4.32
CA ASN C 58 -27.89 46.61 -4.81
C ASN C 58 -28.24 45.14 -5.00
N ALA C 59 -28.01 44.31 -3.97
CA ALA C 59 -28.20 42.86 -4.15
C ALA C 59 -29.65 42.55 -4.49
N PHE C 60 -30.59 43.18 -3.79
CA PHE C 60 -31.99 42.88 -4.02
C PHE C 60 -32.43 43.26 -5.43
N GLU C 61 -31.98 44.42 -5.91
CA GLU C 61 -32.37 44.85 -7.24
C GLU C 61 -31.88 43.85 -8.29
N ARG C 62 -30.65 43.36 -8.13
CA ARG C 62 -30.14 42.38 -9.08
C ARG C 62 -30.89 41.07 -8.95
N LEU C 63 -31.35 40.77 -7.75
CA LEU C 63 -32.07 39.52 -7.51
C LEU C 63 -33.49 39.58 -8.07
N VAL C 64 -34.11 40.75 -8.01
CA VAL C 64 -35.46 40.93 -8.54
C VAL C 64 -35.45 40.86 -10.06
N MET C 65 -34.38 41.30 -10.70
CA MET C 65 -34.31 41.23 -12.14
C MET C 65 -34.12 39.78 -12.60
N VAL C 66 -33.30 39.01 -11.88
CA VAL C 66 -33.20 37.58 -12.13
C VAL C 66 -34.57 36.92 -11.99
N ASP C 67 -35.30 37.27 -10.93
CA ASP C 67 -36.61 36.69 -10.67
C ASP C 67 -37.53 36.81 -11.89
N LYS C 68 -37.63 38.03 -12.44
CA LYS C 68 -38.56 38.29 -13.54
C LYS C 68 -38.20 37.49 -14.78
N VAL C 69 -36.93 37.50 -15.18
CA VAL C 69 -36.62 36.80 -16.41
C VAL C 69 -36.73 35.30 -16.20
N GLN C 70 -36.66 34.83 -14.95
CA GLN C 70 -36.81 33.40 -14.67
C GLN C 70 -38.27 32.98 -14.68
N ARG C 71 -39.15 33.67 -13.94
CA ARG C 71 -40.55 33.29 -13.96
C ARG C 71 -41.12 33.34 -15.37
N LEU C 72 -40.65 34.29 -16.22
CA LEU C 72 -41.06 34.41 -17.62
C LEU C 72 -40.27 33.49 -18.56
N ALA C 73 -39.43 32.62 -17.99
CA ALA C 73 -38.70 31.58 -18.71
C ALA C 73 -37.93 32.11 -19.92
N ILE C 74 -37.44 33.34 -19.85
CA ILE C 74 -36.49 33.84 -20.83
C ILE C 74 -35.07 33.87 -20.27
N ASP C 75 -34.81 33.13 -19.19
CA ASP C 75 -33.50 33.19 -18.54
C ASP C 75 -32.40 32.50 -19.34
N ARG C 76 -32.74 31.63 -20.31
CA ARG C 76 -31.69 30.99 -21.11
C ARG C 76 -30.89 32.00 -21.92
N HIS C 77 -31.44 33.19 -22.16
CA HIS C 77 -30.74 34.23 -22.92
C HIS C 77 -29.80 35.07 -22.07
N PHE C 78 -29.74 34.83 -20.77
CA PHE C 78 -29.01 35.70 -19.87
C PHE C 78 -28.17 34.92 -18.87
N GLN C 79 -27.65 33.76 -19.28
CA GLN C 79 -26.94 32.88 -18.35
C GLN C 79 -25.75 33.57 -17.68
N ASN C 80 -24.94 34.30 -18.45
CA ASN C 80 -23.80 35.00 -17.86
C ASN C 80 -24.25 36.11 -16.92
N GLU C 81 -25.23 36.92 -17.34
CA GLU C 81 -25.67 38.01 -16.50
C GLU C 81 -26.29 37.51 -15.21
N ILE C 82 -26.99 36.38 -15.26
CA ILE C 82 -27.64 35.82 -14.09
C ILE C 82 -26.59 35.25 -13.14
N ALA C 83 -25.60 34.56 -13.69
CA ALA C 83 -24.55 33.98 -12.87
C ALA C 83 -23.81 35.08 -12.10
N GLN C 84 -23.52 36.20 -12.77
CA GLN C 84 -22.87 37.32 -12.10
C GLN C 84 -23.77 37.93 -11.04
N ALA C 85 -25.05 38.06 -11.36
CA ALA C 85 -25.97 38.68 -10.42
C ALA C 85 -26.18 37.81 -9.19
N LEU C 86 -26.32 36.49 -9.39
CA LEU C 86 -26.53 35.59 -8.26
C LEU C 86 -25.25 35.35 -7.46
N ASP C 87 -24.08 35.35 -8.12
CA ASP C 87 -22.81 35.28 -7.40
C ASP C 87 -22.64 36.48 -6.48
N TYR C 88 -23.09 37.65 -6.91
CA TYR C 88 -23.04 38.84 -6.07
C TYR C 88 -24.08 38.77 -4.96
N VAL C 89 -25.28 38.26 -5.27
CA VAL C 89 -26.30 38.10 -4.23
C VAL C 89 -25.83 37.09 -3.20
N TYR C 90 -25.16 36.05 -3.66
CA TYR C 90 -24.62 35.05 -2.74
C TYR C 90 -23.51 35.66 -1.86
N ARG C 91 -22.60 36.40 -2.48
CA ARG C 91 -21.49 36.98 -1.75
C ARG C 91 -22.01 37.90 -0.66
N TYR C 92 -23.10 38.64 -0.93
CA TYR C 92 -23.69 39.61 -0.02
C TYR C 92 -25.03 39.13 0.54
N TRP C 93 -25.16 37.82 0.73
CA TRP C 93 -26.43 37.23 1.13
C TRP C 93 -26.86 37.66 2.54
N SER C 94 -25.91 38.00 3.41
CA SER C 94 -26.30 38.45 4.75
C SER C 94 -27.05 39.78 4.71
N ASP C 95 -26.60 40.71 3.86
CA ASP C 95 -27.25 42.01 3.70
C ASP C 95 -28.52 41.89 2.88
N CYS C 96 -28.52 41.01 1.88
CA CYS C 96 -29.68 40.89 1.00
C CYS C 96 -30.88 40.29 1.72
N SER C 97 -30.68 39.35 2.63
CA SER C 97 -31.80 38.63 3.26
C SER C 97 -32.35 39.38 4.46
N ARG C 98 -32.72 40.65 4.28
CA ARG C 98 -33.05 41.51 5.40
C ARG C 98 -34.53 41.50 5.80
N ASP C 99 -35.45 41.08 4.93
CA ASP C 99 -36.83 40.92 5.34
C ASP C 99 -37.35 39.59 4.77
N LEU C 100 -38.56 39.21 5.21
CA LEU C 100 -39.13 37.94 4.77
C LEU C 100 -39.11 37.81 3.25
N ASN C 101 -39.55 38.86 2.55
CA ASN C 101 -39.64 38.80 1.10
C ASN C 101 -38.28 38.47 0.47
N SER C 102 -37.27 39.30 0.76
CA SER C 102 -35.99 39.07 0.09
C SER C 102 -35.32 37.78 0.57
N ALA C 103 -35.50 37.43 1.85
CA ALA C 103 -34.98 36.15 2.34
C ALA C 103 -35.60 34.99 1.59
N ALA C 104 -36.92 35.01 1.45
CA ALA C 104 -37.62 33.90 0.80
C ALA C 104 -37.36 33.88 -0.69
N LEU C 105 -37.28 35.05 -1.32
CA LEU C 105 -36.98 35.11 -2.74
C LEU C 105 -35.59 34.58 -3.01
N GLY C 106 -34.61 35.06 -2.25
CA GLY C 106 -33.23 34.63 -2.47
C GLY C 106 -33.01 33.18 -2.10
N LEU C 107 -33.66 32.71 -1.04
CA LEU C 107 -33.53 31.29 -0.68
C LEU C 107 -33.94 30.40 -1.85
N ARG C 108 -35.09 30.69 -2.48
CA ARG C 108 -35.56 29.83 -3.58
C ARG C 108 -34.64 29.90 -4.80
N ILE C 109 -34.32 31.13 -5.23
CA ILE C 109 -33.57 31.34 -6.47
C ILE C 109 -32.13 30.88 -6.33
N LEU C 110 -31.48 31.18 -5.20
CA LEU C 110 -30.13 30.68 -4.95
C LEU C 110 -30.14 29.16 -4.84
N ARG C 111 -31.12 28.61 -4.12
CA ARG C 111 -31.19 27.15 -4.00
C ARG C 111 -31.38 26.49 -5.36
N LEU C 112 -32.35 26.96 -6.14
CA LEU C 112 -32.61 26.33 -7.43
C LEU C 112 -31.45 26.53 -8.40
N ASN C 113 -30.59 27.53 -8.16
CA ASN C 113 -29.40 27.72 -8.99
C ASN C 113 -28.18 27.11 -8.37
N ARG C 114 -28.36 26.16 -7.47
CA ARG C 114 -27.29 25.34 -6.91
C ARG C 114 -26.33 26.12 -6.03
N TYR C 115 -26.75 27.24 -5.48
CA TYR C 115 -25.90 27.78 -4.42
C TYR C 115 -26.21 27.06 -3.11
N PRO C 116 -25.20 26.73 -2.34
CA PRO C 116 -25.46 26.14 -1.01
C PRO C 116 -25.99 27.16 -0.02
N VAL C 117 -27.30 27.31 0.03
CA VAL C 117 -27.92 28.25 0.95
C VAL C 117 -28.83 27.47 1.88
N SER C 118 -29.02 27.99 3.08
CA SER C 118 -29.68 27.28 4.16
C SER C 118 -31.08 27.80 4.38
N SER C 119 -32.03 26.91 4.65
CA SER C 119 -33.37 27.38 4.97
C SER C 119 -33.41 28.09 6.32
N ASP C 120 -32.29 28.10 7.04
CA ASP C 120 -32.25 28.74 8.35
C ASP C 120 -32.44 30.24 8.26
N VAL C 121 -32.22 30.83 7.10
CA VAL C 121 -32.46 32.26 6.94
C VAL C 121 -33.89 32.61 7.32
N LEU C 122 -34.83 31.67 7.13
CA LEU C 122 -36.23 31.92 7.45
C LEU C 122 -36.50 31.97 8.96
N ARG C 123 -35.64 31.37 9.79
CA ARG C 123 -35.86 31.44 11.24
C ARG C 123 -35.75 32.85 11.78
N HIS C 124 -35.00 33.73 11.10
CA HIS C 124 -34.92 35.14 11.47
C HIS C 124 -36.27 35.82 11.49
N PHE C 125 -37.33 35.21 10.92
CA PHE C 125 -38.63 35.87 10.82
C PHE C 125 -39.77 35.07 11.43
N LYS C 126 -39.48 33.96 12.08
CA LYS C 126 -40.52 33.17 12.73
C LYS C 126 -40.70 33.71 14.15
N GLY C 127 -41.91 34.17 14.46
CA GLY C 127 -42.21 34.71 15.76
C GLY C 127 -42.84 33.67 16.69
N ASN C 128 -43.29 34.17 17.84
CA ASN C 128 -44.15 33.40 18.72
C ASN C 128 -45.45 33.09 17.99
N ASP C 129 -46.17 32.09 18.50
CA ASP C 129 -47.40 31.60 17.88
C ASP C 129 -47.13 31.00 16.49
N GLY C 130 -45.87 30.95 16.07
CA GLY C 130 -45.49 30.27 14.84
C GLY C 130 -45.80 31.00 13.56
N GLN C 131 -46.10 32.29 13.62
CA GLN C 131 -46.33 33.08 12.43
C GLN C 131 -45.01 33.65 11.92
N PHE C 132 -44.99 33.94 10.62
CA PHE C 132 -43.85 34.60 9.99
C PHE C 132 -44.15 36.08 9.87
N LEU C 133 -43.12 36.91 10.01
CA LEU C 133 -43.28 38.35 10.17
C LEU C 133 -42.90 39.08 8.89
N CYS C 134 -43.79 39.96 8.41
CA CYS C 134 -43.51 40.94 7.39
C CYS C 134 -43.18 42.28 8.03
N PRO C 135 -42.48 43.15 7.31
CA PRO C 135 -42.28 44.52 7.79
C PRO C 135 -43.61 45.21 8.09
N SER C 136 -43.65 45.92 9.21
CA SER C 136 -44.90 46.53 9.69
C SER C 136 -45.42 47.59 8.74
N ALA C 137 -44.54 48.35 8.09
CA ALA C 137 -44.95 49.42 7.19
C ALA C 137 -45.42 48.92 5.83
N GLN C 138 -45.41 47.62 5.57
CA GLN C 138 -45.81 47.13 4.25
C GLN C 138 -47.32 47.30 4.07
N SER C 139 -47.71 47.61 2.84
CA SER C 139 -49.13 47.55 2.52
C SER C 139 -49.62 46.10 2.54
N GLU C 140 -50.94 45.96 2.49
CA GLU C 140 -51.55 44.63 2.42
C GLU C 140 -51.08 43.88 1.20
N GLU C 141 -51.09 44.55 0.04
CA GLU C 141 -50.61 43.92 -1.18
C GLU C 141 -49.15 43.51 -1.05
N GLU C 142 -48.34 44.34 -0.40
CA GLU C 142 -46.93 44.03 -0.24
C GLU C 142 -46.72 42.89 0.74
N LYS C 143 -47.50 42.84 1.82
CA LYS C 143 -47.42 41.71 2.73
C LYS C 143 -47.78 40.42 2.01
N ILE C 144 -48.79 40.45 1.15
CA ILE C 144 -49.17 39.25 0.40
C ILE C 144 -48.05 38.84 -0.54
N GLY C 145 -47.42 39.81 -1.21
CA GLY C 145 -46.24 39.51 -1.99
C GLY C 145 -45.19 38.76 -1.18
N SER C 146 -44.94 39.22 0.06
CA SER C 146 -43.92 38.58 0.88
C SER C 146 -44.29 37.14 1.20
N ILE C 147 -45.56 36.91 1.54
CA ILE C 147 -46.00 35.57 1.91
C ILE C 147 -46.06 34.68 0.67
N LEU C 148 -46.34 35.26 -0.49
CA LEU C 148 -46.30 34.46 -1.71
C LEU C 148 -44.90 33.94 -1.95
N ASN C 149 -43.89 34.81 -1.80
CA ASN C 149 -42.51 34.37 -1.93
C ASN C 149 -42.14 33.39 -0.82
N LEU C 150 -42.60 33.62 0.40
CA LEU C 150 -42.42 32.60 1.43
C LEU C 150 -43.03 31.27 0.99
N TYR C 151 -44.27 31.30 0.52
CA TYR C 151 -44.89 30.09 -0.03
C TYR C 151 -44.00 29.45 -1.09
N ARG C 152 -43.60 30.24 -2.09
CA ARG C 152 -42.81 29.70 -3.19
C ARG C 152 -41.47 29.15 -2.70
N ALA C 153 -40.89 29.75 -1.67
CA ALA C 153 -39.65 29.22 -1.11
C ALA C 153 -39.87 27.86 -0.46
N SER C 154 -40.98 27.70 0.27
CA SER C 154 -41.15 26.49 1.10
C SER C 154 -41.38 25.25 0.27
N LEU C 155 -41.74 25.38 -1.01
CA LEU C 155 -41.96 24.20 -1.85
C LEU C 155 -40.67 23.49 -2.22
N ILE C 156 -39.54 24.19 -2.16
CA ILE C 156 -38.25 23.59 -2.50
C ILE C 156 -37.56 23.15 -1.22
N ALA C 157 -38.04 22.09 -0.61
CA ALA C 157 -37.66 21.76 0.76
C ALA C 157 -36.82 20.49 0.78
N PHE C 158 -35.81 20.49 1.63
CA PHE C 158 -34.98 19.32 1.82
C PHE C 158 -35.45 18.54 3.04
N PRO C 159 -35.13 17.25 3.13
CA PRO C 159 -35.53 16.48 4.32
C PRO C 159 -35.00 17.15 5.58
N GLU C 160 -35.82 17.15 6.62
CA GLU C 160 -35.48 17.63 7.95
C GLU C 160 -35.37 19.15 8.04
N GLU C 161 -35.90 19.89 7.06
CA GLU C 161 -35.99 21.33 7.18
C GLU C 161 -37.39 21.68 7.65
N ASN C 162 -37.60 21.51 8.97
CA ASN C 162 -38.92 21.73 9.56
C ASN C 162 -39.40 23.16 9.34
N ILE C 163 -38.49 24.11 9.22
CA ILE C 163 -38.94 25.49 8.99
C ILE C 163 -39.69 25.57 7.67
N MET C 164 -39.32 24.74 6.69
CA MET C 164 -40.03 24.78 5.41
C MET C 164 -41.43 24.24 5.56
N ASP C 165 -41.59 23.15 6.31
CA ASP C 165 -42.95 22.65 6.58
C ASP C 165 -43.76 23.72 7.31
N GLU C 166 -43.14 24.40 8.28
CA GLU C 166 -43.84 25.47 8.99
C GLU C 166 -44.15 26.64 8.05
N ALA C 167 -43.20 27.00 7.20
CA ALA C 167 -43.44 28.10 6.27
C ALA C 167 -44.60 27.78 5.33
N LYS C 168 -44.64 26.56 4.79
CA LYS C 168 -45.72 26.19 3.88
C LYS C 168 -47.07 26.24 4.60
N ALA C 169 -47.14 25.66 5.80
CA ALA C 169 -48.41 25.65 6.54
C ALA C 169 -48.88 27.06 6.86
N PHE C 170 -47.99 27.91 7.39
CA PHE C 170 -48.38 29.28 7.68
C PHE C 170 -48.80 30.01 6.42
N ALA C 171 -48.04 29.85 5.34
CA ALA C 171 -48.34 30.65 4.14
C ALA C 171 -49.62 30.16 3.46
N THR C 172 -49.85 28.84 3.47
CA THR C 172 -51.07 28.31 2.87
C THR C 172 -52.30 28.87 3.57
N THR C 173 -52.27 28.86 4.91
CA THR C 173 -53.40 29.36 5.69
C THR C 173 -53.61 30.84 5.42
N TYR C 174 -52.53 31.60 5.46
CA TYR C 174 -52.60 33.04 5.22
C TYR C 174 -53.18 33.35 3.84
N LEU C 175 -52.67 32.69 2.80
CA LEU C 175 -53.10 33.09 1.46
C LEU C 175 -54.54 32.68 1.18
N ASN C 176 -54.98 31.55 1.74
CA ASN C 176 -56.39 31.19 1.67
C ASN C 176 -57.25 32.17 2.45
N GLN C 177 -56.82 32.50 3.68
CA GLN C 177 -57.55 33.51 4.44
C GLN C 177 -57.62 34.83 3.69
N VAL C 178 -56.61 35.13 2.84
CA VAL C 178 -56.67 36.37 2.06
C VAL C 178 -57.74 36.28 0.99
N LEU C 179 -57.81 35.14 0.27
CA LEU C 179 -58.81 35.00 -0.78
C LEU C 179 -60.23 35.07 -0.21
N GLN C 180 -60.49 34.44 0.94
CA GLN C 180 -61.82 34.47 1.56
C GLN C 180 -62.10 35.81 2.22
N ASN C 181 -61.21 36.25 3.10
CA ASN C 181 -61.50 37.29 4.06
C ASN C 181 -60.95 38.66 3.65
N ASN C 182 -60.66 38.87 2.36
CA ASN C 182 -60.06 40.14 1.93
C ASN C 182 -60.48 40.48 0.50
N ASN C 183 -60.36 41.78 0.18
CA ASN C 183 -60.63 42.31 -1.15
C ASN C 183 -59.31 42.79 -1.76
N ILE C 184 -58.82 42.07 -2.76
CA ILE C 184 -57.55 42.36 -3.39
C ILE C 184 -57.80 42.56 -4.88
N SER C 185 -56.82 43.14 -5.56
CA SER C 185 -56.92 43.38 -6.98
C SER C 185 -57.04 42.08 -7.77
N SER C 186 -57.32 42.21 -9.07
CA SER C 186 -57.56 41.00 -9.90
C SER C 186 -56.24 40.27 -10.14
N HIS C 187 -55.20 41.03 -10.50
CA HIS C 187 -53.95 40.36 -10.83
C HIS C 187 -53.35 39.65 -9.62
N LEU C 188 -53.49 40.22 -8.42
CA LEU C 188 -52.91 39.58 -7.24
C LEU C 188 -53.64 38.30 -6.91
N SER C 189 -54.97 38.31 -6.98
CA SER C 189 -55.76 37.11 -6.75
C SER C 189 -55.46 36.04 -7.80
N LYS C 190 -55.22 36.46 -9.04
CA LYS C 190 -54.74 35.55 -10.06
C LYS C 190 -53.44 34.87 -9.60
N GLU C 191 -52.50 35.67 -9.08
CA GLU C 191 -51.20 35.14 -8.69
C GLU C 191 -51.31 34.18 -7.51
N ILE C 192 -52.16 34.50 -6.53
CA ILE C 192 -52.37 33.57 -5.41
C ILE C 192 -52.94 32.26 -5.92
N LYS C 193 -54.02 32.35 -6.71
CA LYS C 193 -54.65 31.13 -7.19
C LYS C 193 -53.68 30.29 -8.02
N TYR C 194 -52.95 30.94 -8.94
CA TYR C 194 -51.95 30.21 -9.72
C TYR C 194 -50.95 29.50 -8.82
N ASN C 195 -50.39 30.22 -7.83
CA ASN C 195 -49.34 29.63 -7.02
C ASN C 195 -49.89 28.51 -6.16
N LEU C 196 -51.07 28.71 -5.57
CA LEU C 196 -51.65 27.65 -4.75
C LEU C 196 -51.99 26.42 -5.56
N GLU C 197 -52.40 26.59 -6.82
CA GLU C 197 -52.82 25.45 -7.62
C GLU C 197 -51.62 24.62 -8.12
N TYR C 198 -50.64 25.27 -8.75
CA TYR C 198 -49.56 24.51 -9.37
C TYR C 198 -48.42 24.17 -8.42
N GLY C 199 -48.07 25.07 -7.51
CA GLY C 199 -46.91 24.79 -6.68
C GLY C 199 -45.68 24.65 -7.53
N TRP C 200 -44.79 23.75 -7.14
CA TRP C 200 -43.51 23.56 -7.85
C TRP C 200 -43.43 22.23 -8.57
N HIS C 201 -43.72 21.11 -7.88
CA HIS C 201 -43.49 19.80 -8.45
C HIS C 201 -44.45 19.48 -9.59
N THR C 202 -45.68 19.97 -9.53
CA THR C 202 -46.65 19.79 -10.61
C THR C 202 -46.67 21.00 -11.53
N ASN C 203 -45.50 21.31 -12.10
CA ASN C 203 -45.33 22.57 -12.80
C ASN C 203 -44.13 22.45 -13.71
N LEU C 204 -44.04 23.37 -14.68
CA LEU C 204 -42.95 23.39 -15.66
C LEU C 204 -42.62 24.85 -15.95
N PRO C 205 -41.42 25.15 -16.42
CA PRO C 205 -41.04 26.56 -16.61
C PRO C 205 -41.98 27.34 -17.52
N ARG C 206 -42.26 26.79 -18.70
CA ARG C 206 -43.07 27.55 -19.65
C ARG C 206 -44.53 27.64 -19.21
N VAL C 207 -44.98 26.72 -18.35
CA VAL C 207 -46.30 26.88 -17.74
C VAL C 207 -46.29 28.07 -16.78
N GLU C 208 -45.29 28.12 -15.89
CA GLU C 208 -45.22 29.28 -15.00
C GLU C 208 -45.10 30.57 -15.80
N ALA C 209 -44.34 30.54 -16.88
CA ALA C 209 -44.13 31.74 -17.68
C ALA C 209 -45.42 32.23 -18.34
N ARG C 210 -46.20 31.29 -18.89
CA ARG C 210 -47.43 31.66 -19.55
C ARG C 210 -48.42 32.29 -18.58
N ASN C 211 -48.38 31.88 -17.32
CA ASN C 211 -49.22 32.50 -16.30
C ASN C 211 -48.68 33.87 -15.90
N TYR C 212 -47.36 34.02 -15.82
CA TYR C 212 -46.85 35.30 -15.35
C TYR C 212 -46.91 36.36 -16.42
N MET C 213 -46.98 35.98 -17.70
CA MET C 213 -47.32 36.96 -18.72
C MET C 213 -48.66 37.64 -18.39
N ASP C 214 -49.63 36.90 -17.84
CA ASP C 214 -50.90 37.51 -17.46
C ASP C 214 -50.84 38.19 -16.10
N ILE C 215 -50.18 37.56 -15.13
CA ILE C 215 -50.10 38.13 -13.80
C ILE C 215 -49.36 39.47 -13.81
N TYR C 216 -48.22 39.51 -14.50
CA TYR C 216 -47.50 40.76 -14.64
C TYR C 216 -48.17 41.68 -15.65
N GLY C 217 -48.61 41.11 -16.79
CA GLY C 217 -49.17 41.92 -17.86
C GLY C 217 -50.37 42.74 -17.43
N GLU C 218 -51.24 42.17 -16.62
CA GLU C 218 -52.44 42.84 -16.17
C GLU C 218 -52.22 43.70 -14.94
N ASN C 219 -50.98 43.90 -14.52
CA ASN C 219 -50.64 44.75 -13.38
C ASN C 219 -50.11 46.07 -13.93
N ARG C 220 -50.93 47.13 -13.84
CA ARG C 220 -50.55 48.40 -14.44
C ARG C 220 -49.28 48.95 -13.80
N SER C 221 -49.24 48.94 -12.47
CA SER C 221 -48.06 49.46 -11.77
C SER C 221 -46.81 48.68 -12.17
N TRP C 222 -46.92 47.37 -12.30
CA TRP C 222 -45.78 46.56 -12.73
C TRP C 222 -45.35 46.94 -14.13
N THR C 223 -46.28 47.01 -15.07
CA THR C 223 -45.89 47.29 -16.45
C THR C 223 -45.30 48.69 -16.62
N GLU C 224 -45.64 49.62 -15.72
CA GLU C 224 -45.16 51.00 -15.82
C GLU C 224 -43.79 51.20 -15.22
N MET C 225 -43.30 50.25 -14.43
CA MET C 225 -41.97 50.33 -13.81
C MET C 225 -40.89 50.10 -14.84
N GLY C 226 -39.85 50.95 -14.82
CA GLY C 226 -38.88 50.96 -15.89
C GLY C 226 -38.25 49.63 -16.16
N GLY C 227 -38.19 49.21 -17.41
CA GLY C 227 -37.60 47.95 -17.80
C GLY C 227 -38.56 46.78 -17.89
N ASN C 228 -39.60 46.78 -17.06
CA ASN C 228 -40.49 45.62 -16.98
C ASN C 228 -41.22 45.36 -18.29
N MET C 229 -41.55 46.41 -19.05
CA MET C 229 -42.27 46.19 -20.30
C MET C 229 -41.36 45.58 -21.35
N GLN C 230 -40.06 45.94 -21.34
CA GLN C 230 -39.13 45.24 -22.21
C GLN C 230 -39.02 43.77 -21.82
N ILE C 231 -38.99 43.49 -20.52
CA ILE C 231 -38.87 42.11 -20.08
C ILE C 231 -40.08 41.31 -20.52
N LEU C 232 -41.28 41.86 -20.28
CA LEU C 232 -42.51 41.15 -20.58
C LEU C 232 -42.68 40.92 -22.08
N ASN C 233 -42.41 41.96 -22.89
CA ASN C 233 -42.55 41.81 -24.32
C ASN C 233 -41.56 40.81 -24.89
N LEU C 234 -40.32 40.82 -24.39
CA LEU C 234 -39.39 39.75 -24.80
C LEU C 234 -39.97 38.39 -24.46
N ALA C 235 -40.63 38.26 -23.31
CA ALA C 235 -41.16 36.96 -22.91
C ALA C 235 -42.26 36.50 -23.88
N LYS C 236 -43.18 37.41 -24.20
CA LYS C 236 -44.22 37.13 -25.19
C LYS C 236 -43.61 36.76 -26.52
N LEU C 237 -42.69 37.58 -27.02
CA LEU C 237 -42.04 37.29 -28.30
C LEU C 237 -41.35 35.94 -28.27
N ASP C 238 -40.62 35.65 -27.18
CA ASP C 238 -39.89 34.39 -27.15
C ASP C 238 -40.86 33.22 -27.07
N PHE C 239 -41.95 33.39 -26.32
CA PHE C 239 -42.94 32.33 -26.25
C PHE C 239 -43.56 32.08 -27.62
N ASN C 240 -43.90 33.15 -28.34
CA ASN C 240 -44.54 32.96 -29.64
C ASN C 240 -43.55 32.46 -30.68
N ILE C 241 -42.31 32.96 -30.66
CA ILE C 241 -41.33 32.47 -31.62
C ILE C 241 -41.13 30.97 -31.48
N MET C 242 -40.80 30.51 -30.27
CA MET C 242 -40.48 29.09 -30.11
C MET C 242 -41.71 28.20 -30.24
N GLN C 243 -42.87 28.64 -29.76
CA GLN C 243 -44.10 27.90 -30.00
C GLN C 243 -44.28 27.63 -31.49
N SER C 244 -43.95 28.59 -32.35
CA SER C 244 -44.15 28.33 -33.76
C SER C 244 -43.12 27.33 -34.28
N VAL C 245 -41.91 27.30 -33.72
CA VAL C 245 -40.96 26.25 -34.06
C VAL C 245 -41.45 24.89 -33.57
N HIS C 246 -41.95 24.84 -32.34
CA HIS C 246 -42.41 23.56 -31.79
C HIS C 246 -43.62 23.06 -32.54
N ARG C 247 -44.49 23.97 -32.99
CA ARG C 247 -45.69 23.56 -33.72
C ARG C 247 -45.31 22.96 -35.07
N LEU C 248 -44.26 23.51 -35.68
CA LEU C 248 -43.75 22.96 -36.91
C LEU C 248 -43.09 21.60 -36.68
N GLU C 249 -42.43 21.44 -35.53
CA GLU C 249 -41.80 20.15 -35.20
C GLU C 249 -42.86 19.07 -34.96
N LEU C 250 -43.98 19.44 -34.33
CA LEU C 250 -45.08 18.50 -34.18
C LEU C 250 -45.44 17.84 -35.50
N GLU C 251 -45.31 18.57 -36.62
CA GLU C 251 -45.69 17.98 -37.90
C GLU C 251 -44.93 16.70 -38.19
N SER C 252 -43.64 16.65 -37.88
CA SER C 252 -42.90 15.41 -38.07
C SER C 252 -43.36 14.32 -37.09
N ILE C 253 -43.81 14.72 -35.89
CA ILE C 253 -44.38 13.75 -34.97
C ILE C 253 -45.70 13.19 -35.52
N LEU C 254 -46.53 14.08 -36.10
CA LEU C 254 -47.81 13.61 -36.64
C LEU C 254 -47.59 12.70 -37.84
N LYS C 255 -46.65 13.07 -38.70
CA LYS C 255 -46.25 12.18 -39.78
C LYS C 255 -45.87 10.81 -39.24
N TRP C 256 -44.94 10.75 -38.29
CA TRP C 256 -44.45 9.48 -37.77
C TRP C 256 -45.58 8.59 -37.28
N TRP C 257 -46.58 9.21 -36.62
CA TRP C 257 -47.74 8.45 -36.16
C TRP C 257 -48.43 7.73 -37.30
N LYS C 258 -48.59 8.41 -38.44
CA LYS C 258 -49.18 7.80 -39.63
C LYS C 258 -48.26 6.76 -40.26
N ASP C 259 -47.02 7.15 -40.56
CA ASP C 259 -46.13 6.23 -41.26
C ASP C 259 -45.90 4.94 -40.49
N SER C 260 -45.79 5.03 -39.16
CA SER C 260 -45.60 3.84 -38.35
C SER C 260 -46.87 3.01 -38.18
N ASN C 261 -48.01 3.49 -38.68
CA ASN C 261 -49.30 2.80 -38.61
C ASN C 261 -49.82 2.70 -37.19
N LEU C 262 -49.25 3.45 -36.25
CA LEU C 262 -49.76 3.45 -34.88
C LEU C 262 -51.18 4.00 -34.80
N ASP C 263 -51.65 4.74 -35.81
CA ASP C 263 -53.04 5.17 -35.79
C ASP C 263 -53.97 3.98 -35.98
N LYS C 264 -53.54 2.97 -36.75
CA LYS C 264 -54.30 1.74 -36.93
C LYS C 264 -54.30 0.86 -35.67
N VAL C 265 -53.47 1.15 -34.68
CA VAL C 265 -53.48 0.38 -33.43
C VAL C 265 -54.68 0.80 -32.60
N ASP C 266 -55.58 -0.15 -32.35
CA ASP C 266 -56.86 0.18 -31.72
C ASP C 266 -56.73 0.55 -30.24
N PHE C 267 -55.68 0.08 -29.56
CA PHE C 267 -55.52 0.40 -28.13
C PHE C 267 -54.44 1.45 -27.87
N ALA C 268 -54.11 2.27 -28.87
CA ALA C 268 -53.22 3.40 -28.71
C ALA C 268 -54.04 4.68 -28.70
N ARG C 269 -53.56 5.68 -27.95
CA ARG C 269 -54.25 6.96 -27.82
C ARG C 269 -53.48 8.04 -28.58
N HIS C 270 -54.05 9.25 -28.60
CA HIS C 270 -53.41 10.44 -29.15
C HIS C 270 -52.41 11.08 -28.17
N ARG C 271 -51.82 10.27 -27.28
CA ARG C 271 -51.05 10.79 -26.17
C ARG C 271 -49.70 11.37 -26.60
N HIS C 272 -49.24 11.07 -27.82
CA HIS C 272 -47.95 11.56 -28.29
C HIS C 272 -47.93 13.08 -28.49
N VAL C 273 -49.08 13.71 -28.75
CA VAL C 273 -49.09 15.16 -28.85
C VAL C 273 -48.96 15.80 -27.48
N GLU C 274 -49.53 15.16 -26.44
CA GLU C 274 -49.39 15.66 -25.07
C GLU C 274 -47.96 15.50 -24.57
N TYR C 275 -47.38 14.33 -24.80
CA TYR C 275 -46.00 14.12 -24.37
C TYR C 275 -45.09 15.13 -25.05
N PHE C 276 -45.38 15.42 -26.32
CA PHE C 276 -44.56 16.41 -27.03
C PHE C 276 -44.72 17.80 -26.41
N ALA C 277 -45.94 18.17 -26.04
CA ALA C 277 -46.18 19.49 -25.47
C ALA C 277 -45.54 19.64 -24.10
N LEU C 278 -45.48 18.54 -23.33
CA LEU C 278 -44.83 18.58 -22.04
C LEU C 278 -43.34 18.85 -22.19
N ALA C 279 -42.70 18.17 -23.14
CA ALA C 279 -41.29 18.40 -23.40
C ALA C 279 -41.01 19.83 -23.83
N CYS C 280 -41.94 20.43 -24.61
CA CYS C 280 -41.76 21.79 -25.09
C CYS C 280 -41.88 22.79 -23.95
N ALA C 281 -42.52 22.41 -22.87
CA ALA C 281 -42.69 23.31 -21.74
C ALA C 281 -41.41 23.46 -20.89
N TYR C 282 -40.32 22.78 -21.21
CA TYR C 282 -39.04 23.07 -20.55
C TYR C 282 -37.84 22.95 -21.47
N CYS C 283 -37.87 22.13 -22.50
CA CYS C 283 -36.77 22.03 -23.46
C CYS C 283 -37.14 22.88 -24.67
N ILE C 284 -36.50 24.04 -24.79
CA ILE C 284 -37.02 25.13 -25.60
C ILE C 284 -36.22 25.31 -26.88
N ASP C 285 -34.90 25.36 -26.77
CA ASP C 285 -34.05 25.72 -27.91
C ASP C 285 -34.33 24.82 -29.09
N ALA C 286 -34.17 25.43 -30.27
CA ALA C 286 -34.53 24.73 -31.51
C ALA C 286 -33.52 23.64 -31.85
N LYS C 287 -32.27 23.78 -31.42
CA LYS C 287 -31.29 22.73 -31.70
C LYS C 287 -31.59 21.42 -30.96
N TYR C 288 -32.44 21.46 -29.93
CA TYR C 288 -32.79 20.25 -29.20
C TYR C 288 -34.03 19.57 -29.76
N TYR C 289 -34.21 19.58 -31.09
CA TYR C 289 -35.39 18.94 -31.65
C TYR C 289 -35.40 17.44 -31.36
N ALA C 290 -34.22 16.80 -31.34
CA ALA C 290 -34.18 15.38 -31.04
C ALA C 290 -34.74 15.07 -29.65
N TYR C 291 -34.32 15.84 -28.64
CA TYR C 291 -34.83 15.62 -27.28
C TYR C 291 -36.35 15.63 -27.26
N ARG C 292 -36.95 16.68 -27.83
CA ARG C 292 -38.41 16.77 -27.86
C ARG C 292 -39.04 15.64 -28.67
N ARG C 293 -38.42 15.30 -29.81
CA ARG C 293 -38.96 14.25 -30.65
C ARG C 293 -38.87 12.90 -29.96
N ASP C 294 -37.69 12.58 -29.42
CA ASP C 294 -37.50 11.26 -28.85
C ASP C 294 -38.20 11.09 -27.51
N PHE C 295 -38.41 12.18 -26.75
CA PHE C 295 -39.25 12.02 -25.58
C PHE C 295 -40.69 11.72 -25.99
N ALA C 296 -41.25 12.50 -26.93
CA ALA C 296 -42.61 12.25 -27.38
C ALA C 296 -42.79 10.82 -27.87
N LYS C 297 -41.85 10.34 -28.69
CA LYS C 297 -41.99 9.01 -29.31
C LYS C 297 -41.80 7.90 -28.27
N LEU C 298 -40.64 7.87 -27.61
CA LEU C 298 -40.31 6.80 -26.68
C LEU C 298 -41.28 6.75 -25.51
N CYS C 299 -41.82 7.90 -25.10
CA CYS C 299 -42.81 7.88 -24.03
C CYS C 299 -44.15 7.34 -24.54
N ALA C 300 -44.51 7.67 -25.78
CA ALA C 300 -45.73 7.09 -26.34
C ALA C 300 -45.54 5.61 -26.59
N LEU C 301 -44.39 5.20 -27.11
CA LEU C 301 -44.13 3.77 -27.27
C LEU C 301 -44.11 3.04 -25.93
N ALA C 302 -43.35 3.56 -24.95
CA ALA C 302 -43.36 2.96 -23.61
C ALA C 302 -44.78 2.77 -23.08
N THR C 303 -45.66 3.74 -23.32
CA THR C 303 -47.04 3.65 -22.88
C THR C 303 -47.79 2.51 -23.56
N ILE C 304 -47.58 2.35 -24.87
CA ILE C 304 -48.20 1.27 -25.62
C ILE C 304 -47.65 -0.08 -25.16
N VAL C 305 -46.33 -0.19 -25.02
CA VAL C 305 -45.72 -1.40 -24.51
C VAL C 305 -46.28 -1.76 -23.15
N ASP C 306 -46.41 -0.77 -22.27
CA ASP C 306 -46.98 -1.04 -20.95
C ASP C 306 -48.39 -1.63 -21.08
N ASP C 307 -49.16 -1.18 -22.07
CA ASP C 307 -50.50 -1.70 -22.28
C ASP C 307 -50.46 -3.13 -22.81
N ILE C 308 -49.58 -3.41 -23.77
CA ILE C 308 -49.39 -4.77 -24.27
C ILE C 308 -49.02 -5.74 -23.15
N TYR C 309 -48.49 -5.25 -22.04
CA TYR C 309 -48.05 -6.17 -21.01
C TYR C 309 -49.04 -6.31 -19.86
N ASP C 310 -49.80 -5.29 -19.52
CA ASP C 310 -50.73 -5.35 -18.40
C ASP C 310 -52.18 -5.18 -18.83
N THR C 311 -52.51 -5.56 -20.06
CA THR C 311 -53.89 -5.52 -20.52
C THR C 311 -54.04 -6.41 -21.74
N TYR C 312 -53.76 -5.84 -22.91
CA TYR C 312 -53.79 -6.63 -24.15
C TYR C 312 -52.56 -7.53 -24.12
N GLY C 313 -52.35 -8.31 -25.18
CA GLY C 313 -51.13 -9.13 -25.23
C GLY C 313 -51.21 -10.37 -24.36
N THR C 314 -51.10 -11.54 -24.97
CA THR C 314 -51.10 -12.81 -24.21
C THR C 314 -49.76 -13.02 -23.53
N ILE C 315 -49.71 -13.95 -22.56
CA ILE C 315 -48.42 -14.28 -21.93
C ILE C 315 -47.46 -14.83 -22.97
N GLU C 316 -47.98 -15.49 -24.02
CA GLU C 316 -47.11 -16.07 -25.04
C GLU C 316 -46.55 -14.99 -25.95
N GLU C 317 -47.35 -13.96 -26.25
CA GLU C 317 -46.84 -12.81 -27.00
C GLU C 317 -45.84 -12.00 -26.17
N ILE C 318 -46.13 -11.79 -24.89
CA ILE C 318 -45.15 -11.20 -23.99
C ILE C 318 -43.84 -11.96 -24.07
N LYS C 319 -43.91 -13.30 -24.14
CA LYS C 319 -42.70 -14.11 -24.22
C LYS C 319 -41.88 -13.78 -25.46
N LEU C 320 -42.56 -13.64 -26.60
CA LEU C 320 -41.87 -13.39 -27.87
C LEU C 320 -41.38 -11.94 -27.98
N PHE C 321 -42.16 -10.99 -27.49
CA PHE C 321 -41.70 -9.60 -27.43
C PHE C 321 -40.36 -9.53 -26.71
N ASN C 322 -40.27 -10.13 -25.52
CA ASN C 322 -39.04 -10.10 -24.75
C ASN C 322 -37.90 -10.80 -25.47
N GLU C 323 -38.21 -11.85 -26.23
CA GLU C 323 -37.17 -12.53 -27.00
C GLU C 323 -36.70 -11.63 -28.13
N ALA C 324 -37.65 -11.05 -28.88
CA ALA C 324 -37.30 -10.15 -29.98
C ALA C 324 -36.43 -9.00 -29.49
N VAL C 325 -36.78 -8.42 -28.34
CA VAL C 325 -35.97 -7.36 -27.77
C VAL C 325 -34.59 -7.88 -27.40
N LYS C 326 -34.54 -9.05 -26.76
CA LYS C 326 -33.28 -9.63 -26.31
C LYS C 326 -32.33 -9.83 -27.48
N MET C 327 -32.86 -10.26 -28.62
CA MET C 327 -32.06 -10.43 -29.82
C MET C 327 -32.02 -9.19 -30.69
N TRP C 328 -32.91 -8.23 -30.44
CA TRP C 328 -33.02 -7.00 -31.25
C TRP C 328 -33.37 -7.33 -32.71
N ASP C 329 -34.46 -8.06 -32.89
CA ASP C 329 -34.99 -8.33 -34.22
C ASP C 329 -35.76 -7.11 -34.74
N SER C 330 -35.72 -6.95 -36.08
CA SER C 330 -36.49 -5.91 -36.75
C SER C 330 -37.99 -6.08 -36.59
N SER C 331 -38.48 -7.31 -36.46
CA SER C 331 -39.92 -7.56 -36.40
C SER C 331 -40.20 -8.79 -35.54
N LEU C 332 -41.46 -8.97 -35.22
CA LEU C 332 -41.97 -10.14 -34.54
C LEU C 332 -42.31 -11.21 -35.59
N PRO C 333 -42.72 -12.42 -35.20
CA PRO C 333 -43.20 -13.38 -36.21
C PRO C 333 -44.53 -12.97 -36.84
N ASN C 334 -44.60 -13.15 -38.17
CA ASN C 334 -45.71 -12.66 -39.00
C ASN C 334 -47.08 -13.14 -38.52
N SER C 335 -47.09 -14.15 -37.65
CA SER C 335 -48.34 -14.73 -37.17
C SER C 335 -48.94 -13.98 -35.98
N LEU C 336 -48.14 -13.18 -35.28
CA LEU C 336 -48.63 -12.49 -34.10
C LEU C 336 -49.71 -11.48 -34.52
N PRO C 337 -50.55 -10.99 -33.56
CA PRO C 337 -51.60 -10.02 -33.94
C PRO C 337 -51.06 -8.80 -34.68
N GLU C 338 -51.97 -8.05 -35.32
CA GLU C 338 -51.55 -6.87 -36.08
C GLU C 338 -51.11 -5.75 -35.16
N ASN C 339 -51.90 -5.49 -34.11
CA ASN C 339 -51.57 -4.42 -33.18
C ASN C 339 -50.18 -4.62 -32.58
N ILE C 340 -49.90 -5.81 -32.06
CA ILE C 340 -48.64 -6.04 -31.39
C ILE C 340 -47.47 -5.99 -32.38
N LYS C 341 -47.65 -6.53 -33.58
CA LYS C 341 -46.57 -6.52 -34.55
C LYS C 341 -46.21 -5.09 -34.97
N ILE C 342 -47.23 -4.22 -35.08
CA ILE C 342 -47.00 -2.82 -35.45
C ILE C 342 -46.22 -2.11 -34.36
N ALA C 343 -46.74 -2.15 -33.12
CA ALA C 343 -46.09 -1.51 -31.99
C ALA C 343 -44.62 -1.92 -31.91
N TYR C 344 -44.35 -3.22 -32.05
CA TYR C 344 -42.96 -3.69 -31.93
C TYR C 344 -42.11 -3.08 -33.02
N LYS C 345 -42.65 -3.00 -34.25
CA LYS C 345 -41.86 -2.46 -35.35
C LYS C 345 -41.60 -0.98 -35.15
N ALA C 346 -42.64 -0.23 -34.76
CA ALA C 346 -42.45 1.18 -34.46
C ALA C 346 -41.41 1.34 -33.35
N PHE C 347 -41.55 0.55 -32.28
CA PHE C 347 -40.64 0.62 -31.14
C PHE C 347 -39.20 0.45 -31.57
N HIS C 348 -38.95 -0.58 -32.37
CA HIS C 348 -37.59 -0.92 -32.77
C HIS C 348 -36.94 0.22 -33.55
N MET C 349 -37.70 0.83 -34.45
CA MET C 349 -37.11 1.89 -35.30
C MET C 349 -36.90 3.16 -34.46
N ALA C 350 -37.83 3.49 -33.58
CA ALA C 350 -37.70 4.72 -32.79
C ALA C 350 -36.50 4.66 -31.87
N VAL C 351 -36.26 3.50 -31.24
CA VAL C 351 -35.07 3.34 -30.40
C VAL C 351 -33.79 3.45 -31.22
N ASN C 352 -33.76 2.80 -32.39
CA ASN C 352 -32.59 2.89 -33.26
C ASN C 352 -32.33 4.33 -33.70
N GLU C 353 -33.38 5.02 -34.13
CA GLU C 353 -33.24 6.42 -34.54
C GLU C 353 -32.68 7.28 -33.40
N SER C 354 -33.32 7.20 -32.23
CA SER C 354 -32.89 8.03 -31.11
C SER C 354 -31.44 7.76 -30.77
N ALA C 355 -31.01 6.49 -30.82
CA ALA C 355 -29.62 6.16 -30.55
C ALA C 355 -28.69 6.76 -31.59
N GLU C 356 -29.13 6.85 -32.84
CA GLU C 356 -28.35 7.53 -33.88
C GLU C 356 -28.18 9.00 -33.54
N ALA C 357 -29.25 9.65 -33.13
CA ALA C 357 -29.13 11.03 -32.66
C ALA C 357 -28.10 11.12 -31.55
N ALA C 358 -28.06 10.14 -30.67
CA ALA C 358 -27.16 10.21 -29.52
C ALA C 358 -25.73 9.83 -29.88
N LYS C 359 -25.53 9.01 -30.91
CA LYS C 359 -24.17 8.76 -31.38
C LYS C 359 -23.54 10.05 -31.91
N LYS C 360 -24.33 10.89 -32.58
CA LYS C 360 -23.81 12.16 -33.11
C LYS C 360 -23.26 13.03 -31.99
N THR C 361 -24.09 13.36 -30.99
CA THR C 361 -23.66 14.30 -29.98
C THR C 361 -22.81 13.67 -28.88
N GLN C 362 -22.94 12.36 -28.64
CA GLN C 362 -22.12 11.76 -27.58
C GLN C 362 -20.79 11.24 -28.07
N GLY C 363 -20.67 10.94 -29.36
CA GLY C 363 -19.41 10.49 -29.90
C GLY C 363 -19.07 9.06 -29.58
N ARG C 364 -20.08 8.25 -29.26
CA ARG C 364 -19.86 6.83 -29.04
C ARG C 364 -21.12 6.10 -29.45
N ASP C 365 -20.98 4.79 -29.66
CA ASP C 365 -22.14 3.94 -29.84
C ASP C 365 -22.90 3.90 -28.52
N ILE C 366 -24.16 4.31 -28.53
CA ILE C 366 -24.97 4.18 -27.33
C ILE C 366 -26.08 3.14 -27.48
N LEU C 367 -26.29 2.58 -28.68
CA LEU C 367 -27.38 1.61 -28.85
C LEU C 367 -27.24 0.38 -27.95
N PRO C 368 -26.05 -0.21 -27.76
CA PRO C 368 -25.97 -1.34 -26.79
C PRO C 368 -26.44 -0.96 -25.40
N TYR C 369 -25.99 0.19 -24.89
CA TYR C 369 -26.44 0.67 -23.58
C TYR C 369 -27.96 0.90 -23.57
N ALA C 370 -28.48 1.54 -24.62
CA ALA C 370 -29.91 1.84 -24.64
C ALA C 370 -30.73 0.57 -24.59
N ARG C 371 -30.28 -0.48 -25.26
CA ARG C 371 -31.01 -1.75 -25.26
C ARG C 371 -31.12 -2.31 -23.85
N LYS C 372 -30.02 -2.26 -23.09
CA LYS C 372 -30.08 -2.73 -21.71
C LYS C 372 -31.10 -1.92 -20.91
N VAL C 373 -31.20 -0.60 -21.16
CA VAL C 373 -32.19 0.22 -20.47
C VAL C 373 -33.58 -0.28 -20.78
N TRP C 374 -33.88 -0.54 -22.04
CA TRP C 374 -35.20 -1.04 -22.40
C TRP C 374 -35.41 -2.47 -21.91
N GLU C 375 -34.35 -3.29 -21.89
CA GLU C 375 -34.49 -4.62 -21.31
C GLU C 375 -34.92 -4.54 -19.86
N HIS C 376 -34.27 -3.66 -19.09
CA HIS C 376 -34.65 -3.48 -17.68
C HIS C 376 -36.12 -3.13 -17.56
N TYR C 377 -36.59 -2.21 -18.42
CA TYR C 377 -37.99 -1.84 -18.41
C TYR C 377 -38.87 -3.08 -18.55
N LEU C 378 -38.56 -3.93 -19.53
CA LEU C 378 -39.43 -5.06 -19.85
C LEU C 378 -39.40 -6.10 -18.74
N ILE C 379 -38.25 -6.28 -18.10
CA ILE C 379 -38.16 -7.15 -16.92
C ILE C 379 -39.18 -6.72 -15.86
N GLY C 380 -39.22 -5.42 -15.56
CA GLY C 380 -40.11 -4.97 -14.52
C GLY C 380 -41.57 -5.12 -14.91
N LEU C 381 -41.88 -4.90 -16.20
CA LEU C 381 -43.24 -5.10 -16.69
C LEU C 381 -43.63 -6.57 -16.68
N THR C 382 -42.66 -7.46 -16.95
CA THR C 382 -42.94 -8.89 -16.97
C THR C 382 -43.21 -9.41 -15.58
N LYS C 383 -42.35 -9.07 -14.61
CA LYS C 383 -42.60 -9.40 -13.20
C LYS C 383 -44.03 -9.06 -12.81
N GLU C 384 -44.51 -7.88 -13.17
CA GLU C 384 -45.86 -7.50 -12.77
C GLU C 384 -46.90 -8.33 -13.51
N ALA C 385 -46.61 -8.73 -14.74
CA ALA C 385 -47.52 -9.62 -15.47
C ALA C 385 -47.56 -10.99 -14.82
N GLU C 386 -46.39 -11.51 -14.43
CA GLU C 386 -46.31 -12.80 -13.75
C GLU C 386 -47.04 -12.77 -12.41
N TRP C 387 -46.74 -11.78 -11.56
CA TRP C 387 -47.48 -11.62 -10.32
C TRP C 387 -48.98 -11.66 -10.58
N LEU C 388 -49.44 -10.88 -11.55
CA LEU C 388 -50.87 -10.82 -11.81
C LEU C 388 -51.39 -12.16 -12.31
N ALA C 389 -50.59 -12.85 -13.13
CA ALA C 389 -51.00 -14.14 -13.66
C ALA C 389 -51.06 -15.20 -12.57
N ASN C 390 -50.22 -15.07 -11.54
CA ASN C 390 -50.16 -16.04 -10.46
C ASN C 390 -50.97 -15.62 -9.25
N GLY C 391 -51.74 -14.54 -9.34
CA GLY C 391 -52.50 -14.10 -8.19
C GLY C 391 -51.67 -13.68 -7.00
N TYR C 392 -50.39 -13.37 -7.22
CA TYR C 392 -49.43 -13.01 -6.18
C TYR C 392 -49.45 -11.51 -5.92
N ILE C 393 -49.82 -11.12 -4.70
CA ILE C 393 -49.75 -9.73 -4.30
C ILE C 393 -48.51 -9.49 -3.47
N PRO C 394 -47.46 -8.85 -4.01
CA PRO C 394 -46.20 -8.73 -3.26
C PRO C 394 -46.31 -7.72 -2.12
N SER C 395 -45.25 -7.70 -1.31
CA SER C 395 -45.11 -6.66 -0.30
C SER C 395 -44.83 -5.32 -0.94
N LEU C 396 -45.34 -4.25 -0.32
CA LEU C 396 -45.10 -2.90 -0.83
C LEU C 396 -43.63 -2.66 -1.14
N GLU C 397 -42.74 -3.17 -0.30
CA GLU C 397 -41.31 -2.97 -0.54
C GLU C 397 -40.86 -3.61 -1.84
N GLU C 398 -41.22 -4.88 -2.05
CA GLU C 398 -40.87 -5.56 -3.30
C GLU C 398 -41.52 -4.87 -4.48
N TYR C 399 -42.75 -4.38 -4.30
CA TYR C 399 -43.48 -3.72 -5.36
C TYR C 399 -42.80 -2.43 -5.79
N LEU C 400 -42.36 -1.63 -4.83
CA LEU C 400 -41.68 -0.39 -5.18
C LEU C 400 -40.31 -0.64 -5.79
N GLU C 401 -39.57 -1.63 -5.29
CA GLU C 401 -38.25 -1.89 -5.87
C GLU C 401 -38.35 -2.22 -7.35
N ASN C 402 -39.29 -3.10 -7.70
CA ASN C 402 -39.55 -3.43 -9.10
C ASN C 402 -40.33 -2.33 -9.80
N GLY C 403 -41.09 -1.56 -9.02
CA GLY C 403 -41.94 -0.53 -9.57
C GLY C 403 -41.20 0.69 -10.03
N ALA C 404 -39.91 0.79 -9.72
CA ALA C 404 -39.10 1.89 -10.22
C ALA C 404 -38.71 1.62 -11.69
N PRO C 405 -38.08 0.49 -12.03
CA PRO C 405 -37.88 0.22 -13.46
C PRO C 405 -39.17 0.03 -14.22
N SER C 406 -40.21 -0.51 -13.59
CA SER C 406 -41.45 -0.78 -14.31
C SER C 406 -42.26 0.48 -14.57
N SER C 407 -42.03 1.57 -13.83
CA SER C 407 -42.81 2.78 -14.08
C SER C 407 -42.57 3.32 -15.48
N GLY C 408 -41.43 2.98 -16.08
CA GLY C 408 -41.01 3.49 -17.36
C GLY C 408 -40.42 4.89 -17.35
N TYR C 409 -40.12 5.45 -16.19
CA TYR C 409 -39.48 6.76 -16.14
C TYR C 409 -38.17 6.72 -16.93
N ARG C 410 -37.33 5.72 -16.63
CA ARG C 410 -35.97 5.69 -17.12
C ARG C 410 -35.90 5.58 -18.63
N VAL C 411 -36.76 4.77 -19.25
CA VAL C 411 -36.68 4.65 -20.71
C VAL C 411 -37.18 5.90 -21.42
N THR C 412 -37.96 6.75 -20.75
CA THR C 412 -38.31 8.02 -21.37
C THR C 412 -37.25 9.09 -21.15
N MET C 413 -36.30 8.85 -20.24
CA MET C 413 -35.31 9.85 -19.85
C MET C 413 -33.97 9.60 -20.52
N LEU C 414 -33.46 8.37 -20.39
CA LEU C 414 -32.08 8.07 -20.85
C LEU C 414 -31.79 8.47 -22.30
N GLN C 415 -32.50 7.88 -23.27
CA GLN C 415 -32.11 8.10 -24.66
C GLN C 415 -32.34 9.54 -25.10
N PRO C 416 -33.44 10.20 -24.72
CA PRO C 416 -33.59 11.64 -25.08
C PRO C 416 -32.54 12.54 -24.45
N THR C 417 -32.17 12.32 -23.18
CA THR C 417 -31.14 13.17 -22.58
C THR C 417 -29.79 12.98 -23.25
N LEU C 418 -29.52 11.79 -23.79
CA LEU C 418 -28.27 11.58 -24.50
C LEU C 418 -28.21 12.32 -25.83
N THR C 419 -29.35 12.81 -26.36
CA THR C 419 -29.35 13.57 -27.61
C THR C 419 -29.02 15.04 -27.41
N LEU C 420 -29.12 15.53 -26.17
CA LEU C 420 -28.63 16.87 -25.86
C LEU C 420 -27.13 16.93 -26.10
N ASP C 421 -26.59 18.15 -26.20
CA ASP C 421 -25.18 18.31 -26.53
C ASP C 421 -24.25 18.25 -25.34
N ALA C 422 -24.77 18.19 -24.10
CA ALA C 422 -23.92 17.91 -22.95
C ALA C 422 -23.47 16.46 -22.98
N LEU C 423 -22.18 16.24 -22.72
CA LEU C 423 -21.59 14.91 -22.83
C LEU C 423 -21.77 14.11 -21.56
N LEU C 424 -22.10 12.83 -21.72
CA LEU C 424 -22.34 11.93 -20.59
C LEU C 424 -21.58 10.64 -20.83
N PRO C 425 -20.25 10.66 -20.70
CA PRO C 425 -19.48 9.41 -20.78
C PRO C 425 -19.89 8.48 -19.64
N ASP C 426 -19.60 7.19 -19.84
CA ASP C 426 -20.18 6.15 -18.98
C ASP C 426 -19.93 6.43 -17.51
N ASN C 427 -18.76 6.97 -17.17
CA ASN C 427 -18.43 7.18 -15.77
C ASN C 427 -19.20 8.35 -15.17
N ILE C 428 -19.66 9.28 -15.99
CA ILE C 428 -20.53 10.35 -15.51
C ILE C 428 -22.00 9.93 -15.55
N LEU C 429 -22.38 9.24 -16.63
CA LEU C 429 -23.73 8.71 -16.78
C LEU C 429 -24.21 7.99 -15.51
N LEU C 430 -23.33 7.18 -14.90
CA LEU C 430 -23.70 6.37 -13.74
C LEU C 430 -24.10 7.20 -12.52
N GLU C 431 -23.70 8.47 -12.47
CA GLU C 431 -24.09 9.33 -11.37
C GLU C 431 -25.43 10.00 -11.60
N MET C 432 -26.00 9.83 -12.80
CA MET C 432 -27.29 10.35 -13.20
C MET C 432 -28.29 9.26 -13.55
N ASP C 433 -27.88 8.31 -14.38
CA ASP C 433 -28.73 7.19 -14.74
C ASP C 433 -28.83 6.22 -13.57
N TYR C 434 -29.64 5.19 -13.75
CA TYR C 434 -29.52 3.98 -12.94
C TYR C 434 -28.06 3.57 -12.89
N PRO C 435 -27.55 3.10 -11.72
CA PRO C 435 -28.25 2.85 -10.45
C PRO C 435 -28.22 4.00 -9.46
N SER C 436 -28.05 5.25 -9.92
CA SER C 436 -27.85 6.35 -9.01
C SER C 436 -29.08 6.59 -8.14
N ARG C 437 -28.83 7.16 -6.96
CA ARG C 437 -29.91 7.63 -6.12
C ARG C 437 -30.83 8.62 -6.85
N PHE C 438 -30.25 9.55 -7.64
CA PHE C 438 -31.03 10.48 -8.46
C PHE C 438 -32.09 9.74 -9.26
N ASN C 439 -31.69 8.76 -10.07
CA ASN C 439 -32.62 8.02 -10.90
C ASN C 439 -33.64 7.26 -10.06
N GLU C 440 -33.20 6.62 -8.97
CA GLU C 440 -34.13 5.91 -8.10
C GLU C 440 -35.24 6.82 -7.63
N LEU C 441 -34.89 8.02 -7.14
CA LEU C 441 -35.91 8.95 -6.68
C LEU C 441 -36.78 9.46 -7.81
N LEU C 442 -36.20 9.71 -8.99
CA LEU C 442 -37.02 10.13 -10.12
C LEU C 442 -38.05 9.05 -10.46
N CYS C 443 -37.64 7.78 -10.41
CA CYS C 443 -38.57 6.68 -10.69
C CYS C 443 -39.64 6.58 -9.62
N LEU C 444 -39.24 6.67 -8.35
CA LEU C 444 -40.20 6.60 -7.26
C LEU C 444 -41.24 7.69 -7.37
N SER C 445 -40.83 8.90 -7.77
CA SER C 445 -41.77 10.00 -7.87
C SER C 445 -42.89 9.68 -8.86
N LEU C 446 -42.54 9.05 -9.99
CA LEU C 446 -43.54 8.68 -10.99
C LEU C 446 -44.38 7.50 -10.53
N ARG C 447 -43.73 6.49 -9.95
CA ARG C 447 -44.44 5.32 -9.42
C ARG C 447 -45.41 5.73 -8.32
N LEU C 448 -44.92 6.44 -7.30
CA LEU C 448 -45.79 6.83 -6.21
C LEU C 448 -46.91 7.76 -6.70
N LYS C 449 -46.60 8.71 -7.58
CA LYS C 449 -47.64 9.65 -8.01
C LYS C 449 -48.72 8.95 -8.83
N GLY C 450 -48.32 8.05 -9.74
CA GLY C 450 -49.33 7.31 -10.48
C GLY C 450 -50.20 6.46 -9.57
N ASP C 451 -49.59 5.81 -8.58
CA ASP C 451 -50.31 4.94 -7.67
C ASP C 451 -51.23 5.71 -6.73
N THR C 452 -51.15 7.03 -6.69
CA THR C 452 -52.01 7.78 -5.79
C THR C 452 -53.08 8.57 -6.54
N ARG C 453 -53.19 8.38 -7.85
CA ARG C 453 -54.24 9.00 -8.64
C ARG C 453 -55.60 8.52 -8.13
N THR C 454 -56.62 9.37 -8.32
CA THR C 454 -57.98 9.08 -7.87
C THR C 454 -58.88 8.64 -9.02
N GLU C 463 -56.88 -3.51 -9.70
CA GLU C 463 -55.71 -4.29 -10.10
C GLU C 463 -55.09 -4.98 -8.88
N LEU C 464 -54.55 -6.18 -9.09
CA LEU C 464 -54.00 -6.95 -7.97
C LEU C 464 -52.72 -6.32 -7.46
N VAL C 465 -51.78 -6.01 -8.37
CA VAL C 465 -50.51 -5.41 -7.98
C VAL C 465 -50.63 -3.90 -8.15
N SER C 466 -50.73 -3.19 -7.04
CA SER C 466 -50.70 -1.74 -7.02
C SER C 466 -50.06 -1.31 -5.71
N GLY C 467 -49.89 0.00 -5.53
CA GLY C 467 -49.35 0.48 -4.28
C GLY C 467 -50.31 0.27 -3.12
N ILE C 468 -51.61 0.49 -3.38
CA ILE C 468 -52.64 0.34 -2.35
C ILE C 468 -52.73 -1.11 -1.89
N SER C 469 -52.94 -2.02 -2.83
CA SER C 469 -52.93 -3.47 -2.57
C SER C 469 -51.74 -3.89 -1.74
N CYS C 470 -50.54 -3.72 -2.26
CA CYS C 470 -49.36 -4.20 -1.55
C CYS C 470 -49.20 -3.53 -0.20
N TYR C 471 -49.90 -2.44 0.05
CA TYR C 471 -49.89 -1.82 1.37
C TYR C 471 -50.94 -2.46 2.26
N ILE C 472 -52.18 -2.57 1.75
CA ILE C 472 -53.23 -3.26 2.50
C ILE C 472 -52.79 -4.69 2.83
N LYS C 473 -52.14 -5.36 1.88
CA LYS C 473 -51.62 -6.70 2.15
C LYS C 473 -50.61 -6.71 3.28
N ASP C 474 -49.83 -5.64 3.43
CA ASP C 474 -48.80 -5.59 4.45
C ASP C 474 -49.33 -5.13 5.80
N HIS C 475 -50.51 -4.54 5.82
CA HIS C 475 -51.12 -4.00 7.04
C HIS C 475 -52.59 -4.39 7.00
N PRO C 476 -52.91 -5.60 7.49
CA PRO C 476 -54.30 -6.09 7.40
C PRO C 476 -55.29 -5.13 8.07
N GLY C 477 -56.43 -4.94 7.41
CA GLY C 477 -57.47 -4.10 7.93
C GLY C 477 -57.33 -2.62 7.63
N SER C 478 -56.60 -2.26 6.58
CA SER C 478 -56.46 -0.87 6.18
C SER C 478 -57.51 -0.52 5.14
N SER C 479 -58.00 0.71 5.19
CA SER C 479 -58.85 1.17 4.11
C SER C 479 -58.00 1.55 2.90
N GLU C 480 -58.66 1.72 1.76
CA GLU C 480 -58.02 2.42 0.65
C GLU C 480 -57.71 3.85 1.03
N GLU C 481 -58.42 4.42 1.99
CA GLU C 481 -58.06 5.74 2.50
C GLU C 481 -56.80 5.68 3.34
N GLU C 482 -56.65 4.65 4.17
CA GLU C 482 -55.42 4.51 4.95
C GLU C 482 -54.24 4.14 4.07
N ALA C 483 -54.49 3.54 2.91
CA ALA C 483 -53.41 3.25 1.96
C ALA C 483 -53.01 4.50 1.20
N LEU C 484 -53.98 5.17 0.58
CA LEU C 484 -53.74 6.39 -0.18
C LEU C 484 -53.01 7.43 0.65
N ASP C 485 -53.24 7.43 1.97
CA ASP C 485 -52.59 8.42 2.82
C ASP C 485 -51.11 8.10 3.01
N TYR C 486 -50.79 6.85 3.36
CA TYR C 486 -49.41 6.50 3.58
C TYR C 486 -48.57 6.71 2.32
N LEU C 487 -49.14 6.41 1.16
CA LEU C 487 -48.39 6.53 -0.09
C LEU C 487 -48.16 7.99 -0.44
N LYS C 488 -49.17 8.84 -0.22
CA LYS C 488 -49.00 10.27 -0.44
C LYS C 488 -47.94 10.87 0.48
N ASP C 489 -47.80 10.34 1.68
CA ASP C 489 -46.74 10.81 2.57
C ASP C 489 -45.38 10.28 2.16
N LEU C 490 -45.33 9.06 1.65
CA LEU C 490 -44.08 8.54 1.13
C LEU C 490 -43.62 9.37 -0.06
N LEU C 491 -44.57 9.75 -0.93
CA LEU C 491 -44.24 10.59 -2.08
C LEU C 491 -43.70 11.95 -1.65
N GLN C 492 -44.26 12.53 -0.60
CA GLN C 492 -43.76 13.82 -0.15
C GLN C 492 -42.38 13.71 0.48
N LYS C 493 -42.10 12.62 1.20
CA LYS C 493 -40.73 12.39 1.66
C LYS C 493 -39.79 12.14 0.49
N ARG C 494 -40.24 11.39 -0.51
CA ARG C 494 -39.43 11.11 -1.68
C ARG C 494 -39.12 12.36 -2.48
N LEU C 495 -40.08 13.27 -2.62
CA LEU C 495 -39.85 14.48 -3.40
C LEU C 495 -38.81 15.36 -2.73
N LYS C 496 -38.86 15.43 -1.39
CA LYS C 496 -37.85 16.22 -0.67
C LYS C 496 -36.45 15.65 -0.86
N GLU C 497 -36.33 14.32 -0.82
CA GLU C 497 -35.05 13.69 -1.09
C GLU C 497 -34.63 13.87 -2.54
N LEU C 498 -35.59 13.91 -3.47
CA LEU C 498 -35.27 14.13 -4.87
C LEU C 498 -34.69 15.53 -5.08
N ASP C 499 -35.39 16.54 -4.55
CA ASP C 499 -34.92 17.92 -4.70
C ASP C 499 -33.53 18.10 -4.11
N GLN C 500 -33.27 17.48 -2.95
CA GLN C 500 -31.95 17.59 -2.35
C GLN C 500 -30.88 16.91 -3.21
N GLU C 501 -31.17 15.69 -3.68
CA GLU C 501 -30.28 15.00 -4.63
C GLU C 501 -30.18 15.76 -5.95
N TYR C 502 -31.29 16.27 -6.47
CA TYR C 502 -31.26 17.05 -7.72
C TYR C 502 -30.27 18.20 -7.62
N LEU C 503 -30.33 18.98 -6.54
CA LEU C 503 -29.55 20.19 -6.39
C LEU C 503 -28.19 19.99 -5.72
N LYS C 504 -27.80 18.74 -5.47
CA LYS C 504 -26.54 18.42 -4.83
C LYS C 504 -25.43 18.43 -5.87
N PRO C 505 -24.30 19.07 -5.59
CA PRO C 505 -23.26 19.22 -6.63
C PRO C 505 -22.59 17.89 -6.94
N ASN C 506 -22.39 17.66 -8.22
CA ASN C 506 -21.57 16.56 -8.70
C ASN C 506 -21.02 16.98 -10.04
N ASN C 507 -20.50 16.03 -10.81
CA ASN C 507 -19.93 16.39 -12.11
C ASN C 507 -20.79 15.87 -13.26
N VAL C 508 -22.08 15.67 -13.00
CA VAL C 508 -23.05 15.52 -14.09
C VAL C 508 -23.40 16.91 -14.60
N PRO C 509 -23.43 17.11 -15.92
CA PRO C 509 -23.85 18.41 -16.46
C PRO C 509 -25.22 18.84 -15.96
N ALA C 510 -25.32 20.13 -15.61
CA ALA C 510 -26.59 20.66 -15.11
C ALA C 510 -27.73 20.46 -16.12
N ILE C 511 -27.47 20.76 -17.39
CA ILE C 511 -28.55 20.68 -18.39
C ILE C 511 -29.15 19.28 -18.44
N SER C 512 -28.32 18.24 -18.32
CA SER C 512 -28.82 16.87 -18.33
C SER C 512 -29.72 16.60 -17.13
N LYS C 513 -29.23 16.92 -15.92
CA LYS C 513 -30.02 16.77 -14.70
C LYS C 513 -31.32 17.55 -14.79
N ASP C 514 -31.25 18.74 -15.37
CA ASP C 514 -32.42 19.61 -15.44
C ASP C 514 -33.52 18.98 -16.30
N HIS C 515 -33.15 18.37 -17.42
CA HIS C 515 -34.13 17.71 -18.24
C HIS C 515 -34.70 16.47 -17.55
N ALA C 516 -33.82 15.62 -16.99
CA ALA C 516 -34.30 14.47 -16.24
C ALA C 516 -35.26 14.89 -15.14
N TYR C 517 -34.95 15.96 -14.43
CA TYR C 517 -35.82 16.40 -13.36
C TYR C 517 -37.14 16.92 -13.90
N ASN C 518 -37.12 17.61 -15.04
CA ASN C 518 -38.35 18.17 -15.57
C ASN C 518 -39.19 17.10 -16.26
N ILE C 519 -38.61 15.99 -16.70
CA ILE C 519 -39.42 14.82 -17.05
C ILE C 519 -40.28 14.42 -15.86
N ALA C 520 -39.65 14.17 -14.70
CA ALA C 520 -40.42 13.77 -13.51
C ALA C 520 -41.49 14.80 -13.16
N ARG C 521 -41.16 16.09 -13.28
CA ARG C 521 -42.20 17.08 -12.99
C ARG C 521 -43.28 17.08 -14.05
N SER C 522 -42.93 16.78 -15.31
CA SER C 522 -43.96 16.76 -16.33
C SER C 522 -44.98 15.64 -16.07
N TYR C 523 -44.55 14.52 -15.50
CA TYR C 523 -45.48 13.46 -15.13
C TYR C 523 -46.30 13.86 -13.90
N GLN C 524 -45.69 14.51 -12.93
CA GLN C 524 -46.47 15.07 -11.83
C GLN C 524 -47.54 15.99 -12.36
N LEU C 525 -47.17 16.87 -13.29
CA LEU C 525 -48.12 17.82 -13.84
C LEU C 525 -49.18 17.10 -14.66
N LEU C 526 -48.77 16.11 -15.45
CA LEU C 526 -49.72 15.34 -16.27
C LEU C 526 -50.78 14.69 -15.41
N TYR C 527 -50.38 14.06 -14.31
CA TYR C 527 -51.37 13.46 -13.44
C TYR C 527 -52.28 14.50 -12.82
N LYS C 528 -51.70 15.57 -12.28
CA LYS C 528 -52.51 16.66 -11.74
C LYS C 528 -53.59 17.11 -12.73
N GLU C 529 -53.22 17.30 -14.00
CA GLU C 529 -54.12 17.90 -14.99
C GLU C 529 -55.14 16.91 -15.55
N ARG C 530 -54.92 15.61 -15.36
CA ARG C 530 -55.97 14.63 -15.66
C ARG C 530 -56.80 14.39 -14.40
N ASP C 539 -57.92 19.62 -18.93
CA ASP C 539 -56.86 20.50 -18.46
C ASP C 539 -55.51 20.14 -19.10
N ILE C 540 -55.38 18.90 -19.56
CA ILE C 540 -54.23 18.52 -20.36
C ILE C 540 -54.41 19.00 -21.80
N LYS C 541 -55.65 18.99 -22.30
CA LYS C 541 -55.92 19.65 -23.57
C LYS C 541 -55.60 21.14 -23.48
N ASP C 542 -55.84 21.74 -22.31
CA ASP C 542 -55.43 23.13 -22.10
C ASP C 542 -53.93 23.29 -22.19
N LEU C 543 -53.19 22.33 -21.65
CA LEU C 543 -51.73 22.41 -21.70
C LEU C 543 -51.23 22.41 -23.14
N VAL C 544 -51.69 21.45 -23.94
CA VAL C 544 -51.31 21.39 -25.35
C VAL C 544 -51.67 22.69 -26.06
N THR C 545 -52.82 23.27 -25.72
CA THR C 545 -53.27 24.49 -26.39
C THR C 545 -52.37 25.68 -26.05
N GLN C 546 -52.10 25.88 -24.76
CA GLN C 546 -51.22 26.96 -24.32
C GLN C 546 -49.84 26.82 -24.93
N ILE C 547 -49.29 25.60 -24.92
CA ILE C 547 -47.88 25.44 -25.24
C ILE C 547 -47.66 25.40 -26.74
N LEU C 548 -48.57 24.78 -27.49
CA LEU C 548 -48.33 24.49 -28.90
C LEU C 548 -49.20 25.26 -29.89
N LEU C 549 -50.41 25.66 -29.51
CA LEU C 549 -51.38 26.02 -30.53
C LEU C 549 -51.81 27.47 -30.52
N GLU C 550 -51.63 28.16 -29.40
CA GLU C 550 -52.23 29.48 -29.21
C GLU C 550 -51.15 30.49 -28.83
N PRO C 551 -50.80 31.40 -29.72
CA PRO C 551 -49.86 32.47 -29.35
C PRO C 551 -50.48 33.41 -28.36
N ILE C 552 -49.61 34.10 -27.62
CA ILE C 552 -50.05 35.07 -26.62
C ILE C 552 -50.14 36.42 -27.29
N PRO C 553 -51.22 37.17 -27.11
CA PRO C 553 -51.30 38.49 -27.75
C PRO C 553 -50.44 39.51 -27.03
N LEU C 554 -49.80 40.38 -27.82
CA LEU C 554 -49.13 41.54 -27.24
C LEU C 554 -50.09 42.70 -27.06
N GLN D 26 17.58 44.47 -41.16
CA GLN D 26 16.64 44.01 -40.12
C GLN D 26 15.21 44.07 -40.65
N PRO D 27 14.57 42.90 -40.76
CA PRO D 27 13.29 42.84 -41.46
C PRO D 27 12.08 43.23 -40.61
N TYR D 28 12.22 43.27 -39.29
CA TYR D 28 11.14 43.68 -38.41
C TYR D 28 11.64 44.80 -37.51
N ASP D 29 11.02 45.97 -37.64
CA ASP D 29 11.32 47.09 -36.77
C ASP D 29 10.62 46.93 -35.41
N ASP D 30 11.16 47.61 -34.41
CA ASP D 30 10.48 47.70 -33.13
C ASP D 30 9.15 48.43 -33.29
N SER D 31 8.11 47.91 -32.64
CA SER D 31 6.82 48.56 -32.71
C SER D 31 6.85 49.90 -31.98
N HIS D 32 5.77 50.67 -32.11
CA HIS D 32 5.75 51.96 -31.42
C HIS D 32 5.60 51.78 -29.92
N CYS D 33 4.86 50.77 -29.49
CA CYS D 33 4.71 50.54 -28.04
C CYS D 33 6.06 50.08 -27.47
N MET D 34 6.80 49.23 -28.19
CA MET D 34 8.12 48.81 -27.73
C MET D 34 9.03 50.02 -27.53
N GLU D 35 9.04 50.93 -28.51
CA GLU D 35 9.86 52.14 -28.41
C GLU D 35 9.41 52.99 -27.23
N ARG D 36 8.11 53.13 -27.04
CA ARG D 36 7.62 53.89 -25.90
C ARG D 36 8.03 53.23 -24.59
N ALA D 37 7.88 51.89 -24.50
CA ALA D 37 8.25 51.19 -23.28
C ALA D 37 9.75 51.34 -22.98
N GLU D 38 10.61 51.13 -23.98
CA GLU D 38 12.05 51.29 -23.75
C GLU D 38 12.39 52.70 -23.29
N ARG D 39 11.74 53.72 -23.84
CA ARG D 39 11.99 55.06 -23.37
C ARG D 39 11.64 55.19 -21.89
N LEU D 40 10.43 54.77 -21.53
CA LEU D 40 10.00 54.80 -20.13
C LEU D 40 10.93 53.97 -19.23
N ILE D 41 11.40 52.82 -19.71
CA ILE D 41 12.36 52.05 -18.92
C ILE D 41 13.58 52.90 -18.61
N GLY D 42 14.12 53.58 -19.61
CA GLY D 42 15.21 54.50 -19.36
C GLY D 42 14.85 55.56 -18.34
N GLU D 43 13.66 56.16 -18.45
CA GLU D 43 13.29 57.23 -17.52
C GLU D 43 13.10 56.72 -16.10
N ILE D 44 12.65 55.48 -15.93
CA ILE D 44 12.47 54.97 -14.57
C ILE D 44 13.79 54.52 -13.97
N LYS D 45 14.70 53.97 -14.79
CA LYS D 45 16.07 53.74 -14.33
C LYS D 45 16.69 55.02 -13.81
N ASP D 46 16.47 56.14 -14.50
CA ASP D 46 16.94 57.43 -14.02
C ASP D 46 16.31 57.78 -12.68
N MET D 47 15.02 57.47 -12.51
CA MET D 47 14.39 57.67 -11.22
C MET D 47 15.08 56.85 -10.14
N PHE D 48 15.50 55.62 -10.48
CA PHE D 48 16.19 54.79 -9.51
C PHE D 48 17.58 55.34 -9.21
N ASN D 49 18.32 55.73 -10.26
CA ASN D 49 19.68 56.24 -10.10
C ASN D 49 19.70 57.57 -9.35
N GLU D 50 18.77 58.48 -9.65
CA GLU D 50 18.69 59.72 -8.90
C GLU D 50 18.42 59.47 -7.43
N SER D 51 17.78 58.35 -7.10
CA SER D 51 17.53 58.03 -5.68
C SER D 51 18.86 57.66 -5.00
N GLY D 52 19.75 56.97 -5.71
CA GLY D 52 21.05 56.66 -5.16
C GLY D 52 21.99 57.85 -5.03
N LYS D 53 21.79 58.88 -5.86
CA LYS D 53 22.58 60.10 -5.73
C LYS D 53 22.18 60.92 -4.51
N PHE D 54 21.00 60.66 -3.94
CA PHE D 54 20.43 61.58 -2.95
C PHE D 54 21.32 61.69 -1.72
N CYS D 55 21.49 62.91 -1.22
CA CYS D 55 22.47 63.13 -0.11
C CYS D 55 22.11 62.38 1.17
N GLY D 56 20.85 62.44 1.59
CA GLY D 56 20.49 61.89 2.88
C GLY D 56 20.12 60.41 2.87
N GLU D 57 19.41 60.01 3.93
CA GLU D 57 18.94 58.65 4.12
C GLU D 57 17.52 58.55 3.55
N ASN D 58 17.39 57.88 2.40
CA ASN D 58 16.12 57.74 1.71
C ASN D 58 15.77 56.27 1.45
N ALA D 59 16.02 55.40 2.43
CA ALA D 59 15.73 53.98 2.24
C ALA D 59 14.26 53.73 1.91
N PHE D 60 13.35 54.46 2.57
CA PHE D 60 11.94 54.20 2.34
C PHE D 60 11.50 54.60 0.94
N GLU D 61 11.93 55.76 0.48
CA GLU D 61 11.60 56.20 -0.88
C GLU D 61 12.04 55.17 -1.91
N ARG D 62 13.16 54.51 -1.66
CA ARG D 62 13.67 53.56 -2.63
C ARG D 62 12.89 52.26 -2.54
N LEU D 63 12.59 51.82 -1.33
CA LEU D 63 11.71 50.67 -1.11
C LEU D 63 10.37 50.83 -1.82
N VAL D 64 9.75 51.99 -1.68
CA VAL D 64 8.44 52.24 -2.30
C VAL D 64 8.53 52.15 -3.81
N MET D 65 9.66 52.57 -4.39
CA MET D 65 9.82 52.51 -5.83
C MET D 65 10.00 51.08 -6.31
N VAL D 66 10.80 50.30 -5.57
CA VAL D 66 10.86 48.86 -5.81
C VAL D 66 9.46 48.27 -5.74
N ASP D 67 8.68 48.66 -4.72
CA ASP D 67 7.37 48.06 -4.50
C ASP D 67 6.47 48.20 -5.72
N LYS D 68 6.35 49.41 -6.27
CA LYS D 68 5.49 49.68 -7.41
C LYS D 68 5.90 48.89 -8.64
N VAL D 69 7.18 48.93 -9.01
CA VAL D 69 7.54 48.20 -10.21
C VAL D 69 7.36 46.70 -9.99
N GLN D 70 7.48 46.22 -8.75
CA GLN D 70 7.32 44.79 -8.52
C GLN D 70 5.85 44.38 -8.60
N ARG D 71 4.96 45.08 -7.89
CA ARG D 71 3.56 44.70 -7.94
C ARG D 71 3.03 44.74 -9.36
N LEU D 72 3.54 45.66 -10.17
CA LEU D 72 3.13 45.80 -11.55
C LEU D 72 3.87 44.86 -12.46
N ALA D 73 4.74 44.02 -11.89
CA ALA D 73 5.45 42.97 -12.62
C ALA D 73 6.23 43.50 -13.81
N ILE D 74 6.79 44.70 -13.68
CA ILE D 74 7.78 45.17 -14.64
C ILE D 74 9.17 45.18 -14.01
N ASP D 75 9.35 44.46 -12.89
CA ASP D 75 10.62 44.53 -12.17
C ASP D 75 11.76 43.88 -12.94
N ARG D 76 11.47 42.98 -13.90
CA ARG D 76 12.53 42.34 -14.65
C ARG D 76 13.35 43.33 -15.46
N HIS D 77 12.80 44.50 -15.76
CA HIS D 77 13.54 45.52 -16.48
C HIS D 77 14.47 46.31 -15.60
N PHE D 78 14.44 46.09 -14.28
CA PHE D 78 15.20 46.93 -13.37
C PHE D 78 15.99 46.11 -12.35
N GLN D 79 16.51 44.95 -12.76
CA GLN D 79 17.15 44.05 -11.80
C GLN D 79 18.35 44.70 -11.11
N ASN D 80 19.21 45.40 -11.86
CA ASN D 80 20.35 46.06 -11.25
C ASN D 80 19.92 47.22 -10.36
N GLU D 81 18.94 48.01 -10.79
CA GLU D 81 18.47 49.13 -9.99
C GLU D 81 17.80 48.65 -8.71
N ILE D 82 17.05 47.55 -8.79
CA ILE D 82 16.39 46.99 -7.62
C ILE D 82 17.41 46.39 -6.65
N ALA D 83 18.41 45.69 -7.19
CA ALA D 83 19.45 45.10 -6.33
C ALA D 83 20.16 46.17 -5.52
N GLN D 84 20.54 47.29 -6.16
CA GLN D 84 21.18 48.40 -5.46
C GLN D 84 20.25 49.03 -4.44
N ALA D 85 18.99 49.24 -4.84
CA ALA D 85 18.02 49.85 -3.92
C ALA D 85 17.79 48.97 -2.71
N LEU D 86 17.69 47.65 -2.91
CA LEU D 86 17.40 46.78 -1.78
C LEU D 86 18.65 46.49 -0.94
N ASP D 87 19.83 46.46 -1.57
CA ASP D 87 21.09 46.47 -0.81
C ASP D 87 21.14 47.64 0.14
N TYR D 88 20.77 48.83 -0.36
CA TYR D 88 20.70 50.02 0.48
C TYR D 88 19.66 49.88 1.58
N VAL D 89 18.46 49.39 1.22
CA VAL D 89 17.42 49.24 2.23
C VAL D 89 17.85 48.23 3.28
N TYR D 90 18.57 47.18 2.88
CA TYR D 90 19.03 46.18 3.83
C TYR D 90 20.08 46.76 4.77
N ARG D 91 21.04 47.51 4.24
CA ARG D 91 22.06 48.13 5.08
C ARG D 91 21.46 49.07 6.12
N TYR D 92 20.46 49.87 5.73
CA TYR D 92 19.80 50.78 6.65
C TYR D 92 18.46 50.22 7.14
N TRP D 93 18.40 48.91 7.35
CA TRP D 93 17.13 48.28 7.70
C TRP D 93 16.63 48.75 9.07
N SER D 94 17.55 48.99 10.02
CA SER D 94 17.19 49.61 11.29
C SER D 94 16.45 50.92 11.10
N ASP D 95 16.93 51.74 10.17
CA ASP D 95 16.34 53.05 9.95
C ASP D 95 15.06 52.97 9.13
N CYS D 96 14.93 51.95 8.28
CA CYS D 96 13.79 51.88 7.39
C CYS D 96 12.55 51.33 8.08
N SER D 97 12.72 50.44 9.05
CA SER D 97 11.61 49.79 9.73
C SER D 97 11.10 50.60 10.92
N ARG D 98 10.83 51.89 10.72
CA ARG D 98 10.48 52.78 11.82
C ARG D 98 8.99 52.76 12.17
N ASP D 99 8.10 52.41 11.25
CA ASP D 99 6.69 52.26 11.59
C ASP D 99 6.18 50.94 11.03
N LEU D 100 4.92 50.62 11.32
CA LEU D 100 4.38 49.32 10.93
C LEU D 100 4.37 49.16 9.42
N ASN D 101 3.93 50.19 8.69
CA ASN D 101 3.90 50.14 7.23
C ASN D 101 5.26 49.77 6.66
N SER D 102 6.30 50.56 6.98
CA SER D 102 7.59 50.32 6.35
C SER D 102 8.24 49.03 6.85
N ALA D 103 8.00 48.66 8.10
CA ALA D 103 8.52 47.38 8.60
C ALA D 103 7.94 46.21 7.79
N ALA D 104 6.62 46.25 7.55
CA ALA D 104 5.93 45.17 6.86
C ALA D 104 6.25 45.17 5.38
N LEU D 105 6.28 46.35 4.76
CA LEU D 105 6.64 46.45 3.36
C LEU D 105 8.05 45.91 3.13
N GLY D 106 9.02 46.38 3.91
CA GLY D 106 10.38 45.89 3.72
C GLY D 106 10.57 44.44 4.11
N LEU D 107 9.89 43.98 5.15
CA LEU D 107 10.01 42.59 5.54
C LEU D 107 9.63 41.66 4.39
N ARG D 108 8.56 42.00 3.68
CA ARG D 108 8.07 41.16 2.58
C ARG D 108 9.00 41.22 1.38
N ILE D 109 9.35 42.44 0.94
CA ILE D 109 10.15 42.60 -0.27
C ILE D 109 11.58 42.13 -0.05
N LEU D 110 12.17 42.45 1.10
CA LEU D 110 13.50 41.93 1.43
C LEU D 110 13.47 40.41 1.51
N ARG D 111 12.46 39.85 2.18
CA ARG D 111 12.41 38.40 2.32
C ARG D 111 12.24 37.72 0.97
N LEU D 112 11.32 38.21 0.14
CA LEU D 112 11.11 37.59 -1.15
C LEU D 112 12.35 37.71 -2.03
N ASN D 113 13.18 38.71 -1.81
CA ASN D 113 14.39 38.87 -2.60
C ASN D 113 15.61 38.25 -1.92
N ARG D 114 15.37 37.32 -1.00
CA ARG D 114 16.37 36.45 -0.41
C ARG D 114 17.34 37.16 0.52
N TYR D 115 16.98 38.33 1.04
CA TYR D 115 17.76 38.84 2.14
C TYR D 115 17.34 38.16 3.44
N PRO D 116 18.28 37.93 4.35
CA PRO D 116 17.99 37.25 5.63
C PRO D 116 17.44 38.19 6.70
N VAL D 117 16.18 38.55 6.56
CA VAL D 117 15.51 39.45 7.49
C VAL D 117 14.61 38.62 8.36
N SER D 118 14.34 39.12 9.56
CA SER D 118 13.58 38.38 10.56
C SER D 118 12.18 38.97 10.70
N SER D 119 11.19 38.11 10.94
CA SER D 119 9.85 38.60 11.23
C SER D 119 9.77 39.29 12.59
N ASP D 120 10.82 39.18 13.41
CA ASP D 120 10.84 39.84 14.71
C ASP D 120 10.67 41.33 14.57
N VAL D 121 10.92 41.88 13.39
CA VAL D 121 10.76 43.32 13.21
C VAL D 121 9.31 43.72 13.50
N LEU D 122 8.37 42.79 13.37
CA LEU D 122 6.97 43.14 13.61
C LEU D 122 6.63 43.15 15.09
N ARG D 123 7.48 42.58 15.95
CA ARG D 123 7.17 42.52 17.38
C ARG D 123 7.16 43.88 17.99
N HIS D 124 7.96 44.79 17.45
CA HIS D 124 8.03 46.16 17.94
C HIS D 124 6.73 46.93 17.84
N PHE D 125 5.76 46.44 17.07
CA PHE D 125 4.51 47.15 16.91
C PHE D 125 3.35 46.43 17.55
N LYS D 126 3.59 45.26 18.13
CA LYS D 126 2.55 44.53 18.83
C LYS D 126 2.40 45.08 20.24
N GLY D 127 1.16 45.38 20.63
CA GLY D 127 0.85 45.81 21.97
C GLY D 127 -0.02 44.80 22.71
N ASN D 128 -0.35 45.16 23.94
CA ASN D 128 -1.21 44.32 24.77
C ASN D 128 -2.59 44.16 24.13
N ASP D 129 -3.14 42.96 24.28
CA ASP D 129 -4.42 42.48 23.70
C ASP D 129 -4.23 42.08 22.24
N GLY D 130 -2.98 41.98 21.77
CA GLY D 130 -2.69 41.46 20.45
C GLY D 130 -2.79 42.44 19.29
N GLN D 131 -3.12 43.70 19.53
CA GLN D 131 -3.24 44.65 18.45
C GLN D 131 -1.89 44.85 17.77
N PHE D 132 -1.89 45.57 16.66
CA PHE D 132 -0.66 46.07 16.05
C PHE D 132 -0.81 47.57 15.87
N LEU D 133 0.24 48.32 16.21
CA LEU D 133 0.13 49.77 16.32
C LEU D 133 0.60 50.47 15.06
N CYS D 134 -0.16 51.45 14.61
CA CYS D 134 0.05 52.39 13.53
C CYS D 134 0.42 53.76 14.07
N PRO D 135 1.17 54.56 13.32
CA PRO D 135 1.43 55.93 13.74
C PRO D 135 0.11 56.67 13.94
N SER D 136 0.03 57.45 15.02
CA SER D 136 -1.22 58.15 15.30
C SER D 136 -1.52 59.26 14.29
N ALA D 137 -0.49 59.86 13.68
CA ALA D 137 -0.71 60.91 12.69
C ALA D 137 -1.30 60.40 11.38
N GLN D 138 -1.41 59.10 11.21
CA GLN D 138 -1.91 58.57 9.95
C GLN D 138 -3.41 58.79 9.84
N SER D 139 -3.86 59.12 8.63
CA SER D 139 -5.29 59.12 8.32
C SER D 139 -5.82 57.69 8.35
N GLU D 140 -7.15 57.57 8.25
CA GLU D 140 -7.76 56.24 8.18
C GLU D 140 -7.27 55.50 6.94
N GLU D 141 -7.20 56.20 5.81
CA GLU D 141 -6.70 55.57 4.60
C GLU D 141 -5.26 55.12 4.76
N GLU D 142 -4.43 55.93 5.42
CA GLU D 142 -3.04 55.55 5.61
C GLU D 142 -2.89 54.38 6.58
N LYS D 143 -3.75 54.35 7.61
CA LYS D 143 -3.75 53.21 8.51
C LYS D 143 -4.10 51.95 7.75
N ILE D 144 -5.13 52.01 6.92
CA ILE D 144 -5.53 50.83 6.16
C ILE D 144 -4.38 50.40 5.26
N GLY D 145 -3.65 51.37 4.70
CA GLY D 145 -2.48 51.02 3.93
C GLY D 145 -1.44 50.29 4.74
N SER D 146 -1.21 50.71 5.99
CA SER D 146 -0.27 50.02 6.87
C SER D 146 -0.74 48.61 7.16
N ILE D 147 -2.03 48.44 7.49
CA ILE D 147 -2.52 47.11 7.80
C ILE D 147 -2.55 46.25 6.55
N LEU D 148 -2.76 46.84 5.37
CA LEU D 148 -2.67 46.01 4.16
C LEU D 148 -1.25 45.48 3.97
N ASN D 149 -0.25 46.34 4.18
CA ASN D 149 1.11 45.84 4.09
C ASN D 149 1.44 44.87 5.21
N LEU D 150 0.86 45.07 6.40
CA LEU D 150 0.99 44.04 7.43
C LEU D 150 0.40 42.73 6.94
N TYR D 151 -0.82 42.78 6.42
CA TYR D 151 -1.47 41.56 5.91
C TYR D 151 -0.61 40.87 4.85
N ARG D 152 -0.08 41.65 3.89
CA ARG D 152 0.71 41.07 2.80
C ARG D 152 2.03 40.48 3.29
N ALA D 153 2.63 41.05 4.32
CA ALA D 153 3.87 40.49 4.87
C ALA D 153 3.58 39.17 5.59
N SER D 154 2.43 39.07 6.27
CA SER D 154 2.16 37.88 7.08
C SER D 154 1.99 36.63 6.25
N LEU D 155 1.74 36.77 4.95
CA LEU D 155 1.52 35.60 4.09
C LEU D 155 2.83 34.87 3.76
N ILE D 156 3.98 35.52 3.93
CA ILE D 156 5.26 34.90 3.61
C ILE D 156 5.91 34.45 4.91
N ALA D 157 5.33 33.45 5.55
CA ALA D 157 5.68 33.10 6.92
C ALA D 157 6.49 31.82 6.94
N PHE D 158 7.44 31.77 7.84
CA PHE D 158 8.26 30.58 8.03
C PHE D 158 7.76 29.82 9.24
N PRO D 159 8.09 28.53 9.34
CA PRO D 159 7.60 27.76 10.49
C PRO D 159 8.07 28.38 11.79
N GLU D 160 7.15 28.44 12.74
CA GLU D 160 7.40 28.92 14.10
C GLU D 160 7.55 30.44 14.19
N GLU D 161 7.18 31.18 13.15
CA GLU D 161 7.08 32.63 13.26
C GLU D 161 5.66 32.95 13.71
N ASN D 162 5.46 32.92 15.03
CA ASN D 162 4.12 33.13 15.60
C ASN D 162 3.62 34.53 15.31
N ILE D 163 4.51 35.51 15.31
CA ILE D 163 4.11 36.88 15.03
C ILE D 163 3.40 36.99 13.69
N MET D 164 3.72 36.09 12.75
CA MET D 164 3.10 36.15 11.44
C MET D 164 1.66 35.66 11.50
N ASP D 165 1.39 34.62 12.29
CA ASP D 165 0.01 34.17 12.47
C ASP D 165 -0.82 35.25 13.16
N GLU D 166 -0.24 35.86 14.21
CA GLU D 166 -0.93 36.96 14.88
C GLU D 166 -1.11 38.15 13.96
N ALA D 167 -0.09 38.46 13.15
CA ALA D 167 -0.24 39.56 12.22
C ALA D 167 -1.39 39.31 11.26
N LYS D 168 -1.47 38.08 10.73
CA LYS D 168 -2.53 37.78 9.77
C LYS D 168 -3.91 37.85 10.42
N ALA D 169 -4.06 37.29 11.62
CA ALA D 169 -5.35 37.32 12.29
C ALA D 169 -5.80 38.75 12.53
N PHE D 170 -4.92 39.55 13.14
CA PHE D 170 -5.23 40.95 13.39
C PHE D 170 -5.61 41.69 12.11
N ALA D 171 -4.79 41.55 11.06
CA ALA D 171 -5.05 42.33 9.85
C ALA D 171 -6.32 41.88 9.15
N THR D 172 -6.62 40.59 9.19
CA THR D 172 -7.82 40.08 8.53
C THR D 172 -9.07 40.62 9.21
N THR D 173 -9.06 40.68 10.54
CA THR D 173 -10.20 41.22 11.27
C THR D 173 -10.33 42.72 11.06
N TYR D 174 -9.21 43.43 11.06
CA TYR D 174 -9.29 44.88 10.87
C TYR D 174 -9.82 45.20 9.49
N LEU D 175 -9.34 44.50 8.47
CA LEU D 175 -9.67 44.87 7.10
C LEU D 175 -11.10 44.48 6.75
N ASN D 176 -11.58 43.34 7.25
CA ASN D 176 -12.99 43.01 7.09
C ASN D 176 -13.88 44.00 7.83
N GLN D 177 -13.50 44.38 9.05
CA GLN D 177 -14.24 45.43 9.75
C GLN D 177 -14.33 46.69 8.88
N VAL D 178 -13.21 47.10 8.27
CA VAL D 178 -13.21 48.28 7.41
C VAL D 178 -14.24 48.12 6.30
N LEU D 179 -14.24 46.95 5.65
CA LEU D 179 -15.17 46.73 4.54
C LEU D 179 -16.62 46.81 5.01
N GLN D 180 -16.92 46.29 6.20
CA GLN D 180 -18.27 46.43 6.76
C GLN D 180 -18.62 47.89 6.95
N ASN D 181 -17.80 48.61 7.73
CA ASN D 181 -17.98 50.06 7.90
C ASN D 181 -18.07 50.81 6.57
N ASN D 182 -17.63 50.20 5.46
CA ASN D 182 -17.82 50.64 4.08
C ASN D 182 -17.83 52.16 3.83
N ASN D 183 -16.95 52.90 4.47
CA ASN D 183 -16.90 54.33 4.18
C ASN D 183 -15.55 54.76 3.59
N ILE D 184 -15.06 54.02 2.59
CA ILE D 184 -13.75 54.28 2.00
C ILE D 184 -13.89 54.37 0.50
N SER D 185 -12.86 54.94 -0.13
CA SER D 185 -12.86 55.13 -1.57
C SER D 185 -12.96 53.81 -2.31
N SER D 186 -13.42 53.89 -3.55
CA SER D 186 -13.65 52.67 -4.32
C SER D 186 -12.35 51.94 -4.61
N HIS D 187 -11.24 52.65 -4.82
CA HIS D 187 -10.01 51.96 -5.15
C HIS D 187 -9.39 51.27 -3.95
N LEU D 188 -9.48 51.86 -2.76
CA LEU D 188 -8.99 51.19 -1.57
C LEU D 188 -9.83 49.96 -1.24
N SER D 189 -11.15 50.09 -1.36
CA SER D 189 -12.05 48.94 -1.25
C SER D 189 -11.64 47.84 -2.23
N LYS D 190 -11.33 48.22 -3.47
CA LYS D 190 -10.91 47.24 -4.45
C LYS D 190 -9.61 46.55 -4.01
N GLU D 191 -8.72 47.33 -3.37
CA GLU D 191 -7.43 46.77 -2.98
C GLU D 191 -7.58 45.84 -1.78
N ILE D 192 -8.45 46.19 -0.83
CA ILE D 192 -8.69 45.29 0.29
C ILE D 192 -9.28 43.97 -0.21
N LYS D 193 -10.31 44.06 -1.04
CA LYS D 193 -10.97 42.87 -1.55
C LYS D 193 -10.01 41.99 -2.35
N TYR D 194 -9.22 42.58 -3.25
CA TYR D 194 -8.27 41.81 -4.02
C TYR D 194 -7.30 41.08 -3.11
N ASN D 195 -6.79 41.79 -2.11
CA ASN D 195 -5.74 41.22 -1.27
C ASN D 195 -6.28 40.08 -0.41
N LEU D 196 -7.48 40.26 0.15
CA LEU D 196 -8.10 39.20 0.95
C LEU D 196 -8.49 38.00 0.09
N GLU D 197 -8.92 38.23 -1.16
CA GLU D 197 -9.31 37.09 -1.98
C GLU D 197 -8.10 36.30 -2.48
N TYR D 198 -7.11 36.97 -3.07
CA TYR D 198 -6.02 36.22 -3.68
C TYR D 198 -4.88 35.85 -2.73
N GLY D 199 -4.44 36.74 -1.87
CA GLY D 199 -3.34 36.31 -1.02
C GLY D 199 -2.06 36.15 -1.83
N TRP D 200 -1.15 35.34 -1.31
CA TRP D 200 0.13 35.11 -1.97
C TRP D 200 0.15 33.77 -2.71
N HIS D 201 -0.24 32.69 -2.04
CA HIS D 201 -0.03 31.34 -2.55
C HIS D 201 -0.98 30.99 -3.69
N THR D 202 -2.20 31.48 -3.68
CA THR D 202 -3.11 31.31 -4.81
C THR D 202 -3.05 32.55 -5.69
N ASN D 203 -1.86 32.81 -6.23
CA ASN D 203 -1.62 34.06 -6.91
C ASN D 203 -0.41 33.90 -7.80
N LEU D 204 -0.23 34.86 -8.70
CA LEU D 204 0.84 34.84 -9.70
C LEU D 204 1.21 36.28 -10.00
N PRO D 205 2.45 36.53 -10.47
CA PRO D 205 2.90 37.93 -10.63
C PRO D 205 2.04 38.77 -11.58
N ARG D 206 1.70 38.25 -12.75
CA ARG D 206 0.96 39.06 -13.71
C ARG D 206 -0.52 39.18 -13.34
N VAL D 207 -1.02 38.28 -12.48
CA VAL D 207 -2.36 38.46 -11.93
C VAL D 207 -2.37 39.64 -10.97
N GLU D 208 -1.41 39.66 -10.04
CA GLU D 208 -1.31 40.81 -9.14
C GLU D 208 -1.12 42.10 -9.94
N ALA D 209 -0.32 42.03 -11.00
CA ALA D 209 -0.07 43.24 -11.80
C ALA D 209 -1.33 43.73 -12.48
N ARG D 210 -2.13 42.82 -13.04
CA ARG D 210 -3.31 43.25 -13.76
C ARG D 210 -4.28 43.94 -12.81
N ASN D 211 -4.33 43.49 -11.56
CA ASN D 211 -5.17 44.10 -10.53
C ASN D 211 -4.61 45.43 -10.05
N TYR D 212 -3.27 45.56 -9.95
CA TYR D 212 -2.77 46.84 -9.47
C TYR D 212 -2.77 47.90 -10.56
N MET D 213 -2.89 47.51 -11.83
CA MET D 213 -3.09 48.52 -12.86
C MET D 213 -4.41 49.28 -12.63
N ASP D 214 -5.44 48.58 -12.10
CA ASP D 214 -6.72 49.18 -11.75
C ASP D 214 -6.67 49.87 -10.39
N ILE D 215 -6.07 49.21 -9.40
CA ILE D 215 -6.02 49.76 -8.06
C ILE D 215 -5.22 51.06 -8.04
N TYR D 216 -4.07 51.05 -8.70
CA TYR D 216 -3.26 52.26 -8.80
C TYR D 216 -3.88 53.26 -9.75
N GLY D 217 -4.33 52.78 -10.93
CA GLY D 217 -4.74 53.69 -12.00
C GLY D 217 -6.00 54.48 -11.69
N GLU D 218 -6.88 53.94 -10.86
CA GLU D 218 -8.13 54.59 -10.48
C GLU D 218 -7.97 55.47 -9.25
N ASN D 219 -6.77 55.58 -8.71
CA ASN D 219 -6.46 56.43 -7.57
C ASN D 219 -5.83 57.71 -8.13
N ARG D 220 -6.60 58.81 -8.17
CA ARG D 220 -6.06 60.05 -8.73
C ARG D 220 -4.84 60.53 -7.93
N SER D 221 -4.92 60.52 -6.59
CA SER D 221 -3.75 60.96 -5.83
C SER D 221 -2.52 60.17 -6.22
N TRP D 222 -2.68 58.87 -6.45
CA TRP D 222 -1.54 58.04 -6.84
C TRP D 222 -1.02 58.48 -8.21
N THR D 223 -1.92 58.64 -9.18
CA THR D 223 -1.50 58.93 -10.55
C THR D 223 -0.85 60.31 -10.68
N GLU D 224 -1.15 61.24 -9.77
CA GLU D 224 -0.58 62.58 -9.84
C GLU D 224 0.79 62.67 -9.21
N MET D 225 1.18 61.68 -8.41
CA MET D 225 2.44 61.72 -7.70
C MET D 225 3.58 61.45 -8.66
N GLY D 226 4.61 62.28 -8.62
CA GLY D 226 5.54 62.33 -9.73
C GLY D 226 6.20 60.99 -9.98
N GLY D 227 6.38 60.65 -11.24
CA GLY D 227 6.95 59.36 -11.60
C GLY D 227 5.94 58.23 -11.73
N ASN D 228 4.89 58.23 -10.91
CA ASN D 228 3.95 57.12 -10.86
C ASN D 228 3.33 56.83 -12.23
N MET D 229 2.94 57.88 -12.97
CA MET D 229 2.26 57.65 -14.24
C MET D 229 3.17 56.99 -15.25
N GLN D 230 4.45 57.38 -15.28
CA GLN D 230 5.40 56.68 -16.14
C GLN D 230 5.48 55.21 -15.77
N ILE D 231 5.48 54.91 -14.47
CA ILE D 231 5.56 53.53 -14.03
C ILE D 231 4.34 52.76 -14.50
N LEU D 232 3.15 53.33 -14.29
CA LEU D 232 1.91 52.68 -14.67
C LEU D 232 1.82 52.47 -16.17
N ASN D 233 2.17 53.47 -16.96
CA ASN D 233 2.09 53.32 -18.41
C ASN D 233 3.07 52.28 -18.90
N LEU D 234 4.27 52.23 -18.32
CA LEU D 234 5.17 51.12 -18.65
C LEU D 234 4.51 49.78 -18.33
N ALA D 235 3.88 49.65 -17.18
CA ALA D 235 3.27 48.38 -16.81
C ALA D 235 2.21 47.97 -17.82
N LYS D 236 1.36 48.92 -18.21
CA LYS D 236 0.31 48.62 -19.18
C LYS D 236 0.89 48.23 -20.53
N LEU D 237 1.82 49.04 -21.04
CA LEU D 237 2.50 48.72 -22.29
C LEU D 237 3.22 47.38 -22.21
N ASP D 238 3.93 47.13 -21.11
CA ASP D 238 4.60 45.83 -21.02
C ASP D 238 3.58 44.71 -21.02
N PHE D 239 2.47 44.90 -20.30
CA PHE D 239 1.45 43.86 -20.26
C PHE D 239 0.87 43.61 -21.64
N ASN D 240 0.65 44.68 -22.42
CA ASN D 240 0.03 44.55 -23.73
C ASN D 240 1.03 44.03 -24.76
N ILE D 241 2.28 44.50 -24.70
CA ILE D 241 3.32 43.99 -25.59
C ILE D 241 3.49 42.49 -25.43
N MET D 242 3.76 42.03 -24.20
CA MET D 242 4.06 40.62 -23.99
C MET D 242 2.84 39.73 -24.17
N GLN D 243 1.64 40.26 -23.92
CA GLN D 243 0.42 39.50 -24.17
C GLN D 243 0.27 39.18 -25.66
N SER D 244 0.62 40.11 -26.54
CA SER D 244 0.49 39.80 -27.96
C SER D 244 1.55 38.80 -28.39
N VAL D 245 2.73 38.81 -27.78
CA VAL D 245 3.69 37.72 -28.02
C VAL D 245 3.11 36.38 -27.56
N HIS D 246 2.61 36.31 -26.32
CA HIS D 246 2.09 35.03 -25.82
C HIS D 246 0.90 34.55 -26.63
N ARG D 247 0.06 35.49 -27.09
CA ARG D 247 -1.13 35.14 -27.85
C ARG D 247 -0.73 34.56 -29.21
N LEU D 248 0.29 35.11 -29.83
CA LEU D 248 0.81 34.52 -31.06
C LEU D 248 1.43 33.15 -30.79
N GLU D 249 2.24 33.03 -29.72
CA GLU D 249 2.77 31.74 -29.29
C GLU D 249 1.66 30.70 -29.06
N LEU D 250 0.51 31.13 -28.55
CA LEU D 250 -0.60 30.21 -28.37
C LEU D 250 -0.97 29.52 -29.69
N GLU D 251 -0.72 30.18 -30.82
CA GLU D 251 -1.10 29.58 -32.11
C GLU D 251 -0.42 28.23 -32.32
N SER D 252 0.88 28.11 -32.01
CA SER D 252 1.54 26.81 -32.16
C SER D 252 0.99 25.77 -31.19
N ILE D 253 0.51 26.22 -30.03
CA ILE D 253 -0.11 25.28 -29.09
C ILE D 253 -1.43 24.77 -29.65
N LEU D 254 -2.22 25.66 -30.26
CA LEU D 254 -3.45 25.27 -30.93
C LEU D 254 -3.16 24.35 -32.11
N LYS D 255 -2.14 24.69 -32.89
CA LYS D 255 -1.74 23.81 -33.98
C LYS D 255 -1.43 22.42 -33.45
N TRP D 256 -0.58 22.34 -32.42
CA TRP D 256 -0.16 21.05 -31.87
C TRP D 256 -1.35 20.22 -31.39
N TRP D 257 -2.28 20.86 -30.69
CA TRP D 257 -3.49 20.15 -30.26
C TRP D 257 -4.19 19.47 -31.43
N LYS D 258 -4.29 20.17 -32.57
CA LYS D 258 -4.93 19.61 -33.76
C LYS D 258 -4.07 18.50 -34.37
N ASP D 259 -2.82 18.80 -34.70
CA ASP D 259 -1.97 17.86 -35.42
C ASP D 259 -1.79 16.56 -34.65
N SER D 260 -1.61 16.64 -33.34
CA SER D 260 -1.43 15.46 -32.49
C SER D 260 -2.73 14.67 -32.29
N ASN D 261 -3.85 15.16 -32.81
CA ASN D 261 -5.16 14.54 -32.73
C ASN D 261 -5.72 14.52 -31.32
N LEU D 262 -5.10 15.21 -30.37
CA LEU D 262 -5.68 15.33 -29.04
C LEU D 262 -7.05 16.02 -29.06
N ASP D 263 -7.38 16.74 -30.13
CA ASP D 263 -8.72 17.31 -30.24
C ASP D 263 -9.80 16.24 -30.39
N LYS D 264 -9.42 14.98 -30.57
CA LYS D 264 -10.35 13.86 -30.57
C LYS D 264 -10.58 13.28 -29.17
N VAL D 265 -9.93 13.82 -28.14
CA VAL D 265 -9.95 13.24 -26.81
C VAL D 265 -10.91 14.08 -25.98
N ASP D 266 -12.13 13.57 -25.79
CA ASP D 266 -13.22 14.40 -25.28
C ASP D 266 -12.94 14.87 -23.85
N PHE D 267 -12.26 14.06 -23.03
CA PHE D 267 -12.04 14.49 -21.65
C PHE D 267 -11.02 15.61 -21.54
N ALA D 268 -10.17 15.81 -22.55
CA ALA D 268 -9.08 16.76 -22.42
C ALA D 268 -9.51 18.20 -22.67
N ARG D 269 -10.73 18.42 -23.15
CA ARG D 269 -11.38 19.74 -23.12
C ARG D 269 -10.53 20.86 -23.69
N HIS D 270 -10.24 21.87 -22.87
CA HIS D 270 -9.46 23.03 -23.28
C HIS D 270 -8.22 23.19 -22.42
N ARG D 271 -7.77 22.10 -21.79
CA ARG D 271 -6.76 22.18 -20.75
C ARG D 271 -5.48 22.87 -21.24
N HIS D 272 -5.09 22.61 -22.49
CA HIS D 272 -3.83 23.14 -22.99
C HIS D 272 -3.81 24.66 -23.00
N VAL D 273 -4.95 25.31 -23.27
CA VAL D 273 -5.02 26.77 -23.22
C VAL D 273 -4.93 27.26 -21.77
N GLU D 274 -5.57 26.56 -20.85
CA GLU D 274 -5.54 26.97 -19.45
C GLU D 274 -4.14 26.85 -18.87
N TYR D 275 -3.48 25.72 -19.10
CA TYR D 275 -2.14 25.55 -18.55
C TYR D 275 -1.16 26.53 -19.18
N PHE D 276 -1.39 26.92 -20.43
CA PHE D 276 -0.51 27.85 -21.11
C PHE D 276 -0.64 29.25 -20.55
N ALA D 277 -1.87 29.66 -20.22
CA ALA D 277 -2.08 30.97 -19.63
C ALA D 277 -1.44 31.06 -18.25
N LEU D 278 -1.47 29.96 -17.48
CA LEU D 278 -0.83 29.98 -16.16
C LEU D 278 0.66 30.28 -16.27
N ALA D 279 1.34 29.60 -17.20
CA ALA D 279 2.78 29.83 -17.38
C ALA D 279 3.06 31.26 -17.80
N CYS D 280 2.15 31.85 -18.58
CA CYS D 280 2.33 33.22 -19.05
C CYS D 280 2.20 34.22 -17.92
N ALA D 281 1.48 33.89 -16.86
CA ALA D 281 1.34 34.81 -15.75
C ALA D 281 2.60 34.95 -14.90
N TYR D 282 3.66 34.19 -15.16
CA TYR D 282 4.93 34.45 -14.49
C TYR D 282 6.15 34.28 -15.39
N CYS D 283 6.11 33.48 -16.44
CA CYS D 283 7.25 33.33 -17.35
C CYS D 283 7.00 34.24 -18.56
N ILE D 284 7.67 35.39 -18.59
CA ILE D 284 7.21 36.53 -19.40
C ILE D 284 8.03 36.70 -20.67
N ASP D 285 9.36 36.72 -20.55
CA ASP D 285 10.23 37.10 -21.66
C ASP D 285 9.98 36.25 -22.89
N ALA D 286 10.12 36.88 -24.06
CA ALA D 286 9.90 36.20 -25.33
C ALA D 286 10.94 35.12 -25.60
N LYS D 287 12.14 35.22 -25.02
CA LYS D 287 13.11 34.15 -25.23
C LYS D 287 12.72 32.84 -24.54
N TYR D 288 11.80 32.85 -23.58
CA TYR D 288 11.40 31.63 -22.91
C TYR D 288 10.14 31.00 -23.52
N TYR D 289 10.00 31.01 -24.84
CA TYR D 289 8.80 30.40 -25.42
C TYR D 289 8.78 28.90 -25.19
N ALA D 290 9.95 28.28 -25.05
CA ALA D 290 10.02 26.84 -24.83
C ALA D 290 9.44 26.47 -23.48
N TYR D 291 9.76 27.25 -22.42
CA TYR D 291 9.19 26.99 -21.11
C TYR D 291 7.67 27.02 -21.15
N ARG D 292 7.11 28.13 -21.65
CA ARG D 292 5.66 28.23 -21.72
C ARG D 292 5.08 27.11 -22.57
N ARG D 293 5.70 26.82 -23.72
CA ARG D 293 5.22 25.76 -24.60
C ARG D 293 5.29 24.41 -23.92
N ASP D 294 6.43 24.09 -23.32
CA ASP D 294 6.61 22.77 -22.73
C ASP D 294 5.88 22.63 -21.40
N PHE D 295 5.63 23.73 -20.67
CA PHE D 295 4.73 23.58 -19.54
C PHE D 295 3.32 23.23 -20.00
N ALA D 296 2.80 23.94 -21.00
CA ALA D 296 1.43 23.67 -21.43
C ALA D 296 1.28 22.24 -21.95
N LYS D 297 2.20 21.78 -22.81
CA LYS D 297 2.05 20.44 -23.41
C LYS D 297 2.22 19.34 -22.36
N LEU D 298 3.29 19.40 -21.57
CA LEU D 298 3.56 18.32 -20.63
C LEU D 298 2.57 18.34 -19.47
N CYS D 299 2.06 19.51 -19.08
CA CYS D 299 1.01 19.53 -18.07
C CYS D 299 -0.29 18.94 -18.63
N ALA D 300 -0.70 19.36 -19.83
CA ALA D 300 -1.87 18.75 -20.45
C ALA D 300 -1.69 17.26 -20.63
N LEU D 301 -0.52 16.83 -21.11
CA LEU D 301 -0.27 15.40 -21.30
C LEU D 301 -0.25 14.65 -19.97
N ALA D 302 0.45 15.18 -18.95
CA ALA D 302 0.45 14.53 -17.64
C ALA D 302 -0.96 14.32 -17.13
N THR D 303 -1.82 15.29 -17.39
CA THR D 303 -3.20 15.27 -16.95
C THR D 303 -4.01 14.19 -17.67
N ILE D 304 -3.74 13.99 -18.96
CA ILE D 304 -4.43 12.95 -19.72
C ILE D 304 -3.93 11.58 -19.31
N VAL D 305 -2.60 11.45 -19.12
CA VAL D 305 -2.05 10.19 -18.64
C VAL D 305 -2.67 9.85 -17.30
N ASP D 306 -2.84 10.86 -16.45
CA ASP D 306 -3.49 10.65 -15.16
C ASP D 306 -4.90 10.11 -15.33
N ASP D 307 -5.71 10.74 -16.20
CA ASP D 307 -7.08 10.27 -16.39
C ASP D 307 -7.11 8.84 -16.91
N ILE D 308 -6.17 8.48 -17.77
CA ILE D 308 -6.13 7.11 -18.29
C ILE D 308 -5.85 6.12 -17.18
N TYR D 309 -4.79 6.37 -16.39
CA TYR D 309 -4.49 5.50 -15.27
C TYR D 309 -5.56 5.59 -14.18
N ASP D 310 -6.25 6.70 -14.00
CA ASP D 310 -7.17 6.71 -12.83
C ASP D 310 -8.65 6.62 -13.22
N THR D 311 -8.99 6.57 -14.50
CA THR D 311 -10.44 6.40 -14.80
C THR D 311 -10.72 5.65 -16.08
N TYR D 312 -9.83 5.68 -17.07
CA TYR D 312 -10.21 5.12 -18.37
C TYR D 312 -9.50 3.82 -18.74
N GLY D 313 -8.17 3.82 -18.84
CA GLY D 313 -7.49 2.65 -19.35
C GLY D 313 -7.70 1.44 -18.45
N THR D 314 -7.73 0.27 -19.08
CA THR D 314 -7.86 -0.98 -18.34
C THR D 314 -6.54 -1.34 -17.67
N ILE D 315 -6.58 -2.37 -16.81
CA ILE D 315 -5.38 -2.81 -16.10
C ILE D 315 -4.31 -3.26 -17.09
N GLU D 316 -4.73 -3.93 -18.16
CA GLU D 316 -3.78 -4.39 -19.17
C GLU D 316 -3.17 -3.20 -19.91
N GLU D 317 -3.98 -2.20 -20.24
CA GLU D 317 -3.46 -1.05 -20.99
C GLU D 317 -2.48 -0.24 -20.15
N ILE D 318 -2.75 -0.13 -18.85
CA ILE D 318 -1.82 0.54 -17.96
C ILE D 318 -0.46 -0.16 -17.98
N LYS D 319 -0.46 -1.50 -17.95
CA LYS D 319 0.79 -2.25 -18.01
C LYS D 319 1.48 -2.07 -19.36
N LEU D 320 0.69 -2.05 -20.45
CA LEU D 320 1.27 -1.84 -21.78
C LEU D 320 1.87 -0.44 -21.89
N PHE D 321 1.11 0.58 -21.47
CA PHE D 321 1.63 1.96 -21.41
C PHE D 321 2.96 2.01 -20.68
N ASN D 322 3.01 1.39 -19.49
CA ASN D 322 4.24 1.36 -18.70
C ASN D 322 5.37 0.67 -19.45
N GLU D 323 5.05 -0.42 -20.16
CA GLU D 323 6.11 -1.11 -20.90
C GLU D 323 6.63 -0.22 -22.02
N ALA D 324 5.71 0.43 -22.76
CA ALA D 324 6.13 1.30 -23.86
C ALA D 324 7.04 2.42 -23.37
N VAL D 325 6.71 3.04 -22.24
CA VAL D 325 7.54 4.12 -21.70
C VAL D 325 8.91 3.58 -21.28
N LYS D 326 8.94 2.41 -20.63
CA LYS D 326 10.22 1.83 -20.21
C LYS D 326 11.12 1.55 -21.41
N MET D 327 10.55 0.99 -22.48
CA MET D 327 11.31 0.79 -23.70
C MET D 327 11.48 2.06 -24.50
N TRP D 328 10.68 3.09 -24.23
CA TRP D 328 10.62 4.32 -25.02
C TRP D 328 10.23 4.02 -26.47
N ASP D 329 9.26 3.12 -26.64
CA ASP D 329 8.66 2.94 -27.96
C ASP D 329 7.93 4.20 -28.40
N SER D 330 7.77 4.35 -29.70
CA SER D 330 7.10 5.55 -30.26
C SER D 330 5.60 5.32 -30.38
N SER D 331 5.13 4.09 -30.13
CA SER D 331 3.69 3.82 -30.34
C SER D 331 3.20 2.64 -29.50
N LEU D 332 1.89 2.60 -29.24
CA LEU D 332 1.27 1.46 -28.52
C LEU D 332 0.75 0.48 -29.59
N PRO D 333 0.17 -0.69 -29.24
CA PRO D 333 -0.39 -1.59 -30.26
C PRO D 333 -1.70 -1.09 -30.89
N ASN D 334 -1.89 -1.33 -32.20
CA ASN D 334 -3.12 -0.94 -32.88
C ASN D 334 -4.36 -1.34 -32.10
N SER D 335 -4.25 -2.35 -31.23
CA SER D 335 -5.43 -2.91 -30.58
C SER D 335 -6.00 -2.02 -29.47
N LEU D 336 -5.26 -1.00 -29.02
CA LEU D 336 -5.68 -0.24 -27.85
C LEU D 336 -6.75 0.79 -28.23
N PRO D 337 -7.48 1.33 -27.25
CA PRO D 337 -8.45 2.39 -27.57
C PRO D 337 -7.80 3.54 -28.32
N GLU D 338 -8.58 4.17 -29.20
CA GLU D 338 -8.04 5.24 -30.02
C GLU D 338 -7.46 6.36 -29.16
N ASN D 339 -8.19 6.76 -28.13
CA ASN D 339 -7.75 7.89 -27.34
C ASN D 339 -6.53 7.55 -26.49
N ILE D 340 -6.26 6.28 -26.24
CA ILE D 340 -5.06 5.90 -25.50
C ILE D 340 -3.85 5.84 -26.43
N LYS D 341 -4.04 5.32 -27.65
CA LYS D 341 -2.99 5.38 -28.67
C LYS D 341 -2.59 6.83 -28.96
N ILE D 342 -3.58 7.71 -29.10
CA ILE D 342 -3.30 9.11 -29.42
C ILE D 342 -2.47 9.75 -28.32
N ALA D 343 -2.93 9.66 -27.07
CA ALA D 343 -2.21 10.26 -25.96
C ALA D 343 -0.78 9.75 -25.88
N TYR D 344 -0.56 8.44 -26.05
CA TYR D 344 0.80 7.92 -25.96
C TYR D 344 1.71 8.54 -27.03
N LYS D 345 1.26 8.52 -28.29
CA LYS D 345 2.12 9.02 -29.36
C LYS D 345 2.47 10.49 -29.14
N ALA D 346 1.46 11.31 -28.83
CA ALA D 346 1.70 12.73 -28.55
C ALA D 346 2.62 12.90 -27.35
N PHE D 347 2.46 12.04 -26.34
CA PHE D 347 3.33 12.09 -25.17
C PHE D 347 4.77 11.85 -25.55
N HIS D 348 5.02 10.75 -26.25
CA HIS D 348 6.36 10.41 -26.70
C HIS D 348 7.02 11.61 -27.39
N MET D 349 6.28 12.26 -28.29
CA MET D 349 6.87 13.29 -29.11
C MET D 349 7.14 14.57 -28.34
N ALA D 350 6.20 14.98 -27.50
CA ALA D 350 6.38 16.21 -26.73
C ALA D 350 7.59 16.09 -25.81
N VAL D 351 7.74 14.93 -25.16
CA VAL D 351 8.89 14.72 -24.27
C VAL D 351 10.20 14.85 -25.05
N ASN D 352 10.28 14.21 -26.21
CA ASN D 352 11.49 14.26 -27.03
C ASN D 352 11.80 15.69 -27.43
N GLU D 353 10.82 16.34 -28.01
CA GLU D 353 10.94 17.72 -28.43
C GLU D 353 11.43 18.60 -27.29
N SER D 354 10.86 18.43 -26.09
CA SER D 354 11.26 19.29 -24.99
C SER D 354 12.69 19.02 -24.58
N ALA D 355 13.09 17.73 -24.57
CA ALA D 355 14.48 17.36 -24.30
C ALA D 355 15.42 18.05 -25.28
N GLU D 356 15.09 18.03 -26.57
CA GLU D 356 15.82 18.78 -27.58
C GLU D 356 16.06 20.20 -27.14
N ALA D 357 14.98 20.91 -26.82
CA ALA D 357 15.10 22.31 -26.45
C ALA D 357 16.03 22.49 -25.26
N ALA D 358 16.08 21.49 -24.37
CA ALA D 358 16.92 21.61 -23.18
C ALA D 358 18.38 21.25 -23.45
N LYS D 359 18.65 20.41 -24.45
CA LYS D 359 20.03 20.22 -24.88
C LYS D 359 20.65 21.54 -25.31
N LYS D 360 19.90 22.35 -26.06
CA LYS D 360 20.41 23.61 -26.58
C LYS D 360 20.81 24.58 -25.47
N THR D 361 20.10 24.59 -24.35
CA THR D 361 20.46 25.53 -23.30
C THR D 361 21.28 24.90 -22.18
N GLN D 362 21.13 23.59 -21.95
CA GLN D 362 21.88 22.93 -20.89
C GLN D 362 23.21 22.39 -21.38
N GLY D 363 23.41 22.29 -22.68
CA GLY D 363 24.68 21.79 -23.21
C GLY D 363 24.94 20.33 -22.91
N ARG D 364 23.90 19.53 -22.81
CA ARG D 364 24.04 18.11 -22.55
C ARG D 364 22.75 17.43 -22.95
N ASP D 365 22.83 16.12 -23.10
CA ASP D 365 21.65 15.33 -23.38
C ASP D 365 20.88 15.16 -22.08
N ILE D 366 19.61 15.56 -22.07
CA ILE D 366 18.80 15.42 -20.87
C ILE D 366 17.68 14.41 -21.05
N LEU D 367 17.47 13.88 -22.26
CA LEU D 367 16.39 12.93 -22.48
C LEU D 367 16.49 11.72 -21.55
N PRO D 368 17.68 11.09 -21.34
CA PRO D 368 17.77 10.00 -20.37
C PRO D 368 17.22 10.39 -19.00
N TYR D 369 17.75 11.47 -18.42
CA TYR D 369 17.23 11.98 -17.15
C TYR D 369 15.72 12.20 -17.24
N ALA D 370 15.26 12.85 -18.30
CA ALA D 370 13.83 13.14 -18.40
C ALA D 370 13.00 11.86 -18.38
N ARG D 371 13.46 10.82 -19.08
CA ARG D 371 12.72 9.57 -19.13
C ARG D 371 12.49 9.00 -17.73
N LYS D 372 13.50 9.10 -16.88
CA LYS D 372 13.40 8.56 -15.53
C LYS D 372 12.43 9.36 -14.69
N VAL D 373 12.36 10.69 -14.95
CA VAL D 373 11.39 11.55 -14.28
C VAL D 373 9.97 11.07 -14.59
N TRP D 374 9.70 10.79 -15.86
CA TRP D 374 8.38 10.30 -16.23
C TRP D 374 8.12 8.89 -15.71
N GLU D 375 9.17 8.06 -15.60
CA GLU D 375 8.98 6.73 -15.06
C GLU D 375 8.54 6.79 -13.61
N HIS D 376 9.19 7.65 -12.81
CA HIS D 376 8.78 7.82 -11.41
C HIS D 376 7.34 8.27 -11.33
N TYR D 377 6.90 9.13 -12.24
CA TYR D 377 5.49 9.53 -12.27
C TYR D 377 4.60 8.32 -12.51
N LEU D 378 4.92 7.52 -13.53
CA LEU D 378 4.06 6.38 -13.87
C LEU D 378 4.07 5.35 -12.76
N ILE D 379 5.23 5.12 -12.13
CA ILE D 379 5.29 4.29 -10.93
C ILE D 379 4.31 4.77 -9.88
N GLY D 380 4.24 6.10 -9.69
CA GLY D 380 3.34 6.64 -8.69
C GLY D 380 1.88 6.40 -9.02
N LEU D 381 1.51 6.58 -10.29
CA LEU D 381 0.13 6.34 -10.69
C LEU D 381 -0.23 4.87 -10.64
N THR D 382 0.72 4.01 -11.01
CA THR D 382 0.44 2.57 -11.04
C THR D 382 0.24 2.04 -9.64
N LYS D 383 1.10 2.44 -8.71
CA LYS D 383 0.91 2.09 -7.31
C LYS D 383 -0.48 2.48 -6.82
N GLU D 384 -1.02 3.61 -7.28
CA GLU D 384 -2.37 3.99 -6.86
C GLU D 384 -3.43 3.15 -7.56
N ALA D 385 -3.17 2.74 -8.81
CA ALA D 385 -4.09 1.83 -9.49
C ALA D 385 -4.06 0.46 -8.85
N GLU D 386 -2.85 -0.06 -8.55
CA GLU D 386 -2.74 -1.33 -7.84
C GLU D 386 -3.51 -1.31 -6.52
N TRP D 387 -3.27 -0.28 -5.71
CA TRP D 387 -3.95 -0.21 -4.41
C TRP D 387 -5.46 -0.28 -4.57
N LEU D 388 -5.99 0.45 -5.55
CA LEU D 388 -7.44 0.45 -5.76
C LEU D 388 -7.90 -0.90 -6.29
N ALA D 389 -7.10 -1.53 -7.14
CA ALA D 389 -7.46 -2.82 -7.69
C ALA D 389 -7.53 -3.86 -6.58
N ASN D 390 -6.53 -3.85 -5.68
CA ASN D 390 -6.37 -4.78 -4.58
C ASN D 390 -7.13 -4.37 -3.32
N GLY D 391 -7.89 -3.28 -3.32
CA GLY D 391 -8.60 -2.91 -2.12
C GLY D 391 -7.75 -2.49 -0.95
N TYR D 392 -6.50 -2.08 -1.20
CA TYR D 392 -5.57 -1.65 -0.16
C TYR D 392 -5.74 -0.14 0.10
N ILE D 393 -6.08 0.22 1.34
CA ILE D 393 -6.17 1.62 1.77
C ILE D 393 -4.92 1.91 2.58
N PRO D 394 -3.94 2.63 2.03
CA PRO D 394 -2.67 2.82 2.76
C PRO D 394 -2.83 3.79 3.92
N SER D 395 -1.76 3.90 4.71
CA SER D 395 -1.69 4.95 5.71
C SER D 395 -1.46 6.30 5.04
N LEU D 396 -1.94 7.36 5.69
CA LEU D 396 -1.71 8.71 5.19
C LEU D 396 -0.23 8.95 4.89
N GLU D 397 0.67 8.51 5.79
CA GLU D 397 2.10 8.69 5.55
C GLU D 397 2.54 8.00 4.27
N GLU D 398 2.03 6.79 4.03
CA GLU D 398 2.39 6.07 2.81
C GLU D 398 1.73 6.70 1.59
N TYR D 399 0.51 7.19 1.77
CA TYR D 399 -0.22 7.83 0.69
C TYR D 399 0.48 9.11 0.23
N LEU D 400 0.92 9.94 1.18
CA LEU D 400 1.57 11.19 0.81
C LEU D 400 2.96 10.96 0.24
N GLU D 401 3.68 9.93 0.73
CA GLU D 401 5.00 9.64 0.17
C GLU D 401 4.88 9.28 -1.30
N ASN D 402 3.89 8.47 -1.64
CA ASN D 402 3.67 8.14 -3.05
C ASN D 402 2.91 9.25 -3.76
N GLY D 403 2.09 10.00 -3.03
CA GLY D 403 1.29 11.06 -3.61
C GLY D 403 2.10 12.25 -4.09
N ALA D 404 3.36 12.36 -3.63
CA ALA D 404 4.23 13.41 -4.16
C ALA D 404 4.62 13.11 -5.60
N PRO D 405 5.24 11.98 -5.93
CA PRO D 405 5.45 11.68 -7.35
C PRO D 405 4.16 11.49 -8.15
N SER D 406 3.12 10.93 -7.54
CA SER D 406 1.89 10.71 -8.32
C SER D 406 1.07 11.98 -8.54
N SER D 407 1.40 13.09 -7.87
CA SER D 407 0.67 14.32 -8.11
C SER D 407 0.94 14.88 -9.51
N GLY D 408 2.08 14.56 -10.10
CA GLY D 408 2.49 15.07 -11.38
C GLY D 408 3.24 16.39 -11.35
N TYR D 409 3.46 16.97 -10.18
CA TYR D 409 4.15 18.25 -10.14
C TYR D 409 5.49 18.16 -10.86
N ARG D 410 6.28 17.14 -10.53
CA ARG D 410 7.67 17.09 -10.94
C ARG D 410 7.80 16.99 -12.45
N VAL D 411 6.95 16.19 -13.10
CA VAL D 411 7.03 16.08 -14.56
C VAL D 411 6.55 17.34 -15.28
N THR D 412 5.74 18.20 -14.63
CA THR D 412 5.43 19.47 -15.28
C THR D 412 6.52 20.51 -15.02
N MET D 413 7.43 20.23 -14.09
CA MET D 413 8.46 21.23 -13.71
C MET D 413 9.82 20.96 -14.34
N LEU D 414 10.35 19.74 -14.23
CA LEU D 414 11.74 19.43 -14.66
C LEU D 414 12.02 19.82 -16.11
N GLN D 415 11.39 19.15 -17.05
CA GLN D 415 11.71 19.42 -18.47
C GLN D 415 11.53 20.91 -18.78
N PRO D 416 10.36 21.56 -18.53
CA PRO D 416 10.25 22.97 -18.88
C PRO D 416 11.34 23.83 -18.26
N THR D 417 11.67 23.63 -16.98
CA THR D 417 12.67 24.48 -16.35
C THR D 417 14.05 24.31 -16.99
N LEU D 418 14.39 23.11 -17.47
CA LEU D 418 15.67 22.95 -18.14
C LEU D 418 15.78 23.70 -19.47
N THR D 419 14.64 24.13 -20.05
CA THR D 419 14.69 24.92 -21.29
C THR D 419 15.01 26.39 -21.04
N LEU D 420 14.90 26.84 -19.78
CA LEU D 420 15.41 28.15 -19.42
C LEU D 420 16.91 28.24 -19.71
N ASP D 421 17.44 29.46 -19.65
CA ASP D 421 18.86 29.68 -19.93
C ASP D 421 19.69 29.71 -18.66
N ALA D 422 19.21 29.14 -17.57
CA ALA D 422 20.04 28.95 -16.39
C ALA D 422 20.47 27.50 -16.38
N LEU D 423 21.79 27.27 -16.31
CA LEU D 423 22.31 25.92 -16.40
C LEU D 423 22.12 25.22 -15.07
N LEU D 424 21.68 23.96 -15.13
CA LEU D 424 21.45 23.14 -13.95
C LEU D 424 22.27 21.88 -14.13
N PRO D 425 23.57 21.92 -13.85
CA PRO D 425 24.41 20.72 -13.94
C PRO D 425 23.94 19.69 -12.94
N ASP D 426 24.44 18.47 -13.13
CA ASP D 426 23.79 17.28 -12.57
C ASP D 426 23.52 17.40 -11.08
N ASN D 427 24.48 17.90 -10.30
CA ASN D 427 24.26 17.92 -8.86
C ASN D 427 23.94 19.32 -8.34
N ILE D 428 23.81 20.30 -9.21
CA ILE D 428 22.99 21.45 -8.83
C ILE D 428 21.51 21.11 -9.02
N LEU D 429 21.21 20.32 -10.04
CA LEU D 429 19.85 19.79 -10.21
C LEU D 429 19.34 19.13 -8.93
N LEU D 430 20.20 18.36 -8.25
CA LEU D 430 19.80 17.66 -7.04
C LEU D 430 19.31 18.59 -5.94
N GLU D 431 19.86 19.81 -5.87
CA GLU D 431 19.41 20.72 -4.83
C GLU D 431 18.02 21.27 -5.11
N MET D 432 17.50 21.06 -6.31
CA MET D 432 16.21 21.62 -6.73
C MET D 432 15.20 20.55 -7.13
N ASP D 433 15.58 19.66 -8.04
CA ASP D 433 14.78 18.52 -8.40
C ASP D 433 14.74 17.53 -7.23
N TYR D 434 13.87 16.52 -7.37
CA TYR D 434 13.92 15.31 -6.58
C TYR D 434 15.38 14.85 -6.47
N PRO D 435 15.82 14.34 -5.31
CA PRO D 435 15.07 14.12 -4.06
C PRO D 435 15.09 15.28 -3.06
N SER D 436 15.20 16.53 -3.49
CA SER D 436 15.40 17.64 -2.58
C SER D 436 14.16 17.88 -1.71
N ARG D 437 14.38 18.52 -0.57
CA ARG D 437 13.26 19.02 0.22
C ARG D 437 12.41 19.98 -0.61
N PHE D 438 13.06 20.87 -1.36
CA PHE D 438 12.36 21.82 -2.22
C PHE D 438 11.32 21.10 -3.08
N ASN D 439 11.77 20.12 -3.87
CA ASN D 439 10.85 19.39 -4.74
C ASN D 439 9.79 18.64 -3.93
N GLU D 440 10.18 18.06 -2.80
CA GLU D 440 9.18 17.33 -2.02
C GLU D 440 8.08 18.26 -1.57
N LEU D 441 8.44 19.45 -1.07
CA LEU D 441 7.42 20.38 -0.59
C LEU D 441 6.60 20.95 -1.75
N LEU D 442 7.23 21.16 -2.90
CA LEU D 442 6.46 21.55 -4.08
C LEU D 442 5.40 20.52 -4.42
N CYS D 443 5.80 19.23 -4.41
CA CYS D 443 4.87 18.16 -4.74
C CYS D 443 3.74 18.07 -3.73
N LEU D 444 4.09 18.15 -2.44
CA LEU D 444 3.08 18.09 -1.39
C LEU D 444 2.07 19.23 -1.51
N SER D 445 2.53 20.43 -1.88
CA SER D 445 1.60 21.54 -2.01
C SER D 445 0.50 21.21 -3.01
N LEU D 446 0.87 20.59 -4.14
CA LEU D 446 -0.12 20.22 -5.15
C LEU D 446 -1.00 19.08 -4.67
N ARG D 447 -0.37 18.04 -4.11
CA ARG D 447 -1.11 16.91 -3.56
C ARG D 447 -2.13 17.36 -2.52
N LEU D 448 -1.69 18.17 -1.55
CA LEU D 448 -2.59 18.47 -0.43
C LEU D 448 -3.66 19.46 -0.84
N LYS D 449 -3.29 20.41 -1.71
CA LYS D 449 -4.29 21.32 -2.23
C LYS D 449 -5.32 20.56 -3.05
N GLY D 450 -4.86 19.67 -3.94
CA GLY D 450 -5.81 18.86 -4.69
C GLY D 450 -6.70 18.04 -3.78
N ASP D 451 -6.11 17.39 -2.78
CA ASP D 451 -6.87 16.49 -1.94
C ASP D 451 -7.82 17.19 -0.98
N THR D 452 -7.73 18.51 -0.85
CA THR D 452 -8.64 19.23 0.05
C THR D 452 -9.67 20.08 -0.70
N ARG D 453 -9.86 19.83 -2.00
CA ARG D 453 -10.85 20.58 -2.77
C ARG D 453 -12.27 20.25 -2.34
N THR D 454 -13.15 21.26 -2.36
CA THR D 454 -14.59 21.04 -2.29
C THR D 454 -15.01 19.89 -3.20
N PHE D 455 -14.68 20.02 -4.49
CA PHE D 455 -14.82 19.00 -5.53
C PHE D 455 -14.70 17.56 -5.03
N GLU D 463 -12.21 8.92 -4.09
CA GLU D 463 -12.27 7.48 -4.32
C GLU D 463 -11.99 6.75 -3.00
N LEU D 464 -11.46 5.52 -3.07
CA LEU D 464 -11.12 4.79 -1.86
C LEU D 464 -9.73 5.11 -1.34
N VAL D 465 -8.82 5.45 -2.23
CA VAL D 465 -7.46 5.83 -1.89
C VAL D 465 -7.36 7.34 -2.10
N SER D 466 -7.43 8.10 -1.01
CA SER D 466 -7.33 9.54 -1.08
C SER D 466 -6.76 10.05 0.24
N GLY D 467 -6.44 11.34 0.29
CA GLY D 467 -5.94 11.89 1.54
C GLY D 467 -6.99 11.87 2.63
N ILE D 468 -8.23 12.22 2.27
CA ILE D 468 -9.32 12.19 3.22
C ILE D 468 -9.55 10.77 3.71
N SER D 469 -9.47 9.80 2.79
CA SER D 469 -9.75 8.43 3.15
C SER D 469 -8.61 7.81 3.97
N CYS D 470 -7.37 8.09 3.60
CA CYS D 470 -6.26 7.57 4.39
C CYS D 470 -6.16 8.22 5.75
N TYR D 471 -6.64 9.45 5.91
CA TYR D 471 -6.69 10.03 7.26
C TYR D 471 -7.59 9.20 8.14
N ILE D 472 -8.76 8.82 7.63
CA ILE D 472 -9.75 8.10 8.41
C ILE D 472 -9.28 6.67 8.68
N LYS D 473 -8.63 6.02 7.71
CA LYS D 473 -8.00 4.73 8.01
C LYS D 473 -6.97 4.84 9.13
N ASP D 474 -6.55 6.06 9.50
CA ASP D 474 -5.57 6.27 10.53
C ASP D 474 -6.16 6.82 11.82
N HIS D 475 -7.38 7.31 11.77
CA HIS D 475 -8.05 7.90 12.93
C HIS D 475 -9.48 7.39 12.91
N PRO D 476 -9.69 6.12 13.25
CA PRO D 476 -11.02 5.52 13.14
C PRO D 476 -12.06 6.37 13.86
N GLY D 477 -13.19 6.58 13.19
CA GLY D 477 -14.30 7.29 13.76
C GLY D 477 -14.32 8.77 13.49
N SER D 478 -13.28 9.31 12.83
CA SER D 478 -13.27 10.72 12.46
C SER D 478 -14.13 10.93 11.23
N SER D 479 -14.82 12.07 11.18
CA SER D 479 -15.60 12.39 10.01
C SER D 479 -14.71 12.83 8.86
N GLU D 480 -15.30 12.92 7.67
CA GLU D 480 -14.59 13.51 6.55
C GLU D 480 -14.40 15.00 6.75
N GLU D 481 -15.30 15.64 7.51
CA GLU D 481 -15.11 17.04 7.87
C GLU D 481 -13.87 17.20 8.75
N GLU D 482 -13.63 16.23 9.63
CA GLU D 482 -12.45 16.27 10.49
C GLU D 482 -11.18 15.96 9.69
N ALA D 483 -11.27 15.07 8.70
CA ALA D 483 -10.11 14.80 7.86
C ALA D 483 -9.71 16.03 7.07
N LEU D 484 -10.70 16.69 6.48
CA LEU D 484 -10.46 17.91 5.70
C LEU D 484 -9.72 18.94 6.52
N ASP D 485 -10.19 19.20 7.74
CA ASP D 485 -9.57 20.23 8.58
C ASP D 485 -8.14 19.87 8.92
N TYR D 486 -7.87 18.60 9.19
CA TYR D 486 -6.48 18.20 9.40
C TYR D 486 -5.64 18.53 8.16
N LEU D 487 -6.03 17.99 7.00
CA LEU D 487 -5.22 18.13 5.80
C LEU D 487 -5.13 19.59 5.34
N LYS D 488 -6.12 20.41 5.62
CA LYS D 488 -5.98 21.82 5.28
C LYS D 488 -4.92 22.48 6.17
N ASP D 489 -4.85 22.10 7.45
CA ASP D 489 -3.81 22.65 8.33
C ASP D 489 -2.43 22.10 7.93
N LEU D 490 -2.37 20.84 7.53
CA LEU D 490 -1.09 20.27 7.11
C LEU D 490 -0.57 20.96 5.86
N LEU D 491 -1.47 21.35 4.95
CA LEU D 491 -1.06 22.15 3.79
C LEU D 491 -0.48 23.49 4.24
N GLN D 492 -1.13 24.13 5.20
CA GLN D 492 -0.64 25.42 5.69
C GLN D 492 0.74 25.28 6.28
N LYS D 493 1.01 24.16 6.95
CA LYS D 493 2.31 23.93 7.56
C LYS D 493 3.36 23.63 6.51
N ARG D 494 3.02 22.81 5.53
CA ARG D 494 3.93 22.52 4.43
C ARG D 494 4.22 23.76 3.60
N LEU D 495 3.22 24.64 3.42
CA LEU D 495 3.45 25.85 2.64
C LEU D 495 4.47 26.75 3.30
N LYS D 496 4.46 26.82 4.64
CA LYS D 496 5.49 27.60 5.35
C LYS D 496 6.86 26.98 5.19
N GLU D 497 6.97 25.65 5.30
CA GLU D 497 8.25 25.01 5.02
C GLU D 497 8.68 25.26 3.60
N LEU D 498 7.74 25.19 2.65
CA LEU D 498 8.09 25.42 1.26
C LEU D 498 8.67 26.81 1.09
N ASP D 499 8.06 27.82 1.71
CA ASP D 499 8.53 29.19 1.55
C ASP D 499 9.91 29.37 2.16
N GLN D 500 10.12 28.77 3.34
CA GLN D 500 11.44 28.85 3.98
C GLN D 500 12.51 28.21 3.12
N GLU D 501 12.24 27.00 2.63
CA GLU D 501 13.17 26.31 1.74
C GLU D 501 13.34 27.06 0.41
N TYR D 502 12.25 27.54 -0.18
CA TYR D 502 12.32 28.29 -1.44
C TYR D 502 13.26 29.48 -1.32
N LEU D 503 13.21 30.21 -0.22
CA LEU D 503 14.00 31.41 -0.02
C LEU D 503 15.33 31.15 0.69
N LYS D 504 15.61 29.92 1.06
CA LYS D 504 16.90 29.57 1.66
C LYS D 504 17.99 29.63 0.60
N PRO D 505 19.09 30.34 0.84
CA PRO D 505 20.14 30.47 -0.17
C PRO D 505 20.81 29.15 -0.47
N ASN D 506 21.15 28.93 -1.73
CA ASN D 506 21.92 27.76 -2.14
C ASN D 506 22.56 28.03 -3.50
N ASN D 507 23.04 26.97 -4.14
CA ASN D 507 23.73 27.04 -5.41
C ASN D 507 22.80 27.01 -6.62
N VAL D 508 21.49 26.93 -6.42
CA VAL D 508 20.56 26.77 -7.55
C VAL D 508 20.20 28.15 -8.05
N PRO D 509 20.24 28.38 -9.36
CA PRO D 509 19.91 29.72 -9.90
C PRO D 509 18.52 30.16 -9.49
N ALA D 510 18.43 31.40 -8.99
CA ALA D 510 17.15 32.02 -8.65
C ALA D 510 16.06 31.75 -9.69
N ILE D 511 16.35 32.03 -10.96
CA ILE D 511 15.30 31.95 -11.97
C ILE D 511 14.73 30.53 -12.09
N SER D 512 15.57 29.50 -11.89
CA SER D 512 15.07 28.13 -11.95
C SER D 512 14.14 27.84 -10.78
N LYS D 513 14.53 28.24 -9.58
CA LYS D 513 13.69 28.08 -8.40
C LYS D 513 12.39 28.85 -8.54
N ASP D 514 12.45 30.07 -9.09
CA ASP D 514 11.28 30.94 -9.17
C ASP D 514 10.20 30.35 -10.05
N HIS D 515 10.58 29.80 -11.21
CA HIS D 515 9.64 29.09 -12.08
C HIS D 515 9.06 27.85 -11.38
N ALA D 516 9.93 27.04 -10.76
CA ALA D 516 9.45 25.87 -10.03
C ALA D 516 8.45 26.28 -8.95
N TYR D 517 8.79 27.30 -8.16
CA TYR D 517 7.87 27.79 -7.15
C TYR D 517 6.58 28.26 -7.79
N ASN D 518 6.67 29.03 -8.86
CA ASN D 518 5.47 29.59 -9.44
C ASN D 518 4.62 28.54 -10.15
N ILE D 519 5.19 27.40 -10.51
CA ILE D 519 4.33 26.31 -10.96
C ILE D 519 3.39 25.91 -9.84
N ALA D 520 3.95 25.68 -8.65
CA ALA D 520 3.15 25.23 -7.52
C ALA D 520 2.08 26.25 -7.16
N ARG D 521 2.45 27.53 -7.19
CA ARG D 521 1.45 28.59 -7.00
C ARG D 521 0.41 28.61 -8.12
N SER D 522 0.82 28.28 -9.34
CA SER D 522 -0.16 28.31 -10.42
C SER D 522 -1.21 27.20 -10.24
N TYR D 523 -0.83 26.08 -9.65
CA TYR D 523 -1.81 25.04 -9.30
C TYR D 523 -2.67 25.47 -8.12
N GLN D 524 -2.08 26.13 -7.12
CA GLN D 524 -2.88 26.71 -6.06
C GLN D 524 -3.93 27.65 -6.64
N LEU D 525 -3.50 28.53 -7.56
CA LEU D 525 -4.45 29.48 -8.13
C LEU D 525 -5.48 28.77 -8.97
N LEU D 526 -5.04 27.81 -9.77
CA LEU D 526 -5.96 27.05 -10.61
C LEU D 526 -7.11 26.48 -9.79
N TYR D 527 -6.80 25.80 -8.69
CA TYR D 527 -7.82 25.16 -7.88
C TYR D 527 -8.77 26.17 -7.26
N LYS D 528 -8.24 27.27 -6.74
CA LYS D 528 -9.11 28.34 -6.24
C LYS D 528 -10.06 28.84 -7.32
N GLU D 529 -9.55 29.01 -8.55
CA GLU D 529 -10.38 29.59 -9.61
C GLU D 529 -11.41 28.59 -10.12
N ARG D 530 -11.05 27.29 -10.18
CA ARG D 530 -12.01 26.24 -10.53
C ARG D 530 -13.13 26.10 -9.51
N ASP D 531 -12.92 26.50 -8.25
CA ASP D 531 -13.87 26.24 -7.18
C ASP D 531 -14.84 27.41 -7.11
N GLY D 532 -15.88 27.36 -7.92
CA GLY D 532 -16.91 28.37 -7.88
C GLY D 532 -17.99 28.06 -6.85
N PHE D 533 -18.85 29.07 -6.64
CA PHE D 533 -19.97 28.95 -5.70
C PHE D 533 -20.92 27.82 -6.10
N THR D 534 -21.15 27.62 -7.40
CA THR D 534 -22.07 26.58 -7.87
C THR D 534 -21.40 25.45 -8.63
N ASN D 535 -20.09 25.53 -8.88
CA ASN D 535 -19.41 24.49 -9.65
C ASN D 535 -17.97 24.44 -9.14
N SER D 536 -17.61 23.31 -8.53
CA SER D 536 -16.29 23.11 -7.94
C SER D 536 -15.23 22.74 -8.97
N ASN D 537 -15.56 22.71 -10.26
CA ASN D 537 -14.64 22.30 -11.32
C ASN D 537 -14.86 23.16 -12.56
N LYS D 538 -14.85 24.47 -12.35
CA LYS D 538 -15.14 25.41 -13.46
C LYS D 538 -13.92 25.59 -14.36
N ASP D 539 -14.15 26.10 -15.55
CA ASP D 539 -13.04 26.40 -16.48
C ASP D 539 -12.51 27.78 -16.06
N ILE D 540 -11.21 28.03 -16.20
CA ILE D 540 -10.64 29.32 -15.71
C ILE D 540 -10.64 30.33 -16.86
N LYS D 541 -11.80 30.55 -17.48
CA LYS D 541 -11.91 31.44 -18.66
C LYS D 541 -11.48 32.86 -18.29
N ASP D 542 -11.88 33.32 -17.11
CA ASP D 542 -11.54 34.69 -16.67
C ASP D 542 -10.02 34.85 -16.67
N LEU D 543 -9.31 33.92 -16.05
CA LEU D 543 -7.85 34.00 -16.02
C LEU D 543 -7.27 33.99 -17.43
N VAL D 544 -7.80 33.11 -18.30
CA VAL D 544 -7.33 33.01 -19.68
C VAL D 544 -7.59 34.32 -20.43
N THR D 545 -8.79 34.86 -20.30
CA THR D 545 -9.12 36.15 -20.91
C THR D 545 -8.18 37.25 -20.43
N GLN D 546 -8.02 37.34 -19.11
CA GLN D 546 -7.19 38.36 -18.48
C GLN D 546 -5.77 38.32 -19.02
N ILE D 547 -5.15 37.13 -19.04
CA ILE D 547 -3.72 36.99 -19.32
C ILE D 547 -3.44 36.97 -20.82
N LEU D 548 -4.29 36.31 -21.60
CA LEU D 548 -3.99 36.05 -23.01
C LEU D 548 -4.82 36.86 -24.00
N LEU D 549 -6.06 37.19 -23.69
CA LEU D 549 -6.98 37.58 -24.75
C LEU D 549 -7.30 39.06 -24.78
N GLU D 550 -7.19 39.73 -23.66
CA GLU D 550 -7.77 41.07 -23.53
C GLU D 550 -6.73 42.07 -23.11
N PRO D 551 -6.41 43.05 -23.93
CA PRO D 551 -5.40 44.04 -23.57
C PRO D 551 -5.95 45.01 -22.55
N ILE D 552 -5.05 45.70 -21.86
CA ILE D 552 -5.53 46.67 -20.89
C ILE D 552 -5.53 48.03 -21.58
N PRO D 553 -6.61 48.80 -21.46
CA PRO D 553 -6.66 50.11 -22.09
C PRO D 553 -5.61 51.04 -21.53
N LEU D 554 -4.95 51.76 -22.42
CA LEU D 554 -3.86 52.65 -22.03
C LEU D 554 -4.37 54.02 -21.60
#